data_1HHL
# 
_entry.id   1HHL 
# 
_audit_conform.dict_name       mmcif_pdbx.dic 
_audit_conform.dict_version    5.398 
_audit_conform.dict_location   http://mmcif.pdb.org/dictionaries/ascii/mmcif_pdbx.dic 
# 
loop_
_database_2.database_id 
_database_2.database_code 
_database_2.pdbx_database_accession 
_database_2.pdbx_DOI 
PDB   1HHL         pdb_00001hhl 10.2210/pdb1hhl/pdb 
WWPDB D_1000173856 ?            ?                   
# 
loop_
_pdbx_audit_revision_history.ordinal 
_pdbx_audit_revision_history.data_content_type 
_pdbx_audit_revision_history.major_revision 
_pdbx_audit_revision_history.minor_revision 
_pdbx_audit_revision_history.revision_date 
1 'Structure model' 1 0 1993-10-31 
2 'Structure model' 1 1 2008-03-24 
3 'Structure model' 1 2 2011-07-13 
4 'Structure model' 1 3 2024-06-05 
5 'Structure model' 1 4 2024-10-30 
# 
_pdbx_audit_revision_details.ordinal             1 
_pdbx_audit_revision_details.revision_ordinal    1 
_pdbx_audit_revision_details.data_content_type   'Structure model' 
_pdbx_audit_revision_details.provider            repository 
_pdbx_audit_revision_details.type                'Initial release' 
_pdbx_audit_revision_details.description         ? 
_pdbx_audit_revision_details.details             ? 
# 
loop_
_pdbx_audit_revision_group.ordinal 
_pdbx_audit_revision_group.revision_ordinal 
_pdbx_audit_revision_group.data_content_type 
_pdbx_audit_revision_group.group 
1 2 'Structure model' 'Version format compliance' 
2 3 'Structure model' 'Version format compliance' 
3 4 'Structure model' 'Data collection'           
4 4 'Structure model' 'Database references'       
5 4 'Structure model' Other                       
6 5 'Structure model' 'Structure summary'         
# 
loop_
_pdbx_audit_revision_category.ordinal 
_pdbx_audit_revision_category.revision_ordinal 
_pdbx_audit_revision_category.data_content_type 
_pdbx_audit_revision_category.category 
1 4 'Structure model' chem_comp_atom            
2 4 'Structure model' chem_comp_bond            
3 4 'Structure model' database_2                
4 4 'Structure model' pdbx_database_status      
5 5 'Structure model' pdbx_entry_details        
6 5 'Structure model' pdbx_modification_feature 
# 
loop_
_pdbx_audit_revision_item.ordinal 
_pdbx_audit_revision_item.revision_ordinal 
_pdbx_audit_revision_item.data_content_type 
_pdbx_audit_revision_item.item 
1 4 'Structure model' '_database_2.pdbx_DOI'                         
2 4 'Structure model' '_database_2.pdbx_database_accession'          
3 4 'Structure model' '_pdbx_database_status.process_site'           
4 5 'Structure model' '_pdbx_entry_details.has_protein_modification' 
# 
_pdbx_database_status.status_code                     REL 
_pdbx_database_status.entry_id                        1HHL 
_pdbx_database_status.recvd_initial_deposition_date   1993-05-04 
_pdbx_database_status.deposit_site                    ? 
_pdbx_database_status.process_site                    BNL 
_pdbx_database_status.SG_entry                        . 
_pdbx_database_status.pdb_format_compatible           Y 
_pdbx_database_status.status_code_mr                  ? 
_pdbx_database_status.status_code_sf                  ? 
_pdbx_database_status.status_code_cs                  ? 
_pdbx_database_status.status_code_nmr_data            ? 
_pdbx_database_status.methods_development_category    ? 
# 
loop_
_audit_author.name 
_audit_author.pdbx_ordinal 
'Alzari, P.M.' 1 
'Lescar, J.'   2 
# 
loop_
_citation.id 
_citation.title 
_citation.journal_abbrev 
_citation.journal_volume 
_citation.page_first 
_citation.page_last 
_citation.year 
_citation.journal_id_ASTM 
_citation.country 
_citation.journal_id_ISSN 
_citation.journal_id_CSD 
_citation.book_publisher 
_citation.pdbx_database_id_PubMed 
_citation.pdbx_database_id_DOI 
primary 'Crystal structures of pheasant and guinea fowl egg-white lysozymes'                    'Protein Sci.'    3 788 798 1994 
PRCIEI US 0961-8368 0795 ? 8061608 ? 
1       'Three-Dimensional Structure of a Heteroclitic Antigen-Antibody Cross-Reaction Complex' 'To be Published' ? ?   ?   ?    ? 
?  ?         0353 ? ?       ? 
# 
loop_
_citation_author.citation_id 
_citation_author.name 
_citation_author.ordinal 
_citation_author.identifier_ORCID 
primary 'Lescar, J.'    1  ? 
primary 'Souchon, H.'   2  ? 
primary 'Alzari, P.M.'  3  ? 
1       'Chitarra, V.'  4  ? 
1       'Alzari, P.M.'  5  ? 
1       'Bentley, G.A.' 6  ? 
1       'Bhat, T.N.'    7  ? 
1       'Eisele, J.-L.' 8  ? 
1       'Houdusse, A.'  9  ? 
1       'Lescar, J.'    10 ? 
1       'Souchon, H.'   11 ? 
1       'Poljak, R.J.'  12 ? 
# 
loop_
_entity.id 
_entity.type 
_entity.src_method 
_entity.pdbx_description 
_entity.formula_weight 
_entity.pdbx_number_of_molecules 
_entity.pdbx_ec 
_entity.pdbx_mutation 
_entity.pdbx_fragment 
_entity.details 
1 polymer man 'GUINEA FOWL LYSOZYME' 14330.170 1  3.2.1.17 ? ? ? 
2 water   nat water                  18.015    87 ?        ? ? ? 
# 
_entity_poly.entity_id                      1 
_entity_poly.type                           'polypeptide(L)' 
_entity_poly.nstd_linkage                   no 
_entity_poly.nstd_monomer                   no 
_entity_poly.pdbx_seq_one_letter_code       
;KVFGRCELAAAMKRHGLDNYRGYSLGNWVCAAKFESNFNSQATNRNTDGSTDYGVLQINSRWWCNDGRTPGSRNLCNIPC
SALQSSDITATANCAKKIVSDGDGMNAWVAWRKHCKGTDVRVWIKGCRL
;
_entity_poly.pdbx_seq_one_letter_code_can   
;KVFGRCELAAAMKRHGLDNYRGYSLGNWVCAAKFESNFNSQATNRNTDGSTDYGVLQINSRWWCNDGRTPGSRNLCNIPC
SALQSSDITATANCAKKIVSDGDGMNAWVAWRKHCKGTDVRVWIKGCRL
;
_entity_poly.pdbx_strand_id                 A 
_entity_poly.pdbx_target_identifier         ? 
# 
_pdbx_entity_nonpoly.entity_id   2 
_pdbx_entity_nonpoly.name        water 
_pdbx_entity_nonpoly.comp_id     HOH 
# 
loop_
_entity_poly_seq.entity_id 
_entity_poly_seq.num 
_entity_poly_seq.mon_id 
_entity_poly_seq.hetero 
1 1   LYS n 
1 2   VAL n 
1 3   PHE n 
1 4   GLY n 
1 5   ARG n 
1 6   CYS n 
1 7   GLU n 
1 8   LEU n 
1 9   ALA n 
1 10  ALA n 
1 11  ALA n 
1 12  MET n 
1 13  LYS n 
1 14  ARG n 
1 15  HIS n 
1 16  GLY n 
1 17  LEU n 
1 18  ASP n 
1 19  ASN n 
1 20  TYR n 
1 21  ARG n 
1 22  GLY n 
1 23  TYR n 
1 24  SER n 
1 25  LEU n 
1 26  GLY n 
1 27  ASN n 
1 28  TRP n 
1 29  VAL n 
1 30  CYS n 
1 31  ALA n 
1 32  ALA n 
1 33  LYS n 
1 34  PHE n 
1 35  GLU n 
1 36  SER n 
1 37  ASN n 
1 38  PHE n 
1 39  ASN n 
1 40  SER n 
1 41  GLN n 
1 42  ALA n 
1 43  THR n 
1 44  ASN n 
1 45  ARG n 
1 46  ASN n 
1 47  THR n 
1 48  ASP n 
1 49  GLY n 
1 50  SER n 
1 51  THR n 
1 52  ASP n 
1 53  TYR n 
1 54  GLY n 
1 55  VAL n 
1 56  LEU n 
1 57  GLN n 
1 58  ILE n 
1 59  ASN n 
1 60  SER n 
1 61  ARG n 
1 62  TRP n 
1 63  TRP n 
1 64  CYS n 
1 65  ASN n 
1 66  ASP n 
1 67  GLY n 
1 68  ARG n 
1 69  THR n 
1 70  PRO n 
1 71  GLY n 
1 72  SER n 
1 73  ARG n 
1 74  ASN n 
1 75  LEU n 
1 76  CYS n 
1 77  ASN n 
1 78  ILE n 
1 79  PRO n 
1 80  CYS n 
1 81  SER n 
1 82  ALA n 
1 83  LEU n 
1 84  GLN n 
1 85  SER n 
1 86  SER n 
1 87  ASP n 
1 88  ILE n 
1 89  THR n 
1 90  ALA n 
1 91  THR n 
1 92  ALA n 
1 93  ASN n 
1 94  CYS n 
1 95  ALA n 
1 96  LYS n 
1 97  LYS n 
1 98  ILE n 
1 99  VAL n 
1 100 SER n 
1 101 ASP n 
1 102 GLY n 
1 103 ASP n 
1 104 GLY n 
1 105 MET n 
1 106 ASN n 
1 107 ALA n 
1 108 TRP n 
1 109 VAL n 
1 110 ALA n 
1 111 TRP n 
1 112 ARG n 
1 113 LYS n 
1 114 HIS n 
1 115 CYS n 
1 116 LYS n 
1 117 GLY n 
1 118 THR n 
1 119 ASP n 
1 120 VAL n 
1 121 ARG n 
1 122 VAL n 
1 123 TRP n 
1 124 ILE n 
1 125 LYS n 
1 126 GLY n 
1 127 CYS n 
1 128 ARG n 
1 129 LEU n 
# 
_entity_src_gen.entity_id                          1 
_entity_src_gen.pdbx_src_id                        1 
_entity_src_gen.pdbx_alt_source_flag               sample 
_entity_src_gen.pdbx_seq_type                      ? 
_entity_src_gen.pdbx_beg_seq_num                   ? 
_entity_src_gen.pdbx_end_seq_num                   ? 
_entity_src_gen.gene_src_common_name               'helmeted guineafowl' 
_entity_src_gen.gene_src_genus                     Numida 
_entity_src_gen.pdbx_gene_src_gene                 ? 
_entity_src_gen.gene_src_species                   ? 
_entity_src_gen.gene_src_strain                    ? 
_entity_src_gen.gene_src_tissue                    ? 
_entity_src_gen.gene_src_tissue_fraction           ? 
_entity_src_gen.gene_src_details                   ? 
_entity_src_gen.pdbx_gene_src_fragment             ? 
_entity_src_gen.pdbx_gene_src_scientific_name      'Numida meleagris' 
_entity_src_gen.pdbx_gene_src_ncbi_taxonomy_id     8996 
_entity_src_gen.pdbx_gene_src_variant              ? 
_entity_src_gen.pdbx_gene_src_cell_line            ? 
_entity_src_gen.pdbx_gene_src_atcc                 ? 
_entity_src_gen.pdbx_gene_src_organ                ? 
_entity_src_gen.pdbx_gene_src_organelle            ? 
_entity_src_gen.pdbx_gene_src_cell                 ? 
_entity_src_gen.pdbx_gene_src_cellular_location    ? 
_entity_src_gen.host_org_common_name               ? 
_entity_src_gen.pdbx_host_org_scientific_name      ? 
_entity_src_gen.pdbx_host_org_ncbi_taxonomy_id     ? 
_entity_src_gen.host_org_genus                     ? 
_entity_src_gen.pdbx_host_org_gene                 ? 
_entity_src_gen.pdbx_host_org_organ                ? 
_entity_src_gen.host_org_species                   ? 
_entity_src_gen.pdbx_host_org_tissue               ? 
_entity_src_gen.pdbx_host_org_tissue_fraction      ? 
_entity_src_gen.pdbx_host_org_strain               ? 
_entity_src_gen.pdbx_host_org_variant              ? 
_entity_src_gen.pdbx_host_org_cell_line            ? 
_entity_src_gen.pdbx_host_org_atcc                 ? 
_entity_src_gen.pdbx_host_org_culture_collection   ? 
_entity_src_gen.pdbx_host_org_cell                 ? 
_entity_src_gen.pdbx_host_org_organelle            ? 
_entity_src_gen.pdbx_host_org_cellular_location    ? 
_entity_src_gen.pdbx_host_org_vector_type          ? 
_entity_src_gen.pdbx_host_org_vector               ? 
_entity_src_gen.host_org_details                   ? 
_entity_src_gen.expression_system_id               ? 
_entity_src_gen.plasmid_name                       ? 
_entity_src_gen.plasmid_details                    ? 
_entity_src_gen.pdbx_description                   ? 
# 
loop_
_chem_comp.id 
_chem_comp.type 
_chem_comp.mon_nstd_flag 
_chem_comp.name 
_chem_comp.pdbx_synonyms 
_chem_comp.formula 
_chem_comp.formula_weight 
ALA 'L-peptide linking' y ALANINE         ? 'C3 H7 N O2'     89.093  
ARG 'L-peptide linking' y ARGININE        ? 'C6 H15 N4 O2 1' 175.209 
ASN 'L-peptide linking' y ASPARAGINE      ? 'C4 H8 N2 O3'    132.118 
ASP 'L-peptide linking' y 'ASPARTIC ACID' ? 'C4 H7 N O4'     133.103 
CYS 'L-peptide linking' y CYSTEINE        ? 'C3 H7 N O2 S'   121.158 
GLN 'L-peptide linking' y GLUTAMINE       ? 'C5 H10 N2 O3'   146.144 
GLU 'L-peptide linking' y 'GLUTAMIC ACID' ? 'C5 H9 N O4'     147.129 
GLY 'peptide linking'   y GLYCINE         ? 'C2 H5 N O2'     75.067  
HIS 'L-peptide linking' y HISTIDINE       ? 'C6 H10 N3 O2 1' 156.162 
HOH non-polymer         . WATER           ? 'H2 O'           18.015  
ILE 'L-peptide linking' y ISOLEUCINE      ? 'C6 H13 N O2'    131.173 
LEU 'L-peptide linking' y LEUCINE         ? 'C6 H13 N O2'    131.173 
LYS 'L-peptide linking' y LYSINE          ? 'C6 H15 N2 O2 1' 147.195 
MET 'L-peptide linking' y METHIONINE      ? 'C5 H11 N O2 S'  149.211 
PHE 'L-peptide linking' y PHENYLALANINE   ? 'C9 H11 N O2'    165.189 
PRO 'L-peptide linking' y PROLINE         ? 'C5 H9 N O2'     115.130 
SER 'L-peptide linking' y SERINE          ? 'C3 H7 N O3'     105.093 
THR 'L-peptide linking' y THREONINE       ? 'C4 H9 N O3'     119.119 
TRP 'L-peptide linking' y TRYPTOPHAN      ? 'C11 H12 N2 O2'  204.225 
TYR 'L-peptide linking' y TYROSINE        ? 'C9 H11 N O3'    181.189 
VAL 'L-peptide linking' y VALINE          ? 'C5 H11 N O2'    117.146 
# 
loop_
_pdbx_poly_seq_scheme.asym_id 
_pdbx_poly_seq_scheme.entity_id 
_pdbx_poly_seq_scheme.seq_id 
_pdbx_poly_seq_scheme.mon_id 
_pdbx_poly_seq_scheme.ndb_seq_num 
_pdbx_poly_seq_scheme.pdb_seq_num 
_pdbx_poly_seq_scheme.auth_seq_num 
_pdbx_poly_seq_scheme.pdb_mon_id 
_pdbx_poly_seq_scheme.auth_mon_id 
_pdbx_poly_seq_scheme.pdb_strand_id 
_pdbx_poly_seq_scheme.pdb_ins_code 
_pdbx_poly_seq_scheme.hetero 
A 1 1   LYS 1   1   1   LYS LYS A . n 
A 1 2   VAL 2   2   2   VAL VAL A . n 
A 1 3   PHE 3   3   3   PHE PHE A . n 
A 1 4   GLY 4   4   4   GLY GLY A . n 
A 1 5   ARG 5   5   5   ARG ARG A . n 
A 1 6   CYS 6   6   6   CYS CYS A . n 
A 1 7   GLU 7   7   7   GLU GLU A . n 
A 1 8   LEU 8   8   8   LEU LEU A . n 
A 1 9   ALA 9   9   9   ALA ALA A . n 
A 1 10  ALA 10  10  10  ALA ALA A . n 
A 1 11  ALA 11  11  11  ALA ALA A . n 
A 1 12  MET 12  12  12  MET MET A . n 
A 1 13  LYS 13  13  13  LYS LYS A . n 
A 1 14  ARG 14  14  14  ARG ARG A . n 
A 1 15  HIS 15  15  15  HIS HIS A . n 
A 1 16  GLY 16  16  16  GLY GLY A . n 
A 1 17  LEU 17  17  17  LEU LEU A . n 
A 1 18  ASP 18  18  18  ASP ASP A . n 
A 1 19  ASN 19  19  19  ASN ASN A . n 
A 1 20  TYR 20  20  20  TYR TYR A . n 
A 1 21  ARG 21  21  21  ARG ARG A . n 
A 1 22  GLY 22  22  22  GLY GLY A . n 
A 1 23  TYR 23  23  23  TYR TYR A . n 
A 1 24  SER 24  24  24  SER SER A . n 
A 1 25  LEU 25  25  25  LEU LEU A . n 
A 1 26  GLY 26  26  26  GLY GLY A . n 
A 1 27  ASN 27  27  27  ASN ASN A . n 
A 1 28  TRP 28  28  28  TRP TRP A . n 
A 1 29  VAL 29  29  29  VAL VAL A . n 
A 1 30  CYS 30  30  30  CYS CYS A . n 
A 1 31  ALA 31  31  31  ALA ALA A . n 
A 1 32  ALA 32  32  32  ALA ALA A . n 
A 1 33  LYS 33  33  33  LYS LYS A . n 
A 1 34  PHE 34  34  34  PHE PHE A . n 
A 1 35  GLU 35  35  35  GLU GLU A . n 
A 1 36  SER 36  36  36  SER SER A . n 
A 1 37  ASN 37  37  37  ASN ASN A . n 
A 1 38  PHE 38  38  38  PHE PHE A . n 
A 1 39  ASN 39  39  39  ASN ASN A . n 
A 1 40  SER 40  40  40  SER SER A . n 
A 1 41  GLN 41  41  41  GLN GLN A . n 
A 1 42  ALA 42  42  42  ALA ALA A . n 
A 1 43  THR 43  43  43  THR THR A . n 
A 1 44  ASN 44  44  44  ASN ASN A . n 
A 1 45  ARG 45  45  45  ARG ARG A . n 
A 1 46  ASN 46  46  46  ASN ASN A . n 
A 1 47  THR 47  47  47  THR THR A . n 
A 1 48  ASP 48  48  48  ASP ASP A . n 
A 1 49  GLY 49  49  49  GLY GLY A . n 
A 1 50  SER 50  50  50  SER SER A . n 
A 1 51  THR 51  51  51  THR THR A . n 
A 1 52  ASP 52  52  52  ASP ASP A . n 
A 1 53  TYR 53  53  53  TYR TYR A . n 
A 1 54  GLY 54  54  54  GLY GLY A . n 
A 1 55  VAL 55  55  55  VAL VAL A . n 
A 1 56  LEU 56  56  56  LEU LEU A . n 
A 1 57  GLN 57  57  57  GLN GLN A . n 
A 1 58  ILE 58  58  58  ILE ILE A . n 
A 1 59  ASN 59  59  59  ASN ASN A . n 
A 1 60  SER 60  60  60  SER SER A . n 
A 1 61  ARG 61  61  61  ARG ARG A . n 
A 1 62  TRP 62  62  62  TRP TRP A . n 
A 1 63  TRP 63  63  63  TRP TRP A . n 
A 1 64  CYS 64  64  64  CYS CYS A . n 
A 1 65  ASN 65  65  65  ASN ASN A . n 
A 1 66  ASP 66  66  66  ASP ASP A . n 
A 1 67  GLY 67  67  67  GLY GLY A . n 
A 1 68  ARG 68  68  68  ARG ARG A . n 
A 1 69  THR 69  69  69  THR THR A . n 
A 1 70  PRO 70  70  70  PRO PRO A . n 
A 1 71  GLY 71  71  71  GLY GLY A . n 
A 1 72  SER 72  72  72  SER SER A . n 
A 1 73  ARG 73  73  73  ARG ARG A . n 
A 1 74  ASN 74  74  74  ASN ASN A . n 
A 1 75  LEU 75  75  75  LEU LEU A . n 
A 1 76  CYS 76  76  76  CYS CYS A . n 
A 1 77  ASN 77  77  77  ASN ASN A . n 
A 1 78  ILE 78  78  78  ILE ILE A . n 
A 1 79  PRO 79  79  79  PRO PRO A . n 
A 1 80  CYS 80  80  80  CYS CYS A . n 
A 1 81  SER 81  81  81  SER SER A . n 
A 1 82  ALA 82  82  82  ALA ALA A . n 
A 1 83  LEU 83  83  83  LEU LEU A . n 
A 1 84  GLN 84  84  84  GLN GLN A . n 
A 1 85  SER 85  85  85  SER SER A . n 
A 1 86  SER 86  86  86  SER SER A . n 
A 1 87  ASP 87  87  87  ASP ASP A . n 
A 1 88  ILE 88  88  88  ILE ILE A . n 
A 1 89  THR 89  89  89  THR THR A . n 
A 1 90  ALA 90  90  90  ALA ALA A . n 
A 1 91  THR 91  91  91  THR THR A . n 
A 1 92  ALA 92  92  92  ALA ALA A . n 
A 1 93  ASN 93  93  93  ASN ASN A . n 
A 1 94  CYS 94  94  94  CYS CYS A . n 
A 1 95  ALA 95  95  95  ALA ALA A . n 
A 1 96  LYS 96  96  96  LYS LYS A . n 
A 1 97  LYS 97  97  97  LYS LYS A . n 
A 1 98  ILE 98  98  98  ILE ILE A . n 
A 1 99  VAL 99  99  99  VAL VAL A . n 
A 1 100 SER 100 100 100 SER SER A . n 
A 1 101 ASP 101 101 101 ASP ASP A . n 
A 1 102 GLY 102 102 102 GLY GLY A . n 
A 1 103 ASP 103 103 103 ASP ASP A . n 
A 1 104 GLY 104 104 104 GLY GLY A . n 
A 1 105 MET 105 105 105 MET MET A . n 
A 1 106 ASN 106 106 106 ASN ASN A . n 
A 1 107 ALA 107 107 107 ALA ALA A . n 
A 1 108 TRP 108 108 108 TRP TRP A . n 
A 1 109 VAL 109 109 109 VAL VAL A . n 
A 1 110 ALA 110 110 110 ALA ALA A . n 
A 1 111 TRP 111 111 111 TRP TRP A . n 
A 1 112 ARG 112 112 112 ARG ARG A . n 
A 1 113 LYS 113 113 113 LYS LYS A . n 
A 1 114 HIS 114 114 114 HIS HIS A . n 
A 1 115 CYS 115 115 115 CYS CYS A . n 
A 1 116 LYS 116 116 116 LYS LYS A . n 
A 1 117 GLY 117 117 117 GLY GLY A . n 
A 1 118 THR 118 118 118 THR THR A . n 
A 1 119 ASP 119 119 119 ASP ASP A . n 
A 1 120 VAL 120 120 120 VAL VAL A . n 
A 1 121 ARG 121 121 121 ARG ARG A . n 
A 1 122 VAL 122 122 122 VAL VAL A . n 
A 1 123 TRP 123 123 123 TRP TRP A . n 
A 1 124 ILE 124 124 124 ILE ILE A . n 
A 1 125 LYS 125 125 125 LYS LYS A . n 
A 1 126 GLY 126 126 126 GLY GLY A . n 
A 1 127 CYS 127 127 127 CYS CYS A . n 
A 1 128 ARG 128 128 128 ARG ARG A . n 
A 1 129 LEU 129 129 129 LEU LEU A . n 
# 
loop_
_pdbx_nonpoly_scheme.asym_id 
_pdbx_nonpoly_scheme.entity_id 
_pdbx_nonpoly_scheme.mon_id 
_pdbx_nonpoly_scheme.ndb_seq_num 
_pdbx_nonpoly_scheme.pdb_seq_num 
_pdbx_nonpoly_scheme.auth_seq_num 
_pdbx_nonpoly_scheme.pdb_mon_id 
_pdbx_nonpoly_scheme.auth_mon_id 
_pdbx_nonpoly_scheme.pdb_strand_id 
_pdbx_nonpoly_scheme.pdb_ins_code 
B 2 HOH 1  130 1   HOH HOH A . 
B 2 HOH 2  131 2   HOH HOH A . 
B 2 HOH 3  132 3   HOH HOH A . 
B 2 HOH 4  133 4   HOH HOH A . 
B 2 HOH 5  134 5   HOH HOH A . 
B 2 HOH 6  135 6   HOH HOH A . 
B 2 HOH 7  136 7   HOH HOH A . 
B 2 HOH 8  137 8   HOH HOH A . 
B 2 HOH 9  138 9   HOH HOH A . 
B 2 HOH 10 139 10  HOH HOH A . 
B 2 HOH 11 140 11  HOH HOH A . 
B 2 HOH 12 141 12  HOH HOH A . 
B 2 HOH 13 142 13  HOH HOH A . 
B 2 HOH 14 143 14  HOH HOH A . 
B 2 HOH 15 144 15  HOH HOH A . 
B 2 HOH 16 145 16  HOH HOH A . 
B 2 HOH 17 146 17  HOH HOH A . 
B 2 HOH 18 147 18  HOH HOH A . 
B 2 HOH 19 148 19  HOH HOH A . 
B 2 HOH 20 149 20  HOH HOH A . 
B 2 HOH 21 150 21  HOH HOH A . 
B 2 HOH 22 151 22  HOH HOH A . 
B 2 HOH 23 152 23  HOH HOH A . 
B 2 HOH 24 153 24  HOH HOH A . 
B 2 HOH 25 154 25  HOH HOH A . 
B 2 HOH 26 155 26  HOH HOH A . 
B 2 HOH 27 156 27  HOH HOH A . 
B 2 HOH 28 157 28  HOH HOH A . 
B 2 HOH 29 158 29  HOH HOH A . 
B 2 HOH 30 159 30  HOH HOH A . 
B 2 HOH 31 160 31  HOH HOH A . 
B 2 HOH 32 161 32  HOH HOH A . 
B 2 HOH 33 162 33  HOH HOH A . 
B 2 HOH 34 163 34  HOH HOH A . 
B 2 HOH 35 164 35  HOH HOH A . 
B 2 HOH 36 165 36  HOH HOH A . 
B 2 HOH 37 166 37  HOH HOH A . 
B 2 HOH 38 167 38  HOH HOH A . 
B 2 HOH 39 168 39  HOH HOH A . 
B 2 HOH 40 169 40  HOH HOH A . 
B 2 HOH 41 170 41  HOH HOH A . 
B 2 HOH 42 171 42  HOH HOH A . 
B 2 HOH 43 172 43  HOH HOH A . 
B 2 HOH 44 173 44  HOH HOH A . 
B 2 HOH 45 174 45  HOH HOH A . 
B 2 HOH 46 175 46  HOH HOH A . 
B 2 HOH 47 176 47  HOH HOH A . 
B 2 HOH 48 177 48  HOH HOH A . 
B 2 HOH 49 178 49  HOH HOH A . 
B 2 HOH 50 179 50  HOH HOH A . 
B 2 HOH 51 180 51  HOH HOH A . 
B 2 HOH 52 181 52  HOH HOH A . 
B 2 HOH 53 182 53  HOH HOH A . 
B 2 HOH 54 183 54  HOH HOH A . 
B 2 HOH 55 184 55  HOH HOH A . 
B 2 HOH 56 185 56  HOH HOH A . 
B 2 HOH 57 186 57  HOH HOH A . 
B 2 HOH 58 187 58  HOH HOH A . 
B 2 HOH 59 188 59  HOH HOH A . 
B 2 HOH 60 189 60  HOH HOH A . 
B 2 HOH 61 190 61  HOH HOH A . 
B 2 HOH 62 191 62  HOH HOH A . 
B 2 HOH 63 192 63  HOH HOH A . 
B 2 HOH 64 193 64  HOH HOH A . 
B 2 HOH 65 194 65  HOH HOH A . 
B 2 HOH 66 195 66  HOH HOH A . 
B 2 HOH 67 196 67  HOH HOH A . 
B 2 HOH 68 197 68  HOH HOH A . 
B 2 HOH 69 198 69  HOH HOH A . 
B 2 HOH 70 199 70  HOH HOH A . 
B 2 HOH 71 200 71  HOH HOH A . 
B 2 HOH 72 201 72  HOH HOH A . 
B 2 HOH 73 202 73  HOH HOH A . 
B 2 HOH 74 203 74  HOH HOH A . 
B 2 HOH 75 204 75  HOH HOH A . 
B 2 HOH 76 205 76  HOH HOH A . 
B 2 HOH 77 206 77  HOH HOH A . 
B 2 HOH 78 207 78  HOH HOH A . 
B 2 HOH 79 208 79  HOH HOH A . 
B 2 HOH 80 209 80  HOH HOH A . 
B 2 HOH 81 210 81  HOH HOH A . 
B 2 HOH 82 211 82  HOH HOH A . 
B 2 HOH 83 212 101 HOH HOH A . 
B 2 HOH 84 213 102 HOH HOH A . 
B 2 HOH 85 214 103 HOH HOH A . 
B 2 HOH 86 215 104 HOH HOH A . 
B 2 HOH 87 216 105 HOH HOH A . 
# 
loop_
_pdbx_unobs_or_zero_occ_atoms.id 
_pdbx_unobs_or_zero_occ_atoms.PDB_model_num 
_pdbx_unobs_or_zero_occ_atoms.polymer_flag 
_pdbx_unobs_or_zero_occ_atoms.occupancy_flag 
_pdbx_unobs_or_zero_occ_atoms.auth_asym_id 
_pdbx_unobs_or_zero_occ_atoms.auth_comp_id 
_pdbx_unobs_or_zero_occ_atoms.auth_seq_id 
_pdbx_unobs_or_zero_occ_atoms.PDB_ins_code 
_pdbx_unobs_or_zero_occ_atoms.auth_atom_id 
_pdbx_unobs_or_zero_occ_atoms.label_alt_id 
_pdbx_unobs_or_zero_occ_atoms.label_asym_id 
_pdbx_unobs_or_zero_occ_atoms.label_comp_id 
_pdbx_unobs_or_zero_occ_atoms.label_seq_id 
_pdbx_unobs_or_zero_occ_atoms.label_atom_id 
1  1 Y 1 A ARG 45  ? CG  ? A ARG 45  CG  
2  1 Y 1 A ARG 45  ? CD  ? A ARG 45  CD  
3  1 Y 1 A ARG 45  ? NE  ? A ARG 45  NE  
4  1 Y 1 A ARG 45  ? CZ  ? A ARG 45  CZ  
5  1 Y 1 A ARG 45  ? NH1 ? A ARG 45  NH1 
6  1 Y 1 A ARG 45  ? NH2 ? A ARG 45  NH2 
7  1 Y 1 A ARG 128 ? CG  ? A ARG 128 CG  
8  1 Y 1 A ARG 128 ? CD  ? A ARG 128 CD  
9  1 Y 1 A ARG 128 ? NE  ? A ARG 128 NE  
10 1 Y 1 A ARG 128 ? CZ  ? A ARG 128 CZ  
11 1 Y 1 A ARG 128 ? NH1 ? A ARG 128 NH1 
12 1 Y 1 A ARG 128 ? NH2 ? A ARG 128 NH2 
# 
loop_
_software.name 
_software.classification 
_software.version 
_software.citation_id 
_software.pdbx_ordinal 
X-PLOR 'model building' . ? 1 
X-PLOR refinement       . ? 2 
X-PLOR phasing          . ? 3 
# 
_cell.entry_id           1HHL 
_cell.length_a           89.200 
_cell.length_b           89.200 
_cell.length_c           61.700 
_cell.angle_alpha        90.00 
_cell.angle_beta         90.00 
_cell.angle_gamma        120.00 
_cell.Z_PDB              12 
_cell.pdbx_unique_axis   ? 
# 
_symmetry.entry_id                         1HHL 
_symmetry.space_group_name_H-M             'P 61 2 2' 
_symmetry.pdbx_full_space_group_name_H-M   ? 
_symmetry.cell_setting                     ? 
_symmetry.Int_Tables_number                178 
# 
_exptl.entry_id          1HHL 
_exptl.method            'X-RAY DIFFRACTION' 
_exptl.crystals_number   ? 
# 
_exptl_crystal.id                    1 
_exptl_crystal.density_meas          ? 
_exptl_crystal.density_Matthews      2.47 
_exptl_crystal.density_percent_sol   50.24 
_exptl_crystal.description           ? 
# 
_diffrn.id                     1 
_diffrn.ambient_temp           ? 
_diffrn.ambient_temp_details   ? 
_diffrn.crystal_id             1 
# 
_diffrn_radiation.diffrn_id                        1 
_diffrn_radiation.wavelength_id                    1 
_diffrn_radiation.pdbx_monochromatic_or_laue_m_l   ? 
_diffrn_radiation.monochromator                    ? 
_diffrn_radiation.pdbx_diffrn_protocol             ? 
_diffrn_radiation.pdbx_scattering_type             x-ray 
# 
_diffrn_radiation_wavelength.id           1 
_diffrn_radiation_wavelength.wavelength   . 
_diffrn_radiation_wavelength.wt           1.0 
# 
_refine.entry_id                                 1HHL 
_refine.ls_number_reflns_obs                     8854 
_refine.ls_number_reflns_all                     ? 
_refine.pdbx_ls_sigma_I                          ? 
_refine.pdbx_ls_sigma_F                          3.0 
_refine.pdbx_data_cutoff_high_absF               ? 
_refine.pdbx_data_cutoff_low_absF                ? 
_refine.pdbx_data_cutoff_high_rms_absF           ? 
_refine.ls_d_res_low                             6.0 
_refine.ls_d_res_high                            1.9 
_refine.ls_percent_reflns_obs                    ? 
_refine.ls_R_factor_obs                          0.17 
_refine.ls_R_factor_all                          ? 
_refine.ls_R_factor_R_work                       0.17 
_refine.ls_R_factor_R_free                       ? 
_refine.ls_R_factor_R_free_error                 ? 
_refine.ls_R_factor_R_free_error_details         ? 
_refine.ls_percent_reflns_R_free                 ? 
_refine.ls_number_reflns_R_free                  ? 
_refine.ls_number_parameters                     ? 
_refine.ls_number_restraints                     ? 
_refine.occupancy_min                            ? 
_refine.occupancy_max                            ? 
_refine.B_iso_mean                               ? 
_refine.aniso_B[1][1]                            ? 
_refine.aniso_B[2][2]                            ? 
_refine.aniso_B[3][3]                            ? 
_refine.aniso_B[1][2]                            ? 
_refine.aniso_B[1][3]                            ? 
_refine.aniso_B[2][3]                            ? 
_refine.solvent_model_details                    ? 
_refine.solvent_model_param_ksol                 ? 
_refine.solvent_model_param_bsol                 ? 
_refine.pdbx_ls_cross_valid_method               ? 
_refine.details                                  ? 
_refine.pdbx_starting_model                      ? 
_refine.pdbx_method_to_determine_struct          ? 
_refine.pdbx_isotropic_thermal_model             ? 
_refine.pdbx_stereochemistry_target_values       ? 
_refine.pdbx_stereochem_target_val_spec_case     ? 
_refine.pdbx_R_Free_selection_details            ? 
_refine.pdbx_overall_ESU_R                       ? 
_refine.pdbx_overall_ESU_R_Free                  ? 
_refine.overall_SU_ML                            ? 
_refine.overall_SU_B                             ? 
_refine.pdbx_refine_id                           'X-RAY DIFFRACTION' 
_refine.pdbx_diffrn_id                           1 
_refine.pdbx_TLS_residual_ADP_flag               ? 
_refine.correlation_coeff_Fo_to_Fc               ? 
_refine.correlation_coeff_Fo_to_Fc_free          ? 
_refine.pdbx_solvent_vdw_probe_radii             ? 
_refine.pdbx_solvent_ion_probe_radii             ? 
_refine.pdbx_solvent_shrinkage_radii             ? 
_refine.pdbx_overall_phase_error                 ? 
_refine.overall_SU_R_Cruickshank_DPI             ? 
_refine.pdbx_overall_SU_R_free_Cruickshank_DPI   ? 
_refine.pdbx_overall_SU_R_Blow_DPI               ? 
_refine.pdbx_overall_SU_R_free_Blow_DPI          ? 
# 
_refine_hist.pdbx_refine_id                   'X-RAY DIFFRACTION' 
_refine_hist.cycle_id                         LAST 
_refine_hist.pdbx_number_atoms_protein        989 
_refine_hist.pdbx_number_atoms_nucleic_acid   0 
_refine_hist.pdbx_number_atoms_ligand         0 
_refine_hist.number_atoms_solvent             87 
_refine_hist.number_atoms_total               1076 
_refine_hist.d_res_high                       1.9 
_refine_hist.d_res_low                        6.0 
# 
loop_
_refine_ls_restr.type 
_refine_ls_restr.dev_ideal 
_refine_ls_restr.dev_ideal_target 
_refine_ls_restr.weight 
_refine_ls_restr.number 
_refine_ls_restr.pdbx_refine_id 
_refine_ls_restr.pdbx_restraint_function 
x_bond_d                0.010 ? ? ? 'X-RAY DIFFRACTION' ? 
x_bond_d_na             ?     ? ? ? 'X-RAY DIFFRACTION' ? 
x_bond_d_prot           ?     ? ? ? 'X-RAY DIFFRACTION' ? 
x_angle_d               ?     ? ? ? 'X-RAY DIFFRACTION' ? 
x_angle_d_na            ?     ? ? ? 'X-RAY DIFFRACTION' ? 
x_angle_d_prot          ?     ? ? ? 'X-RAY DIFFRACTION' ? 
x_angle_deg             2.43  ? ? ? 'X-RAY DIFFRACTION' ? 
x_angle_deg_na          ?     ? ? ? 'X-RAY DIFFRACTION' ? 
x_angle_deg_prot        ?     ? ? ? 'X-RAY DIFFRACTION' ? 
x_dihedral_angle_d      ?     ? ? ? 'X-RAY DIFFRACTION' ? 
x_dihedral_angle_d_na   ?     ? ? ? 'X-RAY DIFFRACTION' ? 
x_dihedral_angle_d_prot ?     ? ? ? 'X-RAY DIFFRACTION' ? 
x_improper_angle_d      ?     ? ? ? 'X-RAY DIFFRACTION' ? 
x_improper_angle_d_na   ?     ? ? ? 'X-RAY DIFFRACTION' ? 
x_improper_angle_d_prot ?     ? ? ? 'X-RAY DIFFRACTION' ? 
x_mcbond_it             ?     ? ? ? 'X-RAY DIFFRACTION' ? 
x_mcangle_it            ?     ? ? ? 'X-RAY DIFFRACTION' ? 
x_scbond_it             ?     ? ? ? 'X-RAY DIFFRACTION' ? 
x_scangle_it            ?     ? ? ? 'X-RAY DIFFRACTION' ? 
# 
_struct.entry_id                  1HHL 
_struct.title                     'THE THREE-DIMENSIONAL STRUCTURE OF PHEASANT AND GUINEA-FOWL EGG LYSOZYMES' 
_struct.pdbx_model_details        ? 
_struct.pdbx_CASP_flag            ? 
_struct.pdbx_model_type_details   ? 
# 
_struct_keywords.entry_id        1HHL 
_struct_keywords.pdbx_keywords   'HYDROLASE(O-GLYCOSYL)' 
_struct_keywords.text            'HYDROLASE(O-GLYCOSYL)' 
# 
loop_
_struct_asym.id 
_struct_asym.pdbx_blank_PDB_chainid_flag 
_struct_asym.pdbx_modified 
_struct_asym.entity_id 
_struct_asym.details 
A N N 1 ? 
B N N 2 ? 
# 
_struct_ref.id                         1 
_struct_ref.db_name                    UNP 
_struct_ref.db_code                    LYSC_NUMME 
_struct_ref.entity_id                  1 
_struct_ref.pdbx_db_accession          P00704 
_struct_ref.pdbx_align_begin           1 
_struct_ref.pdbx_seq_one_letter_code   
;KVFGRCELAAAMKRHGLDNYRGYSLGNWVCAAKFESNFNSQATNRNTDGSTDYGVLQINSRWWCNDGRTPGSRNLCNIPC
SALQSSDITATANCAKKIVSDGDGMNAWVAWRKHCKGTDVRVWIKGCRL
;
_struct_ref.pdbx_db_isoform            ? 
# 
_struct_ref_seq.align_id                      1 
_struct_ref_seq.ref_id                        1 
_struct_ref_seq.pdbx_PDB_id_code              1HHL 
_struct_ref_seq.pdbx_strand_id                A 
_struct_ref_seq.seq_align_beg                 1 
_struct_ref_seq.pdbx_seq_align_beg_ins_code   ? 
_struct_ref_seq.seq_align_end                 129 
_struct_ref_seq.pdbx_seq_align_end_ins_code   ? 
_struct_ref_seq.pdbx_db_accession             P00704 
_struct_ref_seq.db_align_beg                  1 
_struct_ref_seq.pdbx_db_align_beg_ins_code    ? 
_struct_ref_seq.db_align_end                  129 
_struct_ref_seq.pdbx_db_align_end_ins_code    ? 
_struct_ref_seq.pdbx_auth_seq_align_beg       1 
_struct_ref_seq.pdbx_auth_seq_align_end       129 
# 
_pdbx_struct_assembly.id                   1 
_pdbx_struct_assembly.details              author_defined_assembly 
_pdbx_struct_assembly.method_details       ? 
_pdbx_struct_assembly.oligomeric_details   monomeric 
_pdbx_struct_assembly.oligomeric_count     1 
# 
_pdbx_struct_assembly_gen.assembly_id       1 
_pdbx_struct_assembly_gen.oper_expression   1 
_pdbx_struct_assembly_gen.asym_id_list      A,B 
# 
_pdbx_struct_oper_list.id                   1 
_pdbx_struct_oper_list.type                 'identity operation' 
_pdbx_struct_oper_list.name                 1_555 
_pdbx_struct_oper_list.symmetry_operation   x,y,z 
_pdbx_struct_oper_list.matrix[1][1]         1.0000000000 
_pdbx_struct_oper_list.matrix[1][2]         0.0000000000 
_pdbx_struct_oper_list.matrix[1][3]         0.0000000000 
_pdbx_struct_oper_list.vector[1]            0.0000000000 
_pdbx_struct_oper_list.matrix[2][1]         0.0000000000 
_pdbx_struct_oper_list.matrix[2][2]         1.0000000000 
_pdbx_struct_oper_list.matrix[2][3]         0.0000000000 
_pdbx_struct_oper_list.vector[2]            0.0000000000 
_pdbx_struct_oper_list.matrix[3][1]         0.0000000000 
_pdbx_struct_oper_list.matrix[3][2]         0.0000000000 
_pdbx_struct_oper_list.matrix[3][3]         1.0000000000 
_pdbx_struct_oper_list.vector[3]            0.0000000000 
# 
_struct_biol.id   1 
# 
loop_
_struct_conf.conf_type_id 
_struct_conf.id 
_struct_conf.pdbx_PDB_helix_id 
_struct_conf.beg_label_comp_id 
_struct_conf.beg_label_asym_id 
_struct_conf.beg_label_seq_id 
_struct_conf.pdbx_beg_PDB_ins_code 
_struct_conf.end_label_comp_id 
_struct_conf.end_label_asym_id 
_struct_conf.end_label_seq_id 
_struct_conf.pdbx_end_PDB_ins_code 
_struct_conf.beg_auth_comp_id 
_struct_conf.beg_auth_asym_id 
_struct_conf.beg_auth_seq_id 
_struct_conf.end_auth_comp_id 
_struct_conf.end_auth_asym_id 
_struct_conf.end_auth_seq_id 
_struct_conf.pdbx_PDB_helix_class 
_struct_conf.details 
_struct_conf.pdbx_PDB_helix_length 
HELX_P HELX_P1 1 GLY A 4   ? HIS A 15  ? GLY A 4   HIS A 15  1 ? 12 
HELX_P HELX_P2 2 SER A 24  ? ASN A 37  ? SER A 24  ASN A 37  1 ? 14 
HELX_P HELX_P3 3 CYS A 80  ? SER A 85  ? CYS A 80  SER A 85  5 ? 6  
HELX_P HELX_P4 4 ILE A 88  ? GLY A 102 ? ILE A 88  GLY A 102 1 ? 15 
HELX_P HELX_P5 5 ASP A 103 ? ALA A 107 ? ASP A 103 ALA A 107 5 ? 5  
HELX_P HELX_P6 6 TRP A 108 ? CYS A 115 ? TRP A 108 CYS A 115 1 ? 8  
HELX_P HELX_P7 7 VAL A 120 ? LYS A 125 ? VAL A 120 LYS A 125 5 ? 6  
# 
_struct_conf_type.id          HELX_P 
_struct_conf_type.criteria    ? 
_struct_conf_type.reference   ? 
# 
loop_
_struct_conn.id 
_struct_conn.conn_type_id 
_struct_conn.pdbx_leaving_atom_flag 
_struct_conn.pdbx_PDB_id 
_struct_conn.ptnr1_label_asym_id 
_struct_conn.ptnr1_label_comp_id 
_struct_conn.ptnr1_label_seq_id 
_struct_conn.ptnr1_label_atom_id 
_struct_conn.pdbx_ptnr1_label_alt_id 
_struct_conn.pdbx_ptnr1_PDB_ins_code 
_struct_conn.pdbx_ptnr1_standard_comp_id 
_struct_conn.ptnr1_symmetry 
_struct_conn.ptnr2_label_asym_id 
_struct_conn.ptnr2_label_comp_id 
_struct_conn.ptnr2_label_seq_id 
_struct_conn.ptnr2_label_atom_id 
_struct_conn.pdbx_ptnr2_label_alt_id 
_struct_conn.pdbx_ptnr2_PDB_ins_code 
_struct_conn.ptnr1_auth_asym_id 
_struct_conn.ptnr1_auth_comp_id 
_struct_conn.ptnr1_auth_seq_id 
_struct_conn.ptnr2_auth_asym_id 
_struct_conn.ptnr2_auth_comp_id 
_struct_conn.ptnr2_auth_seq_id 
_struct_conn.ptnr2_symmetry 
_struct_conn.pdbx_ptnr3_label_atom_id 
_struct_conn.pdbx_ptnr3_label_seq_id 
_struct_conn.pdbx_ptnr3_label_comp_id 
_struct_conn.pdbx_ptnr3_label_asym_id 
_struct_conn.pdbx_ptnr3_label_alt_id 
_struct_conn.pdbx_ptnr3_PDB_ins_code 
_struct_conn.details 
_struct_conn.pdbx_dist_value 
_struct_conn.pdbx_value_order 
_struct_conn.pdbx_role 
disulf1 disulf ? ? A CYS 6  SG ? ? ? 1_555 A CYS 127 SG ? ? A CYS 6  A CYS 127 1_555 ? ? ? ? ? ? ? 2.028 ? ? 
disulf2 disulf ? ? A CYS 30 SG ? ? ? 1_555 A CYS 115 SG ? ? A CYS 30 A CYS 115 1_555 ? ? ? ? ? ? ? 2.010 ? ? 
disulf3 disulf ? ? A CYS 64 SG ? ? ? 1_555 A CYS 80  SG ? ? A CYS 64 A CYS 80  1_555 ? ? ? ? ? ? ? 2.045 ? ? 
disulf4 disulf ? ? A CYS 76 SG ? ? ? 1_555 A CYS 94  SG ? ? A CYS 76 A CYS 94  1_555 ? ? ? ? ? ? ? 2.006 ? ? 
# 
_struct_conn_type.id          disulf 
_struct_conn_type.criteria    ? 
_struct_conn_type.reference   ? 
# 
loop_
_pdbx_modification_feature.ordinal 
_pdbx_modification_feature.label_comp_id 
_pdbx_modification_feature.label_asym_id 
_pdbx_modification_feature.label_seq_id 
_pdbx_modification_feature.label_alt_id 
_pdbx_modification_feature.modified_residue_label_comp_id 
_pdbx_modification_feature.modified_residue_label_asym_id 
_pdbx_modification_feature.modified_residue_label_seq_id 
_pdbx_modification_feature.modified_residue_label_alt_id 
_pdbx_modification_feature.auth_comp_id 
_pdbx_modification_feature.auth_asym_id 
_pdbx_modification_feature.auth_seq_id 
_pdbx_modification_feature.PDB_ins_code 
_pdbx_modification_feature.symmetry 
_pdbx_modification_feature.modified_residue_auth_comp_id 
_pdbx_modification_feature.modified_residue_auth_asym_id 
_pdbx_modification_feature.modified_residue_auth_seq_id 
_pdbx_modification_feature.modified_residue_PDB_ins_code 
_pdbx_modification_feature.modified_residue_symmetry 
_pdbx_modification_feature.comp_id_linking_atom 
_pdbx_modification_feature.modified_residue_id_linking_atom 
_pdbx_modification_feature.modified_residue_id 
_pdbx_modification_feature.ref_pcm_id 
_pdbx_modification_feature.ref_comp_id 
_pdbx_modification_feature.type 
_pdbx_modification_feature.category 
1 CYS A 6  ? CYS A 127 ? CYS A 6  ? 1_555 CYS A 127 ? 1_555 SG SG . . . None 'Disulfide bridge' 
2 CYS A 30 ? CYS A 115 ? CYS A 30 ? 1_555 CYS A 115 ? 1_555 SG SG . . . None 'Disulfide bridge' 
3 CYS A 64 ? CYS A 80  ? CYS A 64 ? 1_555 CYS A 80  ? 1_555 SG SG . . . None 'Disulfide bridge' 
4 CYS A 76 ? CYS A 94  ? CYS A 76 ? 1_555 CYS A 94  ? 1_555 SG SG . . . None 'Disulfide bridge' 
# 
_struct_sheet.id               A 
_struct_sheet.type             ? 
_struct_sheet.number_strands   3 
_struct_sheet.details          ? 
# 
loop_
_struct_sheet_order.sheet_id 
_struct_sheet_order.range_id_1 
_struct_sheet_order.range_id_2 
_struct_sheet_order.offset 
_struct_sheet_order.sense 
A 1 2 ? anti-parallel 
A 2 3 ? anti-parallel 
# 
loop_
_struct_sheet_range.sheet_id 
_struct_sheet_range.id 
_struct_sheet_range.beg_label_comp_id 
_struct_sheet_range.beg_label_asym_id 
_struct_sheet_range.beg_label_seq_id 
_struct_sheet_range.pdbx_beg_PDB_ins_code 
_struct_sheet_range.end_label_comp_id 
_struct_sheet_range.end_label_asym_id 
_struct_sheet_range.end_label_seq_id 
_struct_sheet_range.pdbx_end_PDB_ins_code 
_struct_sheet_range.beg_auth_comp_id 
_struct_sheet_range.beg_auth_asym_id 
_struct_sheet_range.beg_auth_seq_id 
_struct_sheet_range.end_auth_comp_id 
_struct_sheet_range.end_auth_asym_id 
_struct_sheet_range.end_auth_seq_id 
A 1 THR A 43 ? ARG A 45 ? THR A 43 ARG A 45 
A 2 THR A 51 ? TYR A 53 ? THR A 51 TYR A 53 
A 3 ILE A 58 ? ASN A 59 ? ILE A 58 ASN A 59 
# 
loop_
_pdbx_struct_sheet_hbond.sheet_id 
_pdbx_struct_sheet_hbond.range_id_1 
_pdbx_struct_sheet_hbond.range_id_2 
_pdbx_struct_sheet_hbond.range_1_label_atom_id 
_pdbx_struct_sheet_hbond.range_1_label_comp_id 
_pdbx_struct_sheet_hbond.range_1_label_asym_id 
_pdbx_struct_sheet_hbond.range_1_label_seq_id 
_pdbx_struct_sheet_hbond.range_1_PDB_ins_code 
_pdbx_struct_sheet_hbond.range_1_auth_atom_id 
_pdbx_struct_sheet_hbond.range_1_auth_comp_id 
_pdbx_struct_sheet_hbond.range_1_auth_asym_id 
_pdbx_struct_sheet_hbond.range_1_auth_seq_id 
_pdbx_struct_sheet_hbond.range_2_label_atom_id 
_pdbx_struct_sheet_hbond.range_2_label_comp_id 
_pdbx_struct_sheet_hbond.range_2_label_asym_id 
_pdbx_struct_sheet_hbond.range_2_label_seq_id 
_pdbx_struct_sheet_hbond.range_2_PDB_ins_code 
_pdbx_struct_sheet_hbond.range_2_auth_atom_id 
_pdbx_struct_sheet_hbond.range_2_auth_comp_id 
_pdbx_struct_sheet_hbond.range_2_auth_asym_id 
_pdbx_struct_sheet_hbond.range_2_auth_seq_id 
A 1 2 O ASN A 44 ? O ASN A 44 N ASP A 52 ? N ASP A 52 
A 2 3 O TYR A 53 ? O TYR A 53 N ILE A 58 ? N ILE A 58 
# 
_pdbx_entry_details.entry_id                   1HHL 
_pdbx_entry_details.compound_details           ? 
_pdbx_entry_details.source_details             ? 
_pdbx_entry_details.nonpolymer_details         ? 
_pdbx_entry_details.sequence_details           
;SEQUENCE ADVISORY NOTICE:
     DIFFERENCE BETWEEN SWISS-PROT AND PDB SEQUENCE.

     SWISS-PROT ENTRY NAME: LYC_NUMME

     SWISS-PROT RESIDUE      PDB SEQRES
       NAME   NUMBER         NAME  CHAIN  SEQ/INSERT CODE
       ASN    103            ASP          103
;
_pdbx_entry_details.has_ligand_of_interest     ? 
_pdbx_entry_details.has_protein_modification   Y 
# 
loop_
_pdbx_validate_rmsd_bond.id 
_pdbx_validate_rmsd_bond.PDB_model_num 
_pdbx_validate_rmsd_bond.auth_atom_id_1 
_pdbx_validate_rmsd_bond.auth_asym_id_1 
_pdbx_validate_rmsd_bond.auth_comp_id_1 
_pdbx_validate_rmsd_bond.auth_seq_id_1 
_pdbx_validate_rmsd_bond.PDB_ins_code_1 
_pdbx_validate_rmsd_bond.label_alt_id_1 
_pdbx_validate_rmsd_bond.auth_atom_id_2 
_pdbx_validate_rmsd_bond.auth_asym_id_2 
_pdbx_validate_rmsd_bond.auth_comp_id_2 
_pdbx_validate_rmsd_bond.auth_seq_id_2 
_pdbx_validate_rmsd_bond.PDB_ins_code_2 
_pdbx_validate_rmsd_bond.label_alt_id_2 
_pdbx_validate_rmsd_bond.bond_value 
_pdbx_validate_rmsd_bond.bond_target_value 
_pdbx_validate_rmsd_bond.bond_deviation 
_pdbx_validate_rmsd_bond.bond_standard_deviation 
_pdbx_validate_rmsd_bond.linker_flag 
1 1 NE2 A HIS 15  ? ? CD2 A HIS 15  ? ? 1.307 1.373 -0.066 0.011 N 
2 1 NE2 A HIS 114 ? ? CD2 A HIS 114 ? ? 1.305 1.373 -0.068 0.011 N 
# 
loop_
_pdbx_validate_rmsd_angle.id 
_pdbx_validate_rmsd_angle.PDB_model_num 
_pdbx_validate_rmsd_angle.auth_atom_id_1 
_pdbx_validate_rmsd_angle.auth_asym_id_1 
_pdbx_validate_rmsd_angle.auth_comp_id_1 
_pdbx_validate_rmsd_angle.auth_seq_id_1 
_pdbx_validate_rmsd_angle.PDB_ins_code_1 
_pdbx_validate_rmsd_angle.label_alt_id_1 
_pdbx_validate_rmsd_angle.auth_atom_id_2 
_pdbx_validate_rmsd_angle.auth_asym_id_2 
_pdbx_validate_rmsd_angle.auth_comp_id_2 
_pdbx_validate_rmsd_angle.auth_seq_id_2 
_pdbx_validate_rmsd_angle.PDB_ins_code_2 
_pdbx_validate_rmsd_angle.label_alt_id_2 
_pdbx_validate_rmsd_angle.auth_atom_id_3 
_pdbx_validate_rmsd_angle.auth_asym_id_3 
_pdbx_validate_rmsd_angle.auth_comp_id_3 
_pdbx_validate_rmsd_angle.auth_seq_id_3 
_pdbx_validate_rmsd_angle.PDB_ins_code_3 
_pdbx_validate_rmsd_angle.label_alt_id_3 
_pdbx_validate_rmsd_angle.angle_value 
_pdbx_validate_rmsd_angle.angle_target_value 
_pdbx_validate_rmsd_angle.angle_deviation 
_pdbx_validate_rmsd_angle.angle_standard_deviation 
_pdbx_validate_rmsd_angle.linker_flag 
1  1 NE  A ARG 5   ? ? CZ  A ARG 5   ? ? NH1 A ARG 5   ? ? 123.96 120.30 3.66  0.50 N 
2  1 NE  A ARG 5   ? ? CZ  A ARG 5   ? ? NH2 A ARG 5   ? ? 116.04 120.30 -4.26 0.50 N 
3  1 NE  A ARG 14  ? ? CZ  A ARG 14  ? ? NH1 A ARG 14  ? ? 124.89 120.30 4.59  0.50 N 
4  1 NE  A ARG 14  ? ? CZ  A ARG 14  ? ? NH2 A ARG 14  ? ? 115.58 120.30 -4.72 0.50 N 
5  1 CD1 A TRP 28  ? ? CG  A TRP 28  ? ? CD2 A TRP 28  ? ? 112.98 106.30 6.68  0.80 N 
6  1 CE2 A TRP 28  ? ? CD2 A TRP 28  ? ? CG  A TRP 28  ? ? 101.80 107.30 -5.50 0.80 N 
7  1 CD1 A TRP 62  ? ? CG  A TRP 62  ? ? CD2 A TRP 62  ? ? 113.14 106.30 6.84  0.80 N 
8  1 CE2 A TRP 62  ? ? CD2 A TRP 62  ? ? CG  A TRP 62  ? ? 101.48 107.30 -5.82 0.80 N 
9  1 CD1 A TRP 63  ? ? CG  A TRP 63  ? ? CD2 A TRP 63  ? ? 112.83 106.30 6.53  0.80 N 
10 1 CE2 A TRP 63  ? ? CD2 A TRP 63  ? ? CG  A TRP 63  ? ? 101.30 107.30 -6.00 0.80 N 
11 1 CD1 A TRP 108 ? ? CG  A TRP 108 ? ? CD2 A TRP 108 ? ? 112.89 106.30 6.59  0.80 N 
12 1 CB  A TRP 108 ? ? CG  A TRP 108 ? ? CD1 A TRP 108 ? ? 118.78 127.00 -8.22 1.30 N 
13 1 CE2 A TRP 108 ? ? CD2 A TRP 108 ? ? CG  A TRP 108 ? ? 101.24 107.30 -6.06 0.80 N 
14 1 CD1 A TRP 111 ? ? CG  A TRP 111 ? ? CD2 A TRP 111 ? ? 112.18 106.30 5.88  0.80 N 
15 1 CE2 A TRP 111 ? ? CD2 A TRP 111 ? ? CG  A TRP 111 ? ? 101.82 107.30 -5.48 0.80 N 
16 1 NE  A ARG 121 ? ? CZ  A ARG 121 ? ? NH1 A ARG 121 ? ? 123.46 120.30 3.16  0.50 N 
17 1 CD1 A TRP 123 ? ? CG  A TRP 123 ? ? CD2 A TRP 123 ? ? 112.29 106.30 5.99  0.80 N 
18 1 CE2 A TRP 123 ? ? CD2 A TRP 123 ? ? CG  A TRP 123 ? ? 101.89 107.30 -5.41 0.80 N 
# 
_pdbx_validate_torsion.id              1 
_pdbx_validate_torsion.PDB_model_num   1 
_pdbx_validate_torsion.auth_comp_id    ASP 
_pdbx_validate_torsion.auth_asym_id    A 
_pdbx_validate_torsion.auth_seq_id     103 
_pdbx_validate_torsion.PDB_ins_code    ? 
_pdbx_validate_torsion.label_alt_id    ? 
_pdbx_validate_torsion.phi             -72.56 
_pdbx_validate_torsion.psi             35.16 
# 
_pdbx_validate_planes.id              1 
_pdbx_validate_planes.PDB_model_num   1 
_pdbx_validate_planes.auth_comp_id    ARG 
_pdbx_validate_planes.auth_asym_id    A 
_pdbx_validate_planes.auth_seq_id     68 
_pdbx_validate_planes.PDB_ins_code    ? 
_pdbx_validate_planes.label_alt_id    ? 
_pdbx_validate_planes.rmsd            0.083 
_pdbx_validate_planes.type            'SIDE CHAIN' 
# 
loop_
_pdbx_struct_special_symmetry.id 
_pdbx_struct_special_symmetry.PDB_model_num 
_pdbx_struct_special_symmetry.auth_asym_id 
_pdbx_struct_special_symmetry.auth_comp_id 
_pdbx_struct_special_symmetry.auth_seq_id 
_pdbx_struct_special_symmetry.PDB_ins_code 
_pdbx_struct_special_symmetry.label_asym_id 
_pdbx_struct_special_symmetry.label_comp_id 
_pdbx_struct_special_symmetry.label_seq_id 
1 1 A HOH 212 ? B HOH . 
2 1 A HOH 213 ? B HOH . 
3 1 A HOH 214 ? B HOH . 
4 1 A HOH 215 ? B HOH . 
5 1 A HOH 216 ? B HOH . 
# 
loop_
_chem_comp_atom.comp_id 
_chem_comp_atom.atom_id 
_chem_comp_atom.type_symbol 
_chem_comp_atom.pdbx_aromatic_flag 
_chem_comp_atom.pdbx_stereo_config 
_chem_comp_atom.pdbx_ordinal 
ALA N    N N N 1   
ALA CA   C N S 2   
ALA C    C N N 3   
ALA O    O N N 4   
ALA CB   C N N 5   
ALA OXT  O N N 6   
ALA H    H N N 7   
ALA H2   H N N 8   
ALA HA   H N N 9   
ALA HB1  H N N 10  
ALA HB2  H N N 11  
ALA HB3  H N N 12  
ALA HXT  H N N 13  
ARG N    N N N 14  
ARG CA   C N S 15  
ARG C    C N N 16  
ARG O    O N N 17  
ARG CB   C N N 18  
ARG CG   C N N 19  
ARG CD   C N N 20  
ARG NE   N N N 21  
ARG CZ   C N N 22  
ARG NH1  N N N 23  
ARG NH2  N N N 24  
ARG OXT  O N N 25  
ARG H    H N N 26  
ARG H2   H N N 27  
ARG HA   H N N 28  
ARG HB2  H N N 29  
ARG HB3  H N N 30  
ARG HG2  H N N 31  
ARG HG3  H N N 32  
ARG HD2  H N N 33  
ARG HD3  H N N 34  
ARG HE   H N N 35  
ARG HH11 H N N 36  
ARG HH12 H N N 37  
ARG HH21 H N N 38  
ARG HH22 H N N 39  
ARG HXT  H N N 40  
ASN N    N N N 41  
ASN CA   C N S 42  
ASN C    C N N 43  
ASN O    O N N 44  
ASN CB   C N N 45  
ASN CG   C N N 46  
ASN OD1  O N N 47  
ASN ND2  N N N 48  
ASN OXT  O N N 49  
ASN H    H N N 50  
ASN H2   H N N 51  
ASN HA   H N N 52  
ASN HB2  H N N 53  
ASN HB3  H N N 54  
ASN HD21 H N N 55  
ASN HD22 H N N 56  
ASN HXT  H N N 57  
ASP N    N N N 58  
ASP CA   C N S 59  
ASP C    C N N 60  
ASP O    O N N 61  
ASP CB   C N N 62  
ASP CG   C N N 63  
ASP OD1  O N N 64  
ASP OD2  O N N 65  
ASP OXT  O N N 66  
ASP H    H N N 67  
ASP H2   H N N 68  
ASP HA   H N N 69  
ASP HB2  H N N 70  
ASP HB3  H N N 71  
ASP HD2  H N N 72  
ASP HXT  H N N 73  
CYS N    N N N 74  
CYS CA   C N R 75  
CYS C    C N N 76  
CYS O    O N N 77  
CYS CB   C N N 78  
CYS SG   S N N 79  
CYS OXT  O N N 80  
CYS H    H N N 81  
CYS H2   H N N 82  
CYS HA   H N N 83  
CYS HB2  H N N 84  
CYS HB3  H N N 85  
CYS HG   H N N 86  
CYS HXT  H N N 87  
GLN N    N N N 88  
GLN CA   C N S 89  
GLN C    C N N 90  
GLN O    O N N 91  
GLN CB   C N N 92  
GLN CG   C N N 93  
GLN CD   C N N 94  
GLN OE1  O N N 95  
GLN NE2  N N N 96  
GLN OXT  O N N 97  
GLN H    H N N 98  
GLN H2   H N N 99  
GLN HA   H N N 100 
GLN HB2  H N N 101 
GLN HB3  H N N 102 
GLN HG2  H N N 103 
GLN HG3  H N N 104 
GLN HE21 H N N 105 
GLN HE22 H N N 106 
GLN HXT  H N N 107 
GLU N    N N N 108 
GLU CA   C N S 109 
GLU C    C N N 110 
GLU O    O N N 111 
GLU CB   C N N 112 
GLU CG   C N N 113 
GLU CD   C N N 114 
GLU OE1  O N N 115 
GLU OE2  O N N 116 
GLU OXT  O N N 117 
GLU H    H N N 118 
GLU H2   H N N 119 
GLU HA   H N N 120 
GLU HB2  H N N 121 
GLU HB3  H N N 122 
GLU HG2  H N N 123 
GLU HG3  H N N 124 
GLU HE2  H N N 125 
GLU HXT  H N N 126 
GLY N    N N N 127 
GLY CA   C N N 128 
GLY C    C N N 129 
GLY O    O N N 130 
GLY OXT  O N N 131 
GLY H    H N N 132 
GLY H2   H N N 133 
GLY HA2  H N N 134 
GLY HA3  H N N 135 
GLY HXT  H N N 136 
HIS N    N N N 137 
HIS CA   C N S 138 
HIS C    C N N 139 
HIS O    O N N 140 
HIS CB   C N N 141 
HIS CG   C Y N 142 
HIS ND1  N Y N 143 
HIS CD2  C Y N 144 
HIS CE1  C Y N 145 
HIS NE2  N Y N 146 
HIS OXT  O N N 147 
HIS H    H N N 148 
HIS H2   H N N 149 
HIS HA   H N N 150 
HIS HB2  H N N 151 
HIS HB3  H N N 152 
HIS HD1  H N N 153 
HIS HD2  H N N 154 
HIS HE1  H N N 155 
HIS HE2  H N N 156 
HIS HXT  H N N 157 
HOH O    O N N 158 
HOH H1   H N N 159 
HOH H2   H N N 160 
ILE N    N N N 161 
ILE CA   C N S 162 
ILE C    C N N 163 
ILE O    O N N 164 
ILE CB   C N S 165 
ILE CG1  C N N 166 
ILE CG2  C N N 167 
ILE CD1  C N N 168 
ILE OXT  O N N 169 
ILE H    H N N 170 
ILE H2   H N N 171 
ILE HA   H N N 172 
ILE HB   H N N 173 
ILE HG12 H N N 174 
ILE HG13 H N N 175 
ILE HG21 H N N 176 
ILE HG22 H N N 177 
ILE HG23 H N N 178 
ILE HD11 H N N 179 
ILE HD12 H N N 180 
ILE HD13 H N N 181 
ILE HXT  H N N 182 
LEU N    N N N 183 
LEU CA   C N S 184 
LEU C    C N N 185 
LEU O    O N N 186 
LEU CB   C N N 187 
LEU CG   C N N 188 
LEU CD1  C N N 189 
LEU CD2  C N N 190 
LEU OXT  O N N 191 
LEU H    H N N 192 
LEU H2   H N N 193 
LEU HA   H N N 194 
LEU HB2  H N N 195 
LEU HB3  H N N 196 
LEU HG   H N N 197 
LEU HD11 H N N 198 
LEU HD12 H N N 199 
LEU HD13 H N N 200 
LEU HD21 H N N 201 
LEU HD22 H N N 202 
LEU HD23 H N N 203 
LEU HXT  H N N 204 
LYS N    N N N 205 
LYS CA   C N S 206 
LYS C    C N N 207 
LYS O    O N N 208 
LYS CB   C N N 209 
LYS CG   C N N 210 
LYS CD   C N N 211 
LYS CE   C N N 212 
LYS NZ   N N N 213 
LYS OXT  O N N 214 
LYS H    H N N 215 
LYS H2   H N N 216 
LYS HA   H N N 217 
LYS HB2  H N N 218 
LYS HB3  H N N 219 
LYS HG2  H N N 220 
LYS HG3  H N N 221 
LYS HD2  H N N 222 
LYS HD3  H N N 223 
LYS HE2  H N N 224 
LYS HE3  H N N 225 
LYS HZ1  H N N 226 
LYS HZ2  H N N 227 
LYS HZ3  H N N 228 
LYS HXT  H N N 229 
MET N    N N N 230 
MET CA   C N S 231 
MET C    C N N 232 
MET O    O N N 233 
MET CB   C N N 234 
MET CG   C N N 235 
MET SD   S N N 236 
MET CE   C N N 237 
MET OXT  O N N 238 
MET H    H N N 239 
MET H2   H N N 240 
MET HA   H N N 241 
MET HB2  H N N 242 
MET HB3  H N N 243 
MET HG2  H N N 244 
MET HG3  H N N 245 
MET HE1  H N N 246 
MET HE2  H N N 247 
MET HE3  H N N 248 
MET HXT  H N N 249 
PHE N    N N N 250 
PHE CA   C N S 251 
PHE C    C N N 252 
PHE O    O N N 253 
PHE CB   C N N 254 
PHE CG   C Y N 255 
PHE CD1  C Y N 256 
PHE CD2  C Y N 257 
PHE CE1  C Y N 258 
PHE CE2  C Y N 259 
PHE CZ   C Y N 260 
PHE OXT  O N N 261 
PHE H    H N N 262 
PHE H2   H N N 263 
PHE HA   H N N 264 
PHE HB2  H N N 265 
PHE HB3  H N N 266 
PHE HD1  H N N 267 
PHE HD2  H N N 268 
PHE HE1  H N N 269 
PHE HE2  H N N 270 
PHE HZ   H N N 271 
PHE HXT  H N N 272 
PRO N    N N N 273 
PRO CA   C N S 274 
PRO C    C N N 275 
PRO O    O N N 276 
PRO CB   C N N 277 
PRO CG   C N N 278 
PRO CD   C N N 279 
PRO OXT  O N N 280 
PRO H    H N N 281 
PRO HA   H N N 282 
PRO HB2  H N N 283 
PRO HB3  H N N 284 
PRO HG2  H N N 285 
PRO HG3  H N N 286 
PRO HD2  H N N 287 
PRO HD3  H N N 288 
PRO HXT  H N N 289 
SER N    N N N 290 
SER CA   C N S 291 
SER C    C N N 292 
SER O    O N N 293 
SER CB   C N N 294 
SER OG   O N N 295 
SER OXT  O N N 296 
SER H    H N N 297 
SER H2   H N N 298 
SER HA   H N N 299 
SER HB2  H N N 300 
SER HB3  H N N 301 
SER HG   H N N 302 
SER HXT  H N N 303 
THR N    N N N 304 
THR CA   C N S 305 
THR C    C N N 306 
THR O    O N N 307 
THR CB   C N R 308 
THR OG1  O N N 309 
THR CG2  C N N 310 
THR OXT  O N N 311 
THR H    H N N 312 
THR H2   H N N 313 
THR HA   H N N 314 
THR HB   H N N 315 
THR HG1  H N N 316 
THR HG21 H N N 317 
THR HG22 H N N 318 
THR HG23 H N N 319 
THR HXT  H N N 320 
TRP N    N N N 321 
TRP CA   C N S 322 
TRP C    C N N 323 
TRP O    O N N 324 
TRP CB   C N N 325 
TRP CG   C Y N 326 
TRP CD1  C Y N 327 
TRP CD2  C Y N 328 
TRP NE1  N Y N 329 
TRP CE2  C Y N 330 
TRP CE3  C Y N 331 
TRP CZ2  C Y N 332 
TRP CZ3  C Y N 333 
TRP CH2  C Y N 334 
TRP OXT  O N N 335 
TRP H    H N N 336 
TRP H2   H N N 337 
TRP HA   H N N 338 
TRP HB2  H N N 339 
TRP HB3  H N N 340 
TRP HD1  H N N 341 
TRP HE1  H N N 342 
TRP HE3  H N N 343 
TRP HZ2  H N N 344 
TRP HZ3  H N N 345 
TRP HH2  H N N 346 
TRP HXT  H N N 347 
TYR N    N N N 348 
TYR CA   C N S 349 
TYR C    C N N 350 
TYR O    O N N 351 
TYR CB   C N N 352 
TYR CG   C Y N 353 
TYR CD1  C Y N 354 
TYR CD2  C Y N 355 
TYR CE1  C Y N 356 
TYR CE2  C Y N 357 
TYR CZ   C Y N 358 
TYR OH   O N N 359 
TYR OXT  O N N 360 
TYR H    H N N 361 
TYR H2   H N N 362 
TYR HA   H N N 363 
TYR HB2  H N N 364 
TYR HB3  H N N 365 
TYR HD1  H N N 366 
TYR HD2  H N N 367 
TYR HE1  H N N 368 
TYR HE2  H N N 369 
TYR HH   H N N 370 
TYR HXT  H N N 371 
VAL N    N N N 372 
VAL CA   C N S 373 
VAL C    C N N 374 
VAL O    O N N 375 
VAL CB   C N N 376 
VAL CG1  C N N 377 
VAL CG2  C N N 378 
VAL OXT  O N N 379 
VAL H    H N N 380 
VAL H2   H N N 381 
VAL HA   H N N 382 
VAL HB   H N N 383 
VAL HG11 H N N 384 
VAL HG12 H N N 385 
VAL HG13 H N N 386 
VAL HG21 H N N 387 
VAL HG22 H N N 388 
VAL HG23 H N N 389 
VAL HXT  H N N 390 
# 
loop_
_chem_comp_bond.comp_id 
_chem_comp_bond.atom_id_1 
_chem_comp_bond.atom_id_2 
_chem_comp_bond.value_order 
_chem_comp_bond.pdbx_aromatic_flag 
_chem_comp_bond.pdbx_stereo_config 
_chem_comp_bond.pdbx_ordinal 
ALA N   CA   sing N N 1   
ALA N   H    sing N N 2   
ALA N   H2   sing N N 3   
ALA CA  C    sing N N 4   
ALA CA  CB   sing N N 5   
ALA CA  HA   sing N N 6   
ALA C   O    doub N N 7   
ALA C   OXT  sing N N 8   
ALA CB  HB1  sing N N 9   
ALA CB  HB2  sing N N 10  
ALA CB  HB3  sing N N 11  
ALA OXT HXT  sing N N 12  
ARG N   CA   sing N N 13  
ARG N   H    sing N N 14  
ARG N   H2   sing N N 15  
ARG CA  C    sing N N 16  
ARG CA  CB   sing N N 17  
ARG CA  HA   sing N N 18  
ARG C   O    doub N N 19  
ARG C   OXT  sing N N 20  
ARG CB  CG   sing N N 21  
ARG CB  HB2  sing N N 22  
ARG CB  HB3  sing N N 23  
ARG CG  CD   sing N N 24  
ARG CG  HG2  sing N N 25  
ARG CG  HG3  sing N N 26  
ARG CD  NE   sing N N 27  
ARG CD  HD2  sing N N 28  
ARG CD  HD3  sing N N 29  
ARG NE  CZ   sing N N 30  
ARG NE  HE   sing N N 31  
ARG CZ  NH1  sing N N 32  
ARG CZ  NH2  doub N N 33  
ARG NH1 HH11 sing N N 34  
ARG NH1 HH12 sing N N 35  
ARG NH2 HH21 sing N N 36  
ARG NH2 HH22 sing N N 37  
ARG OXT HXT  sing N N 38  
ASN N   CA   sing N N 39  
ASN N   H    sing N N 40  
ASN N   H2   sing N N 41  
ASN CA  C    sing N N 42  
ASN CA  CB   sing N N 43  
ASN CA  HA   sing N N 44  
ASN C   O    doub N N 45  
ASN C   OXT  sing N N 46  
ASN CB  CG   sing N N 47  
ASN CB  HB2  sing N N 48  
ASN CB  HB3  sing N N 49  
ASN CG  OD1  doub N N 50  
ASN CG  ND2  sing N N 51  
ASN ND2 HD21 sing N N 52  
ASN ND2 HD22 sing N N 53  
ASN OXT HXT  sing N N 54  
ASP N   CA   sing N N 55  
ASP N   H    sing N N 56  
ASP N   H2   sing N N 57  
ASP CA  C    sing N N 58  
ASP CA  CB   sing N N 59  
ASP CA  HA   sing N N 60  
ASP C   O    doub N N 61  
ASP C   OXT  sing N N 62  
ASP CB  CG   sing N N 63  
ASP CB  HB2  sing N N 64  
ASP CB  HB3  sing N N 65  
ASP CG  OD1  doub N N 66  
ASP CG  OD2  sing N N 67  
ASP OD2 HD2  sing N N 68  
ASP OXT HXT  sing N N 69  
CYS N   CA   sing N N 70  
CYS N   H    sing N N 71  
CYS N   H2   sing N N 72  
CYS CA  C    sing N N 73  
CYS CA  CB   sing N N 74  
CYS CA  HA   sing N N 75  
CYS C   O    doub N N 76  
CYS C   OXT  sing N N 77  
CYS CB  SG   sing N N 78  
CYS CB  HB2  sing N N 79  
CYS CB  HB3  sing N N 80  
CYS SG  HG   sing N N 81  
CYS OXT HXT  sing N N 82  
GLN N   CA   sing N N 83  
GLN N   H    sing N N 84  
GLN N   H2   sing N N 85  
GLN CA  C    sing N N 86  
GLN CA  CB   sing N N 87  
GLN CA  HA   sing N N 88  
GLN C   O    doub N N 89  
GLN C   OXT  sing N N 90  
GLN CB  CG   sing N N 91  
GLN CB  HB2  sing N N 92  
GLN CB  HB3  sing N N 93  
GLN CG  CD   sing N N 94  
GLN CG  HG2  sing N N 95  
GLN CG  HG3  sing N N 96  
GLN CD  OE1  doub N N 97  
GLN CD  NE2  sing N N 98  
GLN NE2 HE21 sing N N 99  
GLN NE2 HE22 sing N N 100 
GLN OXT HXT  sing N N 101 
GLU N   CA   sing N N 102 
GLU N   H    sing N N 103 
GLU N   H2   sing N N 104 
GLU CA  C    sing N N 105 
GLU CA  CB   sing N N 106 
GLU CA  HA   sing N N 107 
GLU C   O    doub N N 108 
GLU C   OXT  sing N N 109 
GLU CB  CG   sing N N 110 
GLU CB  HB2  sing N N 111 
GLU CB  HB3  sing N N 112 
GLU CG  CD   sing N N 113 
GLU CG  HG2  sing N N 114 
GLU CG  HG3  sing N N 115 
GLU CD  OE1  doub N N 116 
GLU CD  OE2  sing N N 117 
GLU OE2 HE2  sing N N 118 
GLU OXT HXT  sing N N 119 
GLY N   CA   sing N N 120 
GLY N   H    sing N N 121 
GLY N   H2   sing N N 122 
GLY CA  C    sing N N 123 
GLY CA  HA2  sing N N 124 
GLY CA  HA3  sing N N 125 
GLY C   O    doub N N 126 
GLY C   OXT  sing N N 127 
GLY OXT HXT  sing N N 128 
HIS N   CA   sing N N 129 
HIS N   H    sing N N 130 
HIS N   H2   sing N N 131 
HIS CA  C    sing N N 132 
HIS CA  CB   sing N N 133 
HIS CA  HA   sing N N 134 
HIS C   O    doub N N 135 
HIS C   OXT  sing N N 136 
HIS CB  CG   sing N N 137 
HIS CB  HB2  sing N N 138 
HIS CB  HB3  sing N N 139 
HIS CG  ND1  sing Y N 140 
HIS CG  CD2  doub Y N 141 
HIS ND1 CE1  doub Y N 142 
HIS ND1 HD1  sing N N 143 
HIS CD2 NE2  sing Y N 144 
HIS CD2 HD2  sing N N 145 
HIS CE1 NE2  sing Y N 146 
HIS CE1 HE1  sing N N 147 
HIS NE2 HE2  sing N N 148 
HIS OXT HXT  sing N N 149 
HOH O   H1   sing N N 150 
HOH O   H2   sing N N 151 
ILE N   CA   sing N N 152 
ILE N   H    sing N N 153 
ILE N   H2   sing N N 154 
ILE CA  C    sing N N 155 
ILE CA  CB   sing N N 156 
ILE CA  HA   sing N N 157 
ILE C   O    doub N N 158 
ILE C   OXT  sing N N 159 
ILE CB  CG1  sing N N 160 
ILE CB  CG2  sing N N 161 
ILE CB  HB   sing N N 162 
ILE CG1 CD1  sing N N 163 
ILE CG1 HG12 sing N N 164 
ILE CG1 HG13 sing N N 165 
ILE CG2 HG21 sing N N 166 
ILE CG2 HG22 sing N N 167 
ILE CG2 HG23 sing N N 168 
ILE CD1 HD11 sing N N 169 
ILE CD1 HD12 sing N N 170 
ILE CD1 HD13 sing N N 171 
ILE OXT HXT  sing N N 172 
LEU N   CA   sing N N 173 
LEU N   H    sing N N 174 
LEU N   H2   sing N N 175 
LEU CA  C    sing N N 176 
LEU CA  CB   sing N N 177 
LEU CA  HA   sing N N 178 
LEU C   O    doub N N 179 
LEU C   OXT  sing N N 180 
LEU CB  CG   sing N N 181 
LEU CB  HB2  sing N N 182 
LEU CB  HB3  sing N N 183 
LEU CG  CD1  sing N N 184 
LEU CG  CD2  sing N N 185 
LEU CG  HG   sing N N 186 
LEU CD1 HD11 sing N N 187 
LEU CD1 HD12 sing N N 188 
LEU CD1 HD13 sing N N 189 
LEU CD2 HD21 sing N N 190 
LEU CD2 HD22 sing N N 191 
LEU CD2 HD23 sing N N 192 
LEU OXT HXT  sing N N 193 
LYS N   CA   sing N N 194 
LYS N   H    sing N N 195 
LYS N   H2   sing N N 196 
LYS CA  C    sing N N 197 
LYS CA  CB   sing N N 198 
LYS CA  HA   sing N N 199 
LYS C   O    doub N N 200 
LYS C   OXT  sing N N 201 
LYS CB  CG   sing N N 202 
LYS CB  HB2  sing N N 203 
LYS CB  HB3  sing N N 204 
LYS CG  CD   sing N N 205 
LYS CG  HG2  sing N N 206 
LYS CG  HG3  sing N N 207 
LYS CD  CE   sing N N 208 
LYS CD  HD2  sing N N 209 
LYS CD  HD3  sing N N 210 
LYS CE  NZ   sing N N 211 
LYS CE  HE2  sing N N 212 
LYS CE  HE3  sing N N 213 
LYS NZ  HZ1  sing N N 214 
LYS NZ  HZ2  sing N N 215 
LYS NZ  HZ3  sing N N 216 
LYS OXT HXT  sing N N 217 
MET N   CA   sing N N 218 
MET N   H    sing N N 219 
MET N   H2   sing N N 220 
MET CA  C    sing N N 221 
MET CA  CB   sing N N 222 
MET CA  HA   sing N N 223 
MET C   O    doub N N 224 
MET C   OXT  sing N N 225 
MET CB  CG   sing N N 226 
MET CB  HB2  sing N N 227 
MET CB  HB3  sing N N 228 
MET CG  SD   sing N N 229 
MET CG  HG2  sing N N 230 
MET CG  HG3  sing N N 231 
MET SD  CE   sing N N 232 
MET CE  HE1  sing N N 233 
MET CE  HE2  sing N N 234 
MET CE  HE3  sing N N 235 
MET OXT HXT  sing N N 236 
PHE N   CA   sing N N 237 
PHE N   H    sing N N 238 
PHE N   H2   sing N N 239 
PHE CA  C    sing N N 240 
PHE CA  CB   sing N N 241 
PHE CA  HA   sing N N 242 
PHE C   O    doub N N 243 
PHE C   OXT  sing N N 244 
PHE CB  CG   sing N N 245 
PHE CB  HB2  sing N N 246 
PHE CB  HB3  sing N N 247 
PHE CG  CD1  doub Y N 248 
PHE CG  CD2  sing Y N 249 
PHE CD1 CE1  sing Y N 250 
PHE CD1 HD1  sing N N 251 
PHE CD2 CE2  doub Y N 252 
PHE CD2 HD2  sing N N 253 
PHE CE1 CZ   doub Y N 254 
PHE CE1 HE1  sing N N 255 
PHE CE2 CZ   sing Y N 256 
PHE CE2 HE2  sing N N 257 
PHE CZ  HZ   sing N N 258 
PHE OXT HXT  sing N N 259 
PRO N   CA   sing N N 260 
PRO N   CD   sing N N 261 
PRO N   H    sing N N 262 
PRO CA  C    sing N N 263 
PRO CA  CB   sing N N 264 
PRO CA  HA   sing N N 265 
PRO C   O    doub N N 266 
PRO C   OXT  sing N N 267 
PRO CB  CG   sing N N 268 
PRO CB  HB2  sing N N 269 
PRO CB  HB3  sing N N 270 
PRO CG  CD   sing N N 271 
PRO CG  HG2  sing N N 272 
PRO CG  HG3  sing N N 273 
PRO CD  HD2  sing N N 274 
PRO CD  HD3  sing N N 275 
PRO OXT HXT  sing N N 276 
SER N   CA   sing N N 277 
SER N   H    sing N N 278 
SER N   H2   sing N N 279 
SER CA  C    sing N N 280 
SER CA  CB   sing N N 281 
SER CA  HA   sing N N 282 
SER C   O    doub N N 283 
SER C   OXT  sing N N 284 
SER CB  OG   sing N N 285 
SER CB  HB2  sing N N 286 
SER CB  HB3  sing N N 287 
SER OG  HG   sing N N 288 
SER OXT HXT  sing N N 289 
THR N   CA   sing N N 290 
THR N   H    sing N N 291 
THR N   H2   sing N N 292 
THR CA  C    sing N N 293 
THR CA  CB   sing N N 294 
THR CA  HA   sing N N 295 
THR C   O    doub N N 296 
THR C   OXT  sing N N 297 
THR CB  OG1  sing N N 298 
THR CB  CG2  sing N N 299 
THR CB  HB   sing N N 300 
THR OG1 HG1  sing N N 301 
THR CG2 HG21 sing N N 302 
THR CG2 HG22 sing N N 303 
THR CG2 HG23 sing N N 304 
THR OXT HXT  sing N N 305 
TRP N   CA   sing N N 306 
TRP N   H    sing N N 307 
TRP N   H2   sing N N 308 
TRP CA  C    sing N N 309 
TRP CA  CB   sing N N 310 
TRP CA  HA   sing N N 311 
TRP C   O    doub N N 312 
TRP C   OXT  sing N N 313 
TRP CB  CG   sing N N 314 
TRP CB  HB2  sing N N 315 
TRP CB  HB3  sing N N 316 
TRP CG  CD1  doub Y N 317 
TRP CG  CD2  sing Y N 318 
TRP CD1 NE1  sing Y N 319 
TRP CD1 HD1  sing N N 320 
TRP CD2 CE2  doub Y N 321 
TRP CD2 CE3  sing Y N 322 
TRP NE1 CE2  sing Y N 323 
TRP NE1 HE1  sing N N 324 
TRP CE2 CZ2  sing Y N 325 
TRP CE3 CZ3  doub Y N 326 
TRP CE3 HE3  sing N N 327 
TRP CZ2 CH2  doub Y N 328 
TRP CZ2 HZ2  sing N N 329 
TRP CZ3 CH2  sing Y N 330 
TRP CZ3 HZ3  sing N N 331 
TRP CH2 HH2  sing N N 332 
TRP OXT HXT  sing N N 333 
TYR N   CA   sing N N 334 
TYR N   H    sing N N 335 
TYR N   H2   sing N N 336 
TYR CA  C    sing N N 337 
TYR CA  CB   sing N N 338 
TYR CA  HA   sing N N 339 
TYR C   O    doub N N 340 
TYR C   OXT  sing N N 341 
TYR CB  CG   sing N N 342 
TYR CB  HB2  sing N N 343 
TYR CB  HB3  sing N N 344 
TYR CG  CD1  doub Y N 345 
TYR CG  CD2  sing Y N 346 
TYR CD1 CE1  sing Y N 347 
TYR CD1 HD1  sing N N 348 
TYR CD2 CE2  doub Y N 349 
TYR CD2 HD2  sing N N 350 
TYR CE1 CZ   doub Y N 351 
TYR CE1 HE1  sing N N 352 
TYR CE2 CZ   sing Y N 353 
TYR CE2 HE2  sing N N 354 
TYR CZ  OH   sing N N 355 
TYR OH  HH   sing N N 356 
TYR OXT HXT  sing N N 357 
VAL N   CA   sing N N 358 
VAL N   H    sing N N 359 
VAL N   H2   sing N N 360 
VAL CA  C    sing N N 361 
VAL CA  CB   sing N N 362 
VAL CA  HA   sing N N 363 
VAL C   O    doub N N 364 
VAL C   OXT  sing N N 365 
VAL CB  CG1  sing N N 366 
VAL CB  CG2  sing N N 367 
VAL CB  HB   sing N N 368 
VAL CG1 HG11 sing N N 369 
VAL CG1 HG12 sing N N 370 
VAL CG1 HG13 sing N N 371 
VAL CG2 HG21 sing N N 372 
VAL CG2 HG22 sing N N 373 
VAL CG2 HG23 sing N N 374 
VAL OXT HXT  sing N N 375 
# 
_atom_sites.entry_id                    1HHL 
_atom_sites.fract_transf_matrix[1][1]   0.00746230 
_atom_sites.fract_transf_matrix[1][2]   -0.00573585 
_atom_sites.fract_transf_matrix[1][3]   0.00888821 
_atom_sites.fract_transf_matrix[2][1]   -0.00533520 
_atom_sites.fract_transf_matrix[2][2]   -0.00498812 
_atom_sites.fract_transf_matrix[2][3]   0.01068772 
_atom_sites.fract_transf_matrix[3][1]   -0.00189487 
_atom_sites.fract_transf_matrix[3][2]   -0.01420232 
_atom_sites.fract_transf_matrix[3][3]   -0.00757433 
_atom_sites.fract_transf_vector[1]      0.945715 
_atom_sites.fract_transf_vector[2]      0.285663 
_atom_sites.fract_transf_vector[3]      0.095023 
# 
loop_
_atom_type.symbol 
C 
N 
O 
S 
# 
loop_
_atom_site.group_PDB 
_atom_site.id 
_atom_site.type_symbol 
_atom_site.label_atom_id 
_atom_site.label_alt_id 
_atom_site.label_comp_id 
_atom_site.label_asym_id 
_atom_site.label_entity_id 
_atom_site.label_seq_id 
_atom_site.pdbx_PDB_ins_code 
_atom_site.Cartn_x 
_atom_site.Cartn_y 
_atom_site.Cartn_z 
_atom_site.occupancy 
_atom_site.B_iso_or_equiv 
_atom_site.pdbx_formal_charge 
_atom_site.auth_seq_id 
_atom_site.auth_comp_id 
_atom_site.auth_asym_id 
_atom_site.auth_atom_id 
_atom_site.pdbx_PDB_model_num 
ATOM   1    N N   . LYS A 1 1   ? 5.996   12.320  -1.528  1.00 15.73 ? 1   LYS A N   1 
ATOM   2    C CA  . LYS A 1 1   ? 7.155   12.019  -2.350  1.00 17.40 ? 1   LYS A CA  1 
ATOM   3    C C   . LYS A 1 1   ? 6.599   11.124  -3.448  1.00 15.40 ? 1   LYS A C   1 
ATOM   4    O O   . LYS A 1 1   ? 5.675   10.361  -3.161  1.00 15.17 ? 1   LYS A O   1 
ATOM   5    C CB  . LYS A 1 1   ? 8.153   11.209  -1.514  1.00 18.35 ? 1   LYS A CB  1 
ATOM   6    C CG  . LYS A 1 1   ? 9.309   10.650  -2.316  1.00 20.72 ? 1   LYS A CG  1 
ATOM   7    C CD  . LYS A 1 1   ? 10.036  9.675   -1.435  1.00 23.61 ? 1   LYS A CD  1 
ATOM   8    C CE  . LYS A 1 1   ? 11.156  8.962   -2.154  1.00 24.51 ? 1   LYS A CE  1 
ATOM   9    N NZ  . LYS A 1 1   ? 12.072  9.868   -2.818  1.00 24.89 ? 1   LYS A NZ  1 
ATOM   10   N N   . VAL A 1 2   ? 7.090   11.245  -4.673  1.00 15.07 ? 2   VAL A N   1 
ATOM   11   C CA  . VAL A 1 2   ? 6.689   10.358  -5.742  1.00 15.62 ? 2   VAL A CA  1 
ATOM   12   C C   . VAL A 1 2   ? 7.877   9.416   -5.863  1.00 15.69 ? 2   VAL A C   1 
ATOM   13   O O   . VAL A 1 2   ? 9.002   9.849   -6.146  1.00 16.11 ? 2   VAL A O   1 
ATOM   14   C CB  . VAL A 1 2   ? 6.432   11.128  -7.052  1.00 16.80 ? 2   VAL A CB  1 
ATOM   15   C CG1 . VAL A 1 2   ? 6.009   10.135  -8.141  1.00 17.77 ? 2   VAL A CG1 1 
ATOM   16   C CG2 . VAL A 1 2   ? 5.292   12.133  -6.876  1.00 16.17 ? 2   VAL A CG2 1 
ATOM   17   N N   . PHE A 1 3   ? 7.672   8.146   -5.536  1.00 15.40 ? 3   PHE A N   1 
ATOM   18   C CA  . PHE A 1 3   ? 8.722   7.168   -5.688  1.00 13.50 ? 3   PHE A CA  1 
ATOM   19   C C   . PHE A 1 3   ? 8.925   6.803   -7.137  1.00 12.85 ? 3   PHE A C   1 
ATOM   20   O O   . PHE A 1 3   ? 7.989   6.780   -7.939  1.00 13.48 ? 3   PHE A O   1 
ATOM   21   C CB  . PHE A 1 3   ? 8.424   5.887   -4.938  1.00 14.31 ? 3   PHE A CB  1 
ATOM   22   C CG  . PHE A 1 3   ? 8.455   6.043   -3.430  1.00 15.14 ? 3   PHE A CG  1 
ATOM   23   C CD1 . PHE A 1 3   ? 7.340   6.529   -2.761  1.00 16.19 ? 3   PHE A CD1 1 
ATOM   24   C CD2 . PHE A 1 3   ? 9.593   5.663   -2.732  1.00 16.20 ? 3   PHE A CD2 1 
ATOM   25   C CE1 . PHE A 1 3   ? 7.363   6.617   -1.377  1.00 17.65 ? 3   PHE A CE1 1 
ATOM   26   C CE2 . PHE A 1 3   ? 9.604   5.757   -1.349  1.00 18.24 ? 3   PHE A CE2 1 
ATOM   27   C CZ  . PHE A 1 3   ? 8.492   6.230   -0.671  1.00 18.00 ? 3   PHE A CZ  1 
ATOM   28   N N   . GLY A 1 4   ? 10.178  6.518   -7.479  1.00 12.16 ? 4   GLY A N   1 
ATOM   29   C CA  . GLY A 1 4   ? 10.460  5.849   -8.731  1.00 11.32 ? 4   GLY A CA  1 
ATOM   30   C C   . GLY A 1 4   ? 10.116  4.384   -8.555  1.00 10.67 ? 4   GLY A C   1 
ATOM   31   O O   . GLY A 1 4   ? 10.144  3.888   -7.430  1.00 9.37  ? 4   GLY A O   1 
ATOM   32   N N   . ARG A 1 5   ? 9.817   3.678   -9.638  1.00 10.55 ? 5   ARG A N   1 
ATOM   33   C CA  . ARG A 1 5   ? 9.451   2.265   -9.600  1.00 10.87 ? 5   ARG A CA  1 
ATOM   34   C C   . ARG A 1 5   ? 10.458  1.397   -8.861  1.00 8.24  ? 5   ARG A C   1 
ATOM   35   O O   . ARG A 1 5   ? 10.118  0.729   -7.884  1.00 8.77  ? 5   ARG A O   1 
ATOM   36   C CB  . ARG A 1 5   ? 9.273   1.784   -11.042 1.00 10.57 ? 5   ARG A CB  1 
ATOM   37   C CG  . ARG A 1 5   ? 8.857   0.318   -11.189 1.00 10.43 ? 5   ARG A CG  1 
ATOM   38   C CD  . ARG A 1 5   ? 8.523   0.008   -12.648 1.00 12.26 ? 5   ARG A CD  1 
ATOM   39   N NE  . ARG A 1 5   ? 9.636   0.276   -13.543 1.00 11.11 ? 5   ARG A NE  1 
ATOM   40   C CZ  . ARG A 1 5   ? 10.678  -0.549  -13.677 1.00 12.39 ? 5   ARG A CZ  1 
ATOM   41   N NH1 . ARG A 1 5   ? 10.779  -1.745  -13.055 1.00 9.22  ? 5   ARG A NH1 1 
ATOM   42   N NH2 . ARG A 1 5   ? 11.653  -0.132  -14.477 1.00 14.47 ? 5   ARG A NH2 1 
ATOM   43   N N   . CYS A 1 6   ? 11.720  1.450   -9.276  1.00 8.04  ? 6   CYS A N   1 
ATOM   44   C CA  . CYS A 1 6   ? 12.778  0.688   -8.621  1.00 8.43  ? 6   CYS A CA  1 
ATOM   45   C C   . CYS A 1 6   ? 13.070  1.153   -7.203  1.00 10.49 ? 6   CYS A C   1 
ATOM   46   O O   . CYS A 1 6   ? 13.371  0.352   -6.318  1.00 11.83 ? 6   CYS A O   1 
ATOM   47   C CB  . CYS A 1 6   ? 14.046  0.683   -9.462  1.00 8.43  ? 6   CYS A CB  1 
ATOM   48   S SG  . CYS A 1 6   ? 13.816  -0.215  -11.010 1.00 14.39 ? 6   CYS A SG  1 
ATOM   49   N N   . GLU A 1 7   ? 12.890  2.449   -6.949  1.00 11.16 ? 7   GLU A N   1 
ATOM   50   C CA  . GLU A 1 7   ? 13.104  3.010   -5.614  1.00 11.79 ? 7   GLU A CA  1 
ATOM   51   C C   . GLU A 1 7   ? 12.128  2.396   -4.619  1.00 10.49 ? 7   GLU A C   1 
ATOM   52   O O   . GLU A 1 7   ? 12.527  1.933   -3.544  1.00 9.13  ? 7   GLU A O   1 
ATOM   53   C CB  . GLU A 1 7   ? 12.908  4.509   -5.673  1.00 12.74 ? 7   GLU A CB  1 
ATOM   54   C CG  . GLU A 1 7   ? 13.156  5.207   -4.354  1.00 15.44 ? 7   GLU A CG  1 
ATOM   55   C CD  . GLU A 1 7   ? 12.962  6.719   -4.410  1.00 18.41 ? 7   GLU A CD  1 
ATOM   56   O OE1 . GLU A 1 7   ? 12.230  7.245   -5.253  1.00 18.32 ? 7   GLU A OE1 1 
ATOM   57   O OE2 . GLU A 1 7   ? 13.562  7.385   -3.573  1.00 21.15 ? 7   GLU A OE2 1 
ATOM   58   N N   . LEU A 1 8   ? 10.856  2.344   -5.033  1.00 10.17 ? 8   LEU A N   1 
ATOM   59   C CA  . LEU A 1 8   ? 9.803   1.778   -4.224  1.00 8.34  ? 8   LEU A CA  1 
ATOM   60   C C   . LEU A 1 8   ? 9.985   0.268   -4.108  1.00 7.93  ? 8   LEU A C   1 
ATOM   61   O O   . LEU A 1 8   ? 9.814   -0.275  -3.015  1.00 7.47  ? 8   LEU A O   1 
ATOM   62   C CB  . LEU A 1 8   ? 8.418   2.113   -4.805  1.00 8.02  ? 8   LEU A CB  1 
ATOM   63   C CG  . LEU A 1 8   ? 7.234   1.623   -3.978  1.00 10.82 ? 8   LEU A CG  1 
ATOM   64   C CD1 . LEU A 1 8   ? 7.252   2.216   -2.558  1.00 10.25 ? 8   LEU A CD1 1 
ATOM   65   C CD2 . LEU A 1 8   ? 5.912   1.941   -4.657  1.00 10.18 ? 8   LEU A CD2 1 
ATOM   66   N N   . ALA A 1 9   ? 10.352  -0.446  -5.179  1.00 8.34  ? 9   ALA A N   1 
ATOM   67   C CA  . ALA A 1 9   ? 10.581  -1.878  -5.089  1.00 7.09  ? 9   ALA A CA  1 
ATOM   68   C C   . ALA A 1 9   ? 11.651  -2.225  -4.054  1.00 8.21  ? 9   ALA A C   1 
ATOM   69   O O   . ALA A 1 9   ? 11.444  -3.109  -3.207  1.00 7.58  ? 9   ALA A O   1 
ATOM   70   C CB  . ALA A 1 9   ? 11.014  -2.402  -6.448  1.00 6.71  ? 9   ALA A CB  1 
ATOM   71   N N   . ALA A 1 10  ? 12.762  -1.480  -4.056  1.00 6.19  ? 10  ALA A N   1 
ATOM   72   C CA  . ALA A 1 10  ? 13.854  -1.804  -3.151  1.00 7.77  ? 10  ALA A CA  1 
ATOM   73   C C   . ALA A 1 10  ? 13.428  -1.512  -1.718  1.00 7.87  ? 10  ALA A C   1 
ATOM   74   O O   . ALA A 1 10  ? 13.751  -2.264  -0.797  1.00 8.37  ? 10  ALA A O   1 
ATOM   75   C CB  . ALA A 1 10  ? 15.087  -0.976  -3.489  1.00 8.01  ? 10  ALA A CB  1 
ATOM   76   N N   . ALA A 1 11  ? 12.657  -0.443  -1.500  1.00 8.14  ? 11  ALA A N   1 
ATOM   77   C CA  . ALA A 1 11  ? 12.217  -0.094  -0.168  1.00 9.34  ? 11  ALA A CA  1 
ATOM   78   C C   . ALA A 1 11  ? 11.282  -1.180  0.387   1.00 10.77 ? 11  ALA A C   1 
ATOM   79   O O   . ALA A 1 11  ? 11.411  -1.609  1.544   1.00 8.63  ? 11  ALA A O   1 
ATOM   80   C CB  . ALA A 1 11  ? 11.480  1.243   -0.235  1.00 9.63  ? 11  ALA A CB  1 
ATOM   81   N N   . MET A 1 12  ? 10.336  -1.653  -0.446  1.00 10.58 ? 12  MET A N   1 
ATOM   82   C CA  . MET A 1 12  ? 9.411   -2.709  -0.060  1.00 9.28  ? 12  MET A CA  1 
ATOM   83   C C   . MET A 1 12  ? 10.122  -4.025  0.243   1.00 9.71  ? 12  MET A C   1 
ATOM   84   O O   . MET A 1 12  ? 9.797   -4.723  1.219   1.00 8.71  ? 12  MET A O   1 
ATOM   85   C CB  . MET A 1 12  ? 8.368   -2.932  -1.134  1.00 9.28  ? 12  MET A CB  1 
ATOM   86   C CG  . MET A 1 12  ? 7.361   -1.800  -1.190  1.00 10.96 ? 12  MET A CG  1 
ATOM   87   S SD  . MET A 1 12  ? 6.170   -2.030  -2.523  1.00 13.69 ? 12  MET A SD  1 
ATOM   88   C CE  . MET A 1 12  ? 4.767   -1.154  -1.891  1.00 11.16 ? 12  MET A CE  1 
ATOM   89   N N   . LYS A 1 13  ? 11.125  -4.332  -0.589  1.00 9.66  ? 13  LYS A N   1 
ATOM   90   C CA  . LYS A 1 13  ? 11.979  -5.478  -0.367  1.00 9.58  ? 13  LYS A CA  1 
ATOM   91   C C   . LYS A 1 13  ? 12.674  -5.367  0.989   1.00 10.17 ? 13  LYS A C   1 
ATOM   92   O O   . LYS A 1 13  ? 12.587  -6.314  1.783   1.00 11.07 ? 13  LYS A O   1 
ATOM   93   C CB  . LYS A 1 13  ? 12.962  -5.650  -1.535  1.00 9.85  ? 13  LYS A CB  1 
ATOM   94   C CG  . LYS A 1 13  ? 13.678  -6.994  -1.416  1.00 11.06 ? 13  LYS A CG  1 
ATOM   95   C CD  . LYS A 1 13  ? 14.429  -7.346  -2.676  1.00 16.17 ? 13  LYS A CD  1 
ATOM   96   C CE  . LYS A 1 13  ? 15.393  -8.515  -2.435  1.00 16.94 ? 13  LYS A CE  1 
ATOM   97   N NZ  . LYS A 1 13  ? 14.674  -9.694  -1.987  1.00 21.45 ? 13  LYS A NZ  1 
ATOM   98   N N   . ARG A 1 14  ? 13.274  -4.210  1.329   1.00 9.44  ? 14  ARG A N   1 
ATOM   99   C CA  . ARG A 1 14  ? 13.905  -3.996  2.633   1.00 10.07 ? 14  ARG A CA  1 
ATOM   100  C C   . ARG A 1 14  ? 12.950  -4.245  3.791   1.00 10.41 ? 14  ARG A C   1 
ATOM   101  O O   . ARG A 1 14  ? 13.330  -4.669  4.886   1.00 10.34 ? 14  ARG A O   1 
ATOM   102  C CB  . ARG A 1 14  ? 14.501  -2.584  2.761   1.00 8.07  ? 14  ARG A CB  1 
ATOM   103  C CG  . ARG A 1 14  ? 15.767  -2.452  1.959   1.00 11.42 ? 14  ARG A CG  1 
ATOM   104  C CD  . ARG A 1 14  ? 16.584  -1.181  2.217   1.00 14.32 ? 14  ARG A CD  1 
ATOM   105  N NE  . ARG A 1 14  ? 16.060  -0.004  1.555   1.00 17.42 ? 14  ARG A NE  1 
ATOM   106  C CZ  . ARG A 1 14  ? 16.370  0.327   0.294   1.00 14.88 ? 14  ARG A CZ  1 
ATOM   107  N NH1 . ARG A 1 14  ? 17.261  -0.329  -0.480  1.00 14.14 ? 14  ARG A NH1 1 
ATOM   108  N NH2 . ARG A 1 14  ? 15.735  1.381   -0.193  1.00 14.38 ? 14  ARG A NH2 1 
ATOM   109  N N   . HIS A 1 15  ? 11.666  -3.982  3.596   1.00 10.34 ? 15  HIS A N   1 
ATOM   110  C CA  . HIS A 1 15  ? 10.706  -4.164  4.661   1.00 12.07 ? 15  HIS A CA  1 
ATOM   111  C C   . HIS A 1 15  ? 9.950   -5.493  4.604   1.00 13.16 ? 15  HIS A C   1 
ATOM   112  O O   . HIS A 1 15  ? 8.893   -5.619  5.217   1.00 14.15 ? 15  HIS A O   1 
ATOM   113  C CB  . HIS A 1 15  ? 9.782   -2.958  4.719   1.00 11.66 ? 15  HIS A CB  1 
ATOM   114  C CG  . HIS A 1 15  ? 10.496  -1.775  5.341   1.00 15.40 ? 15  HIS A CG  1 
ATOM   115  N ND1 . HIS A 1 15  ? 10.579  -1.464  6.632   1.00 16.74 ? 15  HIS A ND1 1 
ATOM   116  C CD2 . HIS A 1 15  ? 11.312  -0.904  4.655   1.00 16.14 ? 15  HIS A CD2 1 
ATOM   117  C CE1 . HIS A 1 15  ? 11.423  -0.472  6.763   1.00 17.34 ? 15  HIS A CE1 1 
ATOM   118  N NE2 . HIS A 1 15  ? 11.858  -0.152  5.574   1.00 18.11 ? 15  HIS A NE2 1 
ATOM   119  N N   . GLY A 1 16  ? 10.452  -6.508  3.894   1.00 12.18 ? 16  GLY A N   1 
ATOM   120  C CA  . GLY A 1 16  ? 9.921   -7.859  4.018   1.00 10.40 ? 16  GLY A CA  1 
ATOM   121  C C   . GLY A 1 16  ? 8.665   -8.145  3.202   1.00 9.59  ? 16  GLY A C   1 
ATOM   122  O O   . GLY A 1 16  ? 7.956   -9.130  3.459   1.00 10.70 ? 16  GLY A O   1 
ATOM   123  N N   . LEU A 1 17  ? 8.354   -7.315  2.200   1.00 7.21  ? 17  LEU A N   1 
ATOM   124  C CA  . LEU A 1 17  ? 7.160   -7.553  1.403   1.00 10.01 ? 17  LEU A CA  1 
ATOM   125  C C   . LEU A 1 17  ? 7.360   -8.582  0.291   1.00 10.18 ? 17  LEU A C   1 
ATOM   126  O O   . LEU A 1 17  ? 6.387   -9.099  -0.269  1.00 8.30  ? 17  LEU A O   1 
ATOM   127  C CB  . LEU A 1 17  ? 6.533   -6.264  0.825   1.00 9.93  ? 17  LEU A CB  1 
ATOM   128  C CG  . LEU A 1 17  ? 5.740   -5.383  1.821   1.00 12.69 ? 17  LEU A CG  1 
ATOM   129  C CD1 . LEU A 1 17  ? 5.260   -4.097  1.178   1.00 9.87  ? 17  LEU A CD1 1 
ATOM   130  C CD2 . LEU A 1 17  ? 4.532   -6.141  2.378   1.00 12.47 ? 17  LEU A CD2 1 
ATOM   131  N N   . ASP A 1 18  ? 8.605   -8.941  -0.028  1.00 9.84  ? 18  ASP A N   1 
ATOM   132  C CA  . ASP A 1 18  ? 8.868   -9.837  -1.137  1.00 10.20 ? 18  ASP A CA  1 
ATOM   133  C C   . ASP A 1 18  ? 8.419   -11.256 -0.806  1.00 7.69  ? 18  ASP A C   1 
ATOM   134  O O   . ASP A 1 18  ? 9.069   -11.969 -0.060  1.00 8.48  ? 18  ASP A O   1 
ATOM   135  C CB  . ASP A 1 18  ? 10.344  -9.792  -1.513  1.00 10.36 ? 18  ASP A CB  1 
ATOM   136  C CG  . ASP A 1 18  ? 10.707  -10.515 -2.818  1.00 12.25 ? 18  ASP A CG  1 
ATOM   137  O OD1 . ASP A 1 18  ? 9.822   -10.964 -3.574  1.00 10.76 ? 18  ASP A OD1 1 
ATOM   138  O OD2 . ASP A 1 18  ? 11.899  -10.627 -3.067  1.00 11.00 ? 18  ASP A OD2 1 
ATOM   139  N N   . ASN A 1 19  ? 7.264   -11.647 -1.346  1.00 8.79  ? 19  ASN A N   1 
ATOM   140  C CA  . ASN A 1 19  ? 6.705   -12.988 -1.180  1.00 8.99  ? 19  ASN A CA  1 
ATOM   141  C C   . ASN A 1 19  ? 6.100   -13.135 0.216   1.00 8.44  ? 19  ASN A C   1 
ATOM   142  O O   . ASN A 1 19  ? 5.873   -14.237 0.728   1.00 8.80  ? 19  ASN A O   1 
ATOM   143  C CB  . ASN A 1 19  ? 7.667   -14.157 -1.585  1.00 8.74  ? 19  ASN A CB  1 
ATOM   144  C CG  . ASN A 1 19  ? 6.950   -15.404 -2.122  1.00 7.68  ? 19  ASN A CG  1 
ATOM   145  O OD1 . ASN A 1 19  ? 7.274   -16.549 -1.821  1.00 10.30 ? 19  ASN A OD1 1 
ATOM   146  N ND2 . ASN A 1 19  ? 5.914   -15.258 -2.921  1.00 4.08  ? 19  ASN A ND2 1 
ATOM   147  N N   . TYR A 1 20  ? 5.707   -12.003 0.826   1.00 9.43  ? 20  TYR A N   1 
ATOM   148  C CA  . TYR A 1 20  ? 5.029   -12.011 2.107   1.00 8.47  ? 20  TYR A CA  1 
ATOM   149  C C   . TYR A 1 20  ? 3.695   -12.693 1.902   1.00 7.27  ? 20  TYR A C   1 
ATOM   150  O O   . TYR A 1 20  ? 2.897   -12.319 1.053   1.00 8.59  ? 20  TYR A O   1 
ATOM   151  C CB  . TYR A 1 20  ? 4.819   -10.606 2.673   1.00 8.77  ? 20  TYR A CB  1 
ATOM   152  C CG  . TYR A 1 20  ? 4.095   -10.599 4.014   1.00 10.29 ? 20  TYR A CG  1 
ATOM   153  C CD1 . TYR A 1 20  ? 4.764   -10.906 5.187   1.00 12.52 ? 20  TYR A CD1 1 
ATOM   154  C CD2 . TYR A 1 20  ? 2.748   -10.296 4.049   1.00 11.59 ? 20  TYR A CD2 1 
ATOM   155  C CE1 . TYR A 1 20  ? 4.076   -10.935 6.392   1.00 12.54 ? 20  TYR A CE1 1 
ATOM   156  C CE2 . TYR A 1 20  ? 2.059   -10.335 5.243   1.00 13.22 ? 20  TYR A CE2 1 
ATOM   157  C CZ  . TYR A 1 20  ? 2.730   -10.656 6.390   1.00 13.06 ? 20  TYR A CZ  1 
ATOM   158  O OH  . TYR A 1 20  ? 2.006   -10.695 7.545   1.00 17.31 ? 20  TYR A OH  1 
ATOM   159  N N   . ARG A 1 21  ? 3.490   -13.771 2.644   1.00 10.00 ? 21  ARG A N   1 
ATOM   160  C CA  . ARG A 1 21  ? 2.342   -14.657 2.450   1.00 12.83 ? 21  ARG A CA  1 
ATOM   161  C C   . ARG A 1 21  ? 2.172   -15.227 1.037   1.00 12.66 ? 21  ARG A C   1 
ATOM   162  O O   . ARG A 1 21  ? 1.074   -15.590 0.626   1.00 12.32 ? 21  ARG A O   1 
ATOM   163  C CB  . ARG A 1 21  ? 1.042   -14.034 2.949   1.00 13.53 ? 21  ARG A CB  1 
ATOM   164  C CG  . ARG A 1 21  ? 1.209   -13.906 4.438   1.00 19.75 ? 21  ARG A CG  1 
ATOM   165  C CD  . ARG A 1 21  ? -0.093  -13.558 5.082   1.00 25.87 ? 21  ARG A CD  1 
ATOM   166  N NE  . ARG A 1 21  ? 0.236   -13.167 6.439   1.00 32.34 ? 21  ARG A NE  1 
ATOM   167  C CZ  . ARG A 1 21  ? -0.045  -13.917 7.498   1.00 34.73 ? 21  ARG A CZ  1 
ATOM   168  N NH1 . ARG A 1 21  ? -0.833  -14.994 7.412   1.00 36.89 ? 21  ARG A NH1 1 
ATOM   169  N NH2 . ARG A 1 21  ? 0.520   -13.583 8.655   1.00 35.56 ? 21  ARG A NH2 1 
ATOM   170  N N   . GLY A 1 22  ? 3.261   -15.361 0.289   1.00 9.79  ? 22  GLY A N   1 
ATOM   171  C CA  . GLY A 1 22  ? 3.174   -15.865 -1.063  1.00 9.39  ? 22  GLY A CA  1 
ATOM   172  C C   . GLY A 1 22  ? 2.876   -14.773 -2.074  1.00 9.41  ? 22  GLY A C   1 
ATOM   173  O O   . GLY A 1 22  ? 2.714   -15.113 -3.238  1.00 9.95  ? 22  GLY A O   1 
ATOM   174  N N   . TYR A 1 23  ? 2.855   -13.473 -1.724  1.00 8.84  ? 23  TYR A N   1 
ATOM   175  C CA  . TYR A 1 23  ? 2.652   -12.415 -2.708  1.00 8.71  ? 23  TYR A CA  1 
ATOM   176  C C   . TYR A 1 23  ? 3.964   -11.750 -3.071  1.00 9.99  ? 23  TYR A C   1 
ATOM   177  O O   . TYR A 1 23  ? 4.581   -11.055 -2.245  1.00 8.27  ? 23  TYR A O   1 
ATOM   178  C CB  . TYR A 1 23  ? 1.672   -11.383 -2.166  1.00 12.74 ? 23  TYR A CB  1 
ATOM   179  C CG  . TYR A 1 23  ? 0.310   -12.000 -1.931  1.00 11.92 ? 23  TYR A CG  1 
ATOM   180  C CD1 . TYR A 1 23  ? -0.451  -12.376 -3.023  1.00 14.08 ? 23  TYR A CD1 1 
ATOM   181  C CD2 . TYR A 1 23  ? -0.113  -12.224 -0.639  1.00 12.93 ? 23  TYR A CD2 1 
ATOM   182  C CE1 . TYR A 1 23  ? -1.653  -13.003 -2.820  1.00 16.22 ? 23  TYR A CE1 1 
ATOM   183  C CE2 . TYR A 1 23  ? -1.326  -12.826 -0.429  1.00 15.79 ? 23  TYR A CE2 1 
ATOM   184  C CZ  . TYR A 1 23  ? -2.077  -13.198 -1.526  1.00 18.88 ? 23  TYR A CZ  1 
ATOM   185  O OH  . TYR A 1 23  ? -3.321  -13.732 -1.311  1.00 23.32 ? 23  TYR A OH  1 
ATOM   186  N N   . SER A 1 24  ? 4.467   -12.043 -4.272  1.00 8.82  ? 24  SER A N   1 
ATOM   187  C CA  . SER A 1 24  ? 5.820   -11.648 -4.656  1.00 9.46  ? 24  SER A CA  1 
ATOM   188  C C   . SER A 1 24  ? 5.946   -10.104 -4.739  1.00 7.16  ? 24  SER A C   1 
ATOM   189  O O   . SER A 1 24  ? 4.940   -9.397  -4.942  1.00 6.88  ? 24  SER A O   1 
ATOM   190  C CB  . SER A 1 24  ? 6.139   -12.273 -6.013  1.00 7.76  ? 24  SER A CB  1 
ATOM   191  O OG  . SER A 1 24  ? 5.303   -11.660 -7.006  1.00 12.21 ? 24  SER A OG  1 
ATOM   192  N N   . LEU A 1 25  ? 7.186   -9.582  -4.651  1.00 6.60  ? 25  LEU A N   1 
ATOM   193  C CA  . LEU A 1 25  ? 7.475   -8.148  -4.736  1.00 6.46  ? 25  LEU A CA  1 
ATOM   194  C C   . LEU A 1 25  ? 6.757   -7.450  -5.905  1.00 7.01  ? 25  LEU A C   1 
ATOM   195  O O   . LEU A 1 25  ? 6.135   -6.407  -5.684  1.00 6.57  ? 25  LEU A O   1 
ATOM   196  C CB  . LEU A 1 25  ? 8.956   -7.919  -4.996  1.00 5.47  ? 25  LEU A CB  1 
ATOM   197  C CG  . LEU A 1 25  ? 9.761   -6.931  -4.157  1.00 11.89 ? 25  LEU A CG  1 
ATOM   198  C CD1 . LEU A 1 25  ? 10.971  -6.434  -4.950  1.00 9.34  ? 25  LEU A CD1 1 
ATOM   199  C CD2 . LEU A 1 25  ? 8.941   -5.831  -3.500  1.00 8.65  ? 25  LEU A CD2 1 
ATOM   200  N N   . GLY A 1 26  ? 6.786   -7.978  -7.135  1.00 7.03  ? 26  GLY A N   1 
ATOM   201  C CA  . GLY A 1 26  ? 6.157   -7.329  -8.259  1.00 7.53  ? 26  GLY A CA  1 
ATOM   202  C C   . GLY A 1 26  ? 4.667   -7.085  -8.043  1.00 8.56  ? 26  GLY A C   1 
ATOM   203  O O   . GLY A 1 26  ? 4.106   -6.113  -8.582  1.00 6.90  ? 26  GLY A O   1 
ATOM   204  N N   . ASN A 1 27  ? 3.989   -7.918  -7.247  1.00 7.23  ? 27  ASN A N   1 
ATOM   205  C CA  . ASN A 1 27  ? 2.592   -7.669  -6.911  1.00 9.22  ? 27  ASN A CA  1 
ATOM   206  C C   . ASN A 1 27  ? 2.340   -6.386  -6.113  1.00 10.02 ? 27  ASN A C   1 
ATOM   207  O O   . ASN A 1 27  ? 1.411   -5.621  -6.413  1.00 7.97  ? 27  ASN A O   1 
ATOM   208  C CB  . ASN A 1 27  ? 1.981   -8.834  -6.157  1.00 10.51 ? 27  ASN A CB  1 
ATOM   209  C CG  . ASN A 1 27  ? 1.584   -9.943  -7.115  1.00 11.65 ? 27  ASN A CG  1 
ATOM   210  O OD1 . ASN A 1 27  ? 2.166   -11.023 -7.086  1.00 12.42 ? 27  ASN A OD1 1 
ATOM   211  N ND2 . ASN A 1 27  ? 0.647   -9.742  -8.037  1.00 7.93  ? 27  ASN A ND2 1 
ATOM   212  N N   . TRP A 1 28  ? 3.206   -6.134  -5.129  1.00 8.50  ? 28  TRP A N   1 
ATOM   213  C CA  . TRP A 1 28  ? 3.121   -4.951  -4.275  1.00 9.28  ? 28  TRP A CA  1 
ATOM   214  C C   . TRP A 1 28  ? 3.433   -3.685  -5.041  1.00 7.31  ? 28  TRP A C   1 
ATOM   215  O O   . TRP A 1 28  ? 2.713   -2.698  -4.923  1.00 9.42  ? 28  TRP A O   1 
ATOM   216  C CB  . TRP A 1 28  ? 4.074   -5.097  -3.094  1.00 7.83  ? 28  TRP A CB  1 
ATOM   217  C CG  . TRP A 1 28  ? 3.672   -6.258  -2.204  1.00 8.76  ? 28  TRP A CG  1 
ATOM   218  C CD1 . TRP A 1 28  ? 4.304   -7.472  -2.284  1.00 9.58  ? 28  TRP A CD1 1 
ATOM   219  C CD2 . TRP A 1 28  ? 2.690   -6.228  -1.248  1.00 9.09  ? 28  TRP A CD2 1 
ATOM   220  N NE1 . TRP A 1 28  ? 3.727   -8.209  -1.364  1.00 11.56 ? 28  TRP A NE1 1 
ATOM   221  C CE2 . TRP A 1 28  ? 2.760   -7.515  -0.729  1.00 10.31 ? 28  TRP A CE2 1 
ATOM   222  C CE3 . TRP A 1 28  ? 1.763   -5.317  -0.785  1.00 9.62  ? 28  TRP A CE3 1 
ATOM   223  C CZ2 . TRP A 1 28  ? 1.896   -7.917  0.274   1.00 10.17 ? 28  TRP A CZ2 1 
ATOM   224  C CZ3 . TRP A 1 28  ? 0.901   -5.721  0.223   1.00 11.48 ? 28  TRP A CZ3 1 
ATOM   225  C CH2 . TRP A 1 28  ? 0.966   -7.003  0.745   1.00 11.78 ? 28  TRP A CH2 1 
ATOM   226  N N   . VAL A 1 29  ? 4.455   -3.747  -5.894  1.00 6.20  ? 29  VAL A N   1 
ATOM   227  C CA  . VAL A 1 29  ? 4.803   -2.645  -6.775  1.00 7.67  ? 29  VAL A CA  1 
ATOM   228  C C   . VAL A 1 29  ? 3.691   -2.340  -7.771  1.00 7.26  ? 29  VAL A C   1 
ATOM   229  O O   . VAL A 1 29  ? 3.330   -1.172  -7.940  1.00 6.78  ? 29  VAL A O   1 
ATOM   230  C CB  . VAL A 1 29  ? 6.164   -2.893  -7.486  1.00 6.98  ? 29  VAL A CB  1 
ATOM   231  C CG1 . VAL A 1 29  ? 6.534   -1.761  -8.455  1.00 5.51  ? 29  VAL A CG1 1 
ATOM   232  C CG2 . VAL A 1 29  ? 7.241   -3.089  -6.410  1.00 6.33  ? 29  VAL A CG2 1 
ATOM   233  N N   . CYS A 1 30  ? 3.124   -3.340  -8.447  1.00 6.76  ? 30  CYS A N   1 
ATOM   234  C CA  . CYS A 1 30  ? 2.042   -3.115  -9.392  1.00 7.33  ? 30  CYS A CA  1 
ATOM   235  C C   . CYS A 1 30  ? 0.833   -2.474  -8.711  1.00 7.86  ? 30  CYS A C   1 
ATOM   236  O O   . CYS A 1 30  ? 0.216   -1.523  -9.217  1.00 8.11  ? 30  CYS A O   1 
ATOM   237  C CB  . CYS A 1 30  ? 1.694   -4.459  -10.049 1.00 7.96  ? 30  CYS A CB  1 
ATOM   238  S SG  . CYS A 1 30  ? 0.426   -4.413  -11.333 1.00 8.80  ? 30  CYS A SG  1 
ATOM   239  N N   . ALA A 1 31  ? 0.519   -2.927  -7.499  1.00 7.24  ? 31  ALA A N   1 
ATOM   240  C CA  . ALA A 1 31  ? -0.669  -2.441  -6.819  1.00 7.94  ? 31  ALA A CA  1 
ATOM   241  C C   . ALA A 1 31  ? -0.491  -0.957  -6.444  1.00 9.25  ? 31  ALA A C   1 
ATOM   242  O O   . ALA A 1 31  ? -1.408  -0.151  -6.630  1.00 7.85  ? 31  ALA A O   1 
ATOM   243  C CB  . ALA A 1 31  ? -0.906  -3.305  -5.586  1.00 7.69  ? 31  ALA A CB  1 
ATOM   244  N N   . ALA A 1 32  ? 0.729   -0.561  -6.035  1.00 8.56  ? 32  ALA A N   1 
ATOM   245  C CA  . ALA A 1 32  ? 1.045   0.817   -5.688  1.00 8.65  ? 32  ALA A CA  1 
ATOM   246  C C   . ALA A 1 32  ? 0.971   1.718   -6.903  1.00 7.09  ? 32  ALA A C   1 
ATOM   247  O O   . ALA A 1 32  ? 0.475   2.839   -6.792  1.00 7.48  ? 32  ALA A O   1 
ATOM   248  C CB  . ALA A 1 32  ? 2.447   0.883   -5.085  1.00 6.58  ? 32  ALA A CB  1 
ATOM   249  N N   . LYS A 1 33  ? 1.399   1.275   -8.093  1.00 7.88  ? 33  LYS A N   1 
ATOM   250  C CA  . LYS A 1 33  ? 1.279   2.050   -9.328  1.00 8.78  ? 33  LYS A CA  1 
ATOM   251  C C   . LYS A 1 33  ? -0.176  2.416   -9.576  1.00 9.32  ? 33  LYS A C   1 
ATOM   252  O O   . LYS A 1 33  ? -0.528  3.582   -9.755  1.00 8.35  ? 33  LYS A O   1 
ATOM   253  C CB  . LYS A 1 33  ? 1.816   1.264   -10.538 1.00 9.60  ? 33  LYS A CB  1 
ATOM   254  C CG  . LYS A 1 33  ? 1.585   1.942   -11.899 1.00 11.64 ? 33  LYS A CG  1 
ATOM   255  C CD  . LYS A 1 33  ? 2.451   3.196   -12.053 1.00 11.51 ? 33  LYS A CD  1 
ATOM   256  C CE  . LYS A 1 33  ? 2.199   3.919   -13.368 1.00 15.67 ? 33  LYS A CE  1 
ATOM   257  N NZ  . LYS A 1 33  ? 3.183   4.984   -13.510 1.00 19.96 ? 33  LYS A NZ  1 
ATOM   258  N N   . PHE A 1 34  ? -1.042  1.416   -9.556  1.00 10.62 ? 34  PHE A N   1 
ATOM   259  C CA  . PHE A 1 34  ? -2.431  1.632   -9.905  1.00 12.24 ? 34  PHE A CA  1 
ATOM   260  C C   . PHE A 1 34  ? -3.265  2.225   -8.771  1.00 12.00 ? 34  PHE A C   1 
ATOM   261  O O   . PHE A 1 34  ? -4.273  2.865   -9.034  1.00 12.34 ? 34  PHE A O   1 
ATOM   262  C CB  . PHE A 1 34  ? -3.011  0.344   -10.514 1.00 11.51 ? 34  PHE A CB  1 
ATOM   263  C CG  . PHE A 1 34  ? -2.336  0.019   -11.854 1.00 10.77 ? 34  PHE A CG  1 
ATOM   264  C CD1 . PHE A 1 34  ? -2.621  0.772   -12.986 1.00 12.27 ? 34  PHE A CD1 1 
ATOM   265  C CD2 . PHE A 1 34  ? -1.394  -0.992  -11.940 1.00 11.08 ? 34  PHE A CD2 1 
ATOM   266  C CE1 . PHE A 1 34  ? -1.954  0.524   -14.177 1.00 13.64 ? 34  PHE A CE1 1 
ATOM   267  C CE2 . PHE A 1 34  ? -0.750  -1.242  -13.139 1.00 9.35  ? 34  PHE A CE2 1 
ATOM   268  C CZ  . PHE A 1 34  ? -1.018  -0.491  -14.256 1.00 10.40 ? 34  PHE A CZ  1 
ATOM   269  N N   . GLU A 1 35  ? -2.884  2.056   -7.511  1.00 11.22 ? 35  GLU A N   1 
ATOM   270  C CA  . GLU A 1 35  ? -3.542  2.719   -6.404  1.00 14.01 ? 35  GLU A CA  1 
ATOM   271  C C   . GLU A 1 35  ? -3.192  4.202   -6.291  1.00 14.54 ? 35  GLU A C   1 
ATOM   272  O O   . GLU A 1 35  ? -4.091  5.032   -6.116  1.00 14.03 ? 35  GLU A O   1 
ATOM   273  C CB  . GLU A 1 35  ? -3.211  2.041   -5.071  1.00 13.16 ? 35  GLU A CB  1 
ATOM   274  C CG  . GLU A 1 35  ? -3.883  0.674   -4.884  1.00 16.09 ? 35  GLU A CG  1 
ATOM   275  C CD  . GLU A 1 35  ? -5.410  0.664   -4.721  1.00 20.12 ? 35  GLU A CD  1 
ATOM   276  O OE1 . GLU A 1 35  ? -6.000  1.658   -4.298  1.00 20.02 ? 35  GLU A OE1 1 
ATOM   277  O OE2 . GLU A 1 35  ? -6.020  -0.363  -5.007  1.00 20.48 ? 35  GLU A OE2 1 
ATOM   278  N N   . SER A 1 36  ? -1.909  4.573   -6.363  1.00 13.17 ? 36  SER A N   1 
ATOM   279  C CA  . SER A 1 36  ? -1.496  5.932   -6.041  1.00 13.51 ? 36  SER A CA  1 
ATOM   280  C C   . SER A 1 36  ? -0.590  6.568   -7.075  1.00 14.07 ? 36  SER A C   1 
ATOM   281  O O   . SER A 1 36  ? -0.120  7.693   -6.868  1.00 14.42 ? 36  SER A O   1 
ATOM   282  C CB  . SER A 1 36  ? -0.727  5.929   -4.729  1.00 11.09 ? 36  SER A CB  1 
ATOM   283  O OG  . SER A 1 36  ? 0.463   5.164   -4.868  1.00 10.32 ? 36  SER A OG  1 
ATOM   284  N N   . ASN A 1 37  ? -0.265  5.857   -8.163  1.00 13.76 ? 37  ASN A N   1 
ATOM   285  C CA  . ASN A 1 37  ? 0.790   6.269   -9.066  1.00 12.19 ? 37  ASN A CA  1 
ATOM   286  C C   . ASN A 1 37  ? 2.116   6.574   -8.358  1.00 13.78 ? 37  ASN A C   1 
ATOM   287  O O   . ASN A 1 37  ? 2.861   7.498   -8.698  1.00 13.94 ? 37  ASN A O   1 
ATOM   288  C CB  . ASN A 1 37  ? 0.318   7.429   -9.946  1.00 15.61 ? 37  ASN A CB  1 
ATOM   289  C CG  . ASN A 1 37  ? 1.238   7.638   -11.133 1.00 18.96 ? 37  ASN A CG  1 
ATOM   290  O OD1 . ASN A 1 37  ? 1.785   6.706   -11.713 1.00 22.49 ? 37  ASN A OD1 1 
ATOM   291  N ND2 . ASN A 1 37  ? 1.474   8.858   -11.563 1.00 21.18 ? 37  ASN A ND2 1 
ATOM   292  N N   . PHE A 1 38  ? 2.399   5.798   -7.299  1.00 12.47 ? 38  PHE A N   1 
ATOM   293  C CA  . PHE A 1 38  ? 3.645   5.877   -6.523  1.00 11.61 ? 38  PHE A CA  1 
ATOM   294  C C   . PHE A 1 38  ? 3.782   7.161   -5.696  1.00 11.36 ? 38  PHE A C   1 
ATOM   295  O O   . PHE A 1 38  ? 4.886   7.518   -5.244  1.00 10.14 ? 38  PHE A O   1 
ATOM   296  C CB  . PHE A 1 38  ? 4.904   5.713   -7.400  1.00 11.81 ? 38  PHE A CB  1 
ATOM   297  C CG  . PHE A 1 38  ? 4.989   4.417   -8.192  1.00 10.85 ? 38  PHE A CG  1 
ATOM   298  C CD1 . PHE A 1 38  ? 4.572   3.210   -7.638  1.00 10.05 ? 38  PHE A CD1 1 
ATOM   299  C CD2 . PHE A 1 38  ? 5.563   4.451   -9.447  1.00 10.31 ? 38  PHE A CD2 1 
ATOM   300  C CE1 . PHE A 1 38  ? 4.800   2.024   -8.310  1.00 9.82  ? 38  PHE A CE1 1 
ATOM   301  C CE2 . PHE A 1 38  ? 5.746   3.260   -10.128 1.00 10.69 ? 38  PHE A CE2 1 
ATOM   302  C CZ  . PHE A 1 38  ? 5.385   2.052   -9.559  1.00 9.28  ? 38  PHE A CZ  1 
ATOM   303  N N   . ASN A 1 39  ? 2.660   7.856   -5.475  1.00 11.14 ? 39  ASN A N   1 
ATOM   304  C CA  . ASN A 1 39  ? 2.671   9.128   -4.768  1.00 11.75 ? 39  ASN A CA  1 
ATOM   305  C C   . ASN A 1 39  ? 2.276   8.944   -3.304  1.00 10.15 ? 39  ASN A C   1 
ATOM   306  O O   . ASN A 1 39  ? 1.105   8.695   -3.002  1.00 10.21 ? 39  ASN A O   1 
ATOM   307  C CB  . ASN A 1 39  ? 1.745   10.123  -5.475  1.00 13.31 ? 39  ASN A CB  1 
ATOM   308  C CG  . ASN A 1 39  ? 1.646   11.479  -4.776  1.00 15.31 ? 39  ASN A CG  1 
ATOM   309  O OD1 . ASN A 1 39  ? 2.405   11.825  -3.859  1.00 16.24 ? 39  ASN A OD1 1 
ATOM   310  N ND2 . ASN A 1 39  ? 0.656   12.280  -5.137  1.00 15.71 ? 39  ASN A ND2 1 
ATOM   311  N N   . SER A 1 40  ? 3.221   9.082   -2.372  1.00 10.55 ? 40  SER A N   1 
ATOM   312  C CA  . SER A 1 40  ? 2.948   8.959   -0.934  1.00 13.72 ? 40  SER A CA  1 
ATOM   313  C C   . SER A 1 40  ? 1.942   9.984   -0.384  1.00 14.58 ? 40  SER A C   1 
ATOM   314  O O   . SER A 1 40  ? 1.283   9.743   0.638   1.00 12.80 ? 40  SER A O   1 
ATOM   315  C CB  . SER A 1 40  ? 4.255   9.011   -0.140  1.00 12.08 ? 40  SER A CB  1 
ATOM   316  O OG  . SER A 1 40  ? 4.837   10.308  -0.047  1.00 14.86 ? 40  SER A OG  1 
ATOM   317  N N   . GLN A 1 41  ? 1.780   11.122  -1.071  1.00 14.78 ? 41  GLN A N   1 
ATOM   318  C CA  . GLN A 1 41  ? 0.868   12.156  -0.615  1.00 16.01 ? 41  GLN A CA  1 
ATOM   319  C C   . GLN A 1 41  ? -0.495  12.044  -1.275  1.00 16.96 ? 41  GLN A C   1 
ATOM   320  O O   . GLN A 1 41  ? -1.338  12.919  -1.073  1.00 17.15 ? 41  GLN A O   1 
ATOM   321  C CB  . GLN A 1 41  ? 1.459   13.508  -0.956  1.00 18.00 ? 41  GLN A CB  1 
ATOM   322  C CG  . GLN A 1 41  ? 2.711   13.868  -0.181  1.00 23.44 ? 41  GLN A CG  1 
ATOM   323  C CD  . GLN A 1 41  ? 2.429   14.208  1.278   1.00 29.22 ? 41  GLN A CD  1 
ATOM   324  O OE1 . GLN A 1 41  ? 1.415   14.791  1.656   1.00 31.96 ? 41  GLN A OE1 1 
ATOM   325  N NE2 . GLN A 1 41  ? 3.322   13.843  2.181   1.00 33.33 ? 41  GLN A NE2 1 
ATOM   326  N N   . ALA A 1 42  ? -0.775  11.044  -2.125  1.00 15.01 ? 42  ALA A N   1 
ATOM   327  C CA  . ALA A 1 42  ? -2.097  10.908  -2.734  1.00 16.35 ? 42  ALA A CA  1 
ATOM   328  C C   . ALA A 1 42  ? -3.115  10.614  -1.636  1.00 17.96 ? 42  ALA A C   1 
ATOM   329  O O   . ALA A 1 42  ? -2.850  9.816   -0.725  1.00 19.22 ? 42  ALA A O   1 
ATOM   330  C CB  . ALA A 1 42  ? -2.146  9.716   -3.709  1.00 13.63 ? 42  ALA A CB  1 
ATOM   331  N N   . THR A 1 43  ? -4.276  11.246  -1.688  1.00 18.68 ? 43  THR A N   1 
ATOM   332  C CA  . THR A 1 43  ? -5.307  11.038  -0.693  1.00 22.21 ? 43  THR A CA  1 
ATOM   333  C C   . THR A 1 43  ? -6.639  10.984  -1.434  1.00 23.30 ? 43  THR A C   1 
ATOM   334  O O   . THR A 1 43  ? -6.835  11.686  -2.428  1.00 24.21 ? 43  THR A O   1 
ATOM   335  C CB  . THR A 1 43  ? -5.316  12.159  0.390   1.00 23.97 ? 43  THR A CB  1 
ATOM   336  O OG1 . THR A 1 43  ? -5.484  13.385  -0.300  1.00 28.04 ? 43  THR A OG1 1 
ATOM   337  C CG2 . THR A 1 43  ? -4.082  12.240  1.262   1.00 21.91 ? 43  THR A CG2 1 
ATOM   338  N N   . ASN A 1 44  ? -7.560  10.143  -1.021  1.00 24.75 ? 44  ASN A N   1 
ATOM   339  C CA  . ASN A 1 44  ? -8.829  10.055  -1.694  1.00 27.49 ? 44  ASN A CA  1 
ATOM   340  C C   . ASN A 1 44  ? -9.899  10.102  -0.624  1.00 29.37 ? 44  ASN A C   1 
ATOM   341  O O   . ASN A 1 44  ? -10.009 9.193   0.212   1.00 28.75 ? 44  ASN A O   1 
ATOM   342  C CB  . ASN A 1 44  ? -8.940  8.762   -2.477  1.00 29.15 ? 44  ASN A CB  1 
ATOM   343  C CG  . ASN A 1 44  ? -10.332 8.661   -3.072  1.00 32.86 ? 44  ASN A CG  1 
ATOM   344  O OD1 . ASN A 1 44  ? -10.632 9.338   -4.053  1.00 34.32 ? 44  ASN A OD1 1 
ATOM   345  N ND2 . ASN A 1 44  ? -11.251 7.891   -2.500  1.00 33.76 ? 44  ASN A ND2 1 
ATOM   346  N N   . ARG A 1 45  ? -10.652 11.196  -0.617  1.00 31.12 ? 45  ARG A N   1 
ATOM   347  C CA  . ARG A 1 45  ? -11.660 11.405  0.405   1.00 33.81 ? 45  ARG A CA  1 
ATOM   348  C C   . ARG A 1 45  ? -12.891 10.650  -0.043  1.00 35.26 ? 45  ARG A C   1 
ATOM   349  O O   . ARG A 1 45  ? -13.244 10.652  -1.223  1.00 35.78 ? 45  ARG A O   1 
ATOM   350  C CB  . ARG A 1 45  ? -12.012 12.883  0.522   1.00 33.54 ? 45  ARG A CB  1 
ATOM   351  N N   . ASN A 1 46  ? -13.536 9.990   0.903   1.00 38.34 ? 46  ASN A N   1 
ATOM   352  C CA  . ASN A 1 46  ? -14.659 9.126   0.597   1.00 42.06 ? 46  ASN A CA  1 
ATOM   353  C C   . ASN A 1 46  ? -15.927 9.706   1.218   1.00 44.43 ? 46  ASN A C   1 
ATOM   354  O O   . ASN A 1 46  ? -15.897 10.391  2.249   1.00 43.76 ? 46  ASN A O   1 
ATOM   355  C CB  . ASN A 1 46  ? -14.431 7.734   1.153   1.00 42.56 ? 46  ASN A CB  1 
ATOM   356  C CG  . ASN A 1 46  ? -13.200 7.060   0.589   1.00 44.23 ? 46  ASN A CG  1 
ATOM   357  O OD1 . ASN A 1 46  ? -13.074 6.824   -0.605  1.00 46.26 ? 46  ASN A OD1 1 
ATOM   358  N ND2 . ASN A 1 46  ? -12.196 6.732   1.383   1.00 45.21 ? 46  ASN A ND2 1 
ATOM   359  N N   . THR A 1 47  ? -17.066 9.360   0.627   1.00 45.66 ? 47  THR A N   1 
ATOM   360  C CA  . THR A 1 47  ? -18.394 9.855   0.992   1.00 46.24 ? 47  THR A CA  1 
ATOM   361  C C   . THR A 1 47  ? -18.761 9.778   2.466   1.00 44.21 ? 47  THR A C   1 
ATOM   362  O O   . THR A 1 47  ? -19.383 10.679  3.019   1.00 45.58 ? 47  THR A O   1 
ATOM   363  C CB  . THR A 1 47  ? -19.435 9.099   0.143   1.00 48.53 ? 47  THR A CB  1 
ATOM   364  O OG1 . THR A 1 47  ? -18.891 7.795   -0.156  1.00 50.79 ? 47  THR A OG1 1 
ATOM   365  C CG2 . THR A 1 47  ? -19.769 9.897   -1.110  1.00 49.61 ? 47  THR A CG2 1 
ATOM   366  N N   . ASP A 1 48  ? -18.323 8.696   3.103   1.00 39.95 ? 48  ASP A N   1 
ATOM   367  C CA  . ASP A 1 48  ? -18.480 8.489   4.530   1.00 36.33 ? 48  ASP A CA  1 
ATOM   368  C C   . ASP A 1 48  ? -17.514 9.294   5.400   1.00 33.72 ? 48  ASP A C   1 
ATOM   369  O O   . ASP A 1 48  ? -17.397 9.042   6.600   1.00 33.19 ? 48  ASP A O   1 
ATOM   370  C CB  . ASP A 1 48  ? -18.291 6.996   4.798   1.00 36.65 ? 48  ASP A CB  1 
ATOM   371  C CG  . ASP A 1 48  ? -16.878 6.450   4.586   1.00 37.85 ? 48  ASP A CG  1 
ATOM   372  O OD1 . ASP A 1 48  ? -16.080 7.072   3.874   1.00 37.35 ? 48  ASP A OD1 1 
ATOM   373  O OD2 . ASP A 1 48  ? -16.577 5.398   5.158   1.00 37.37 ? 48  ASP A OD2 1 
ATOM   374  N N   . GLY A 1 49  ? -16.742 10.192  4.802   1.00 30.94 ? 49  GLY A N   1 
ATOM   375  C CA  . GLY A 1 49  ? -15.813 11.021  5.539   1.00 31.85 ? 49  GLY A CA  1 
ATOM   376  C C   . GLY A 1 49  ? -14.450 10.402  5.829   1.00 30.41 ? 49  GLY A C   1 
ATOM   377  O O   . GLY A 1 49  ? -13.640 11.026  6.530   1.00 31.32 ? 49  GLY A O   1 
ATOM   378  N N   . SER A 1 50  ? -14.169 9.180   5.366   1.00 26.89 ? 50  SER A N   1 
ATOM   379  C CA  . SER A 1 50  ? -12.826 8.639   5.549   1.00 23.10 ? 50  SER A CA  1 
ATOM   380  C C   . SER A 1 50  ? -11.944 9.068   4.387   1.00 21.35 ? 50  SER A C   1 
ATOM   381  O O   . SER A 1 50  ? -12.465 9.461   3.337   1.00 21.85 ? 50  SER A O   1 
ATOM   382  C CB  . SER A 1 50  ? -12.877 7.118   5.699   1.00 22.05 ? 50  SER A CB  1 
ATOM   383  O OG  . SER A 1 50  ? -13.406 6.502   4.530   1.00 19.65 ? 50  SER A OG  1 
ATOM   384  N N   . THR A 1 51  ? -10.635 8.994   4.529   1.00 18.65 ? 51  THR A N   1 
ATOM   385  C CA  . THR A 1 51  ? -9.745  9.246   3.410   1.00 18.46 ? 51  THR A CA  1 
ATOM   386  C C   . THR A 1 51  ? -8.790  8.072   3.259   1.00 17.76 ? 51  THR A C   1 
ATOM   387  O O   . THR A 1 51  ? -8.481  7.384   4.251   1.00 14.09 ? 51  THR A O   1 
ATOM   388  C CB  . THR A 1 51  ? -8.959  10.534  3.752   1.00 19.22 ? 51  THR A CB  1 
ATOM   389  O OG1 . THR A 1 51  ? -9.939  11.477  4.153   1.00 19.57 ? 51  THR A OG1 1 
ATOM   390  C CG2 . THR A 1 51  ? -8.121  11.097  2.618   1.00 17.11 ? 51  THR A CG2 1 
ATOM   391  N N   . ASP A 1 52  ? -8.335  7.836   2.024   1.00 18.30 ? 52  ASP A N   1 
ATOM   392  C CA  . ASP A 1 52  ? -7.317  6.825   1.754   1.00 16.90 ? 52  ASP A CA  1 
ATOM   393  C C   . ASP A 1 52  ? -5.981  7.519   1.608   1.00 15.44 ? 52  ASP A C   1 
ATOM   394  O O   . ASP A 1 52  ? -5.904  8.577   0.968   1.00 12.48 ? 52  ASP A O   1 
ATOM   395  C CB  . ASP A 1 52  ? -7.625  6.114   0.459   1.00 17.05 ? 52  ASP A CB  1 
ATOM   396  C CG  . ASP A 1 52  ? -9.012  5.500   0.448   1.00 19.69 ? 52  ASP A CG  1 
ATOM   397  O OD1 . ASP A 1 52  ? -9.402  4.861   1.423   1.00 20.01 ? 52  ASP A OD1 1 
ATOM   398  O OD2 . ASP A 1 52  ? -9.707  5.680   -0.545  1.00 22.70 ? 52  ASP A OD2 1 
ATOM   399  N N   . TYR A 1 53  ? -4.964  6.922   2.218   1.00 14.34 ? 53  TYR A N   1 
ATOM   400  C CA  . TYR A 1 53  ? -3.650  7.531   2.368   1.00 15.38 ? 53  TYR A CA  1 
ATOM   401  C C   . TYR A 1 53  ? -2.494  6.693   1.848   1.00 14.48 ? 53  TYR A C   1 
ATOM   402  O O   . TYR A 1 53  ? -2.487  5.463   2.010   1.00 15.04 ? 53  TYR A O   1 
ATOM   403  C CB  . TYR A 1 53  ? -3.362  7.768   3.847   1.00 14.78 ? 53  TYR A CB  1 
ATOM   404  C CG  . TYR A 1 53  ? -4.214  8.868   4.450   1.00 17.29 ? 53  TYR A CG  1 
ATOM   405  C CD1 . TYR A 1 53  ? -3.829  10.190  4.294   1.00 15.92 ? 53  TYR A CD1 1 
ATOM   406  C CD2 . TYR A 1 53  ? -5.372  8.532   5.132   1.00 15.67 ? 53  TYR A CD2 1 
ATOM   407  C CE1 . TYR A 1 53  ? -4.613  11.188  4.827   1.00 16.42 ? 53  TYR A CE1 1 
ATOM   408  C CE2 . TYR A 1 53  ? -6.152  9.534   5.673   1.00 16.74 ? 53  TYR A CE2 1 
ATOM   409  C CZ  . TYR A 1 53  ? -5.757  10.846  5.509   1.00 15.26 ? 53  TYR A CZ  1 
ATOM   410  O OH  . TYR A 1 53  ? -6.542  11.840  6.023   1.00 15.08 ? 53  TYR A OH  1 
ATOM   411  N N   . GLY A 1 54  ? -1.518  7.354   1.234   1.00 12.66 ? 54  GLY A N   1 
ATOM   412  C CA  . GLY A 1 54  ? -0.222  6.764   0.992   1.00 10.94 ? 54  GLY A CA  1 
ATOM   413  C C   . GLY A 1 54  ? -0.201  5.999   -0.330  1.00 12.92 ? 54  GLY A C   1 
ATOM   414  O O   . GLY A 1 54  ? -1.189  5.988   -1.081  1.00 12.07 ? 54  GLY A O   1 
ATOM   415  N N   . VAL A 1 55  ? 0.917   5.299   -0.583  1.00 10.68 ? 55  VAL A N   1 
ATOM   416  C CA  . VAL A 1 55  ? 1.115   4.568   -1.823  1.00 10.31 ? 55  VAL A CA  1 
ATOM   417  C C   . VAL A 1 55  ? 0.125   3.422   -2.011  1.00 8.92  ? 55  VAL A C   1 
ATOM   418  O O   . VAL A 1 55  ? -0.199  3.076   -3.139  1.00 7.86  ? 55  VAL A O   1 
ATOM   419  C CB  . VAL A 1 55  ? 2.595   4.129   -2.107  1.00 8.21  ? 55  VAL A CB  1 
ATOM   420  C CG1 . VAL A 1 55  ? 3.508   5.360   -2.160  1.00 8.21  ? 55  VAL A CG1 1 
ATOM   421  C CG2 . VAL A 1 55  ? 3.134   3.082   -1.148  1.00 7.13  ? 55  VAL A CG2 1 
ATOM   422  N N   . LEU A 1 56  ? -0.413  2.836   -0.940  1.00 8.74  ? 56  LEU A N   1 
ATOM   423  C CA  . LEU A 1 56  ? -1.402  1.787   -1.083  1.00 11.78 ? 56  LEU A CA  1 
ATOM   424  C C   . LEU A 1 56  ? -2.813  2.208   -0.694  1.00 13.64 ? 56  LEU A C   1 
ATOM   425  O O   . LEU A 1 56  ? -3.688  1.351   -0.523  1.00 13.46 ? 56  LEU A O   1 
ATOM   426  C CB  . LEU A 1 56  ? -0.951  0.537   -0.323  1.00 9.61  ? 56  LEU A CB  1 
ATOM   427  C CG  . LEU A 1 56  ? 0.203   -0.236  -0.955  1.00 7.42  ? 56  LEU A CG  1 
ATOM   428  C CD1 . LEU A 1 56  ? 0.730   -1.249  0.034   1.00 8.52  ? 56  LEU A CD1 1 
ATOM   429  C CD2 . LEU A 1 56  ? -0.236  -0.871  -2.250  1.00 5.31  ? 56  LEU A CD2 1 
ATOM   430  N N   . GLN A 1 57  ? -3.042  3.523   -0.522  1.00 12.04 ? 57  GLN A N   1 
ATOM   431  C CA  . GLN A 1 57  ? -4.374  4.067   -0.312  1.00 12.30 ? 57  GLN A CA  1 
ATOM   432  C C   . GLN A 1 57  ? -5.153  3.380   0.796   1.00 11.27 ? 57  GLN A C   1 
ATOM   433  O O   . GLN A 1 57  ? -6.243  2.844   0.612   1.00 13.31 ? 57  GLN A O   1 
ATOM   434  C CB  . GLN A 1 57  ? -5.138  4.076   -1.631  1.00 11.73 ? 57  GLN A CB  1 
ATOM   435  C CG  . GLN A 1 57  ? -4.518  5.049   -2.610  1.00 14.57 ? 57  GLN A CG  1 
ATOM   436  C CD  . GLN A 1 57  ? -4.714  6.490   -2.170  1.00 17.24 ? 57  GLN A CD  1 
ATOM   437  O OE1 . GLN A 1 57  ? -5.782  7.054   -2.395  1.00 18.61 ? 57  GLN A OE1 1 
ATOM   438  N NE2 . GLN A 1 57  ? -3.747  7.145   -1.535  1.00 14.66 ? 57  GLN A NE2 1 
ATOM   439  N N   . ILE A 1 58  ? -4.547  3.390   1.977   1.00 10.89 ? 58  ILE A N   1 
ATOM   440  C CA  . ILE A 1 58  ? -5.112  2.715   3.120   1.00 12.17 ? 58  ILE A CA  1 
ATOM   441  C C   . ILE A 1 58  ? -6.150  3.619   3.780   1.00 14.76 ? 58  ILE A C   1 
ATOM   442  O O   . ILE A 1 58  ? -5.932  4.832   3.878   1.00 15.86 ? 58  ILE A O   1 
ATOM   443  C CB  . ILE A 1 58  ? -3.939  2.302   4.008   1.00 10.90 ? 58  ILE A CB  1 
ATOM   444  C CG1 . ILE A 1 58  ? -3.176  1.159   3.314   1.00 9.87  ? 58  ILE A CG1 1 
ATOM   445  C CG2 . ILE A 1 58  ? -4.400  1.920   5.412   1.00 10.50 ? 58  ILE A CG2 1 
ATOM   446  C CD1 . ILE A 1 58  ? -1.901  0.732   4.063   1.00 9.41  ? 58  ILE A CD1 1 
ATOM   447  N N   . ASN A 1 59  ? -7.271  3.068   4.236   1.00 13.15 ? 59  ASN A N   1 
ATOM   448  C CA  . ASN A 1 59  ? -8.396  3.868   4.693   1.00 14.89 ? 59  ASN A CA  1 
ATOM   449  C C   . ASN A 1 59  ? -8.441  4.211   6.187   1.00 15.42 ? 59  ASN A C   1 
ATOM   450  O O   . ASN A 1 59  ? -8.245  3.337   7.042   1.00 14.40 ? 59  ASN A O   1 
ATOM   451  C CB  . ASN A 1 59  ? -9.666  3.149   4.290   1.00 15.78 ? 59  ASN A CB  1 
ATOM   452  C CG  . ASN A 1 59  ? -10.915 3.966   4.546   1.00 17.32 ? 59  ASN A CG  1 
ATOM   453  O OD1 . ASN A 1 59  ? -11.484 3.913   5.631   1.00 19.53 ? 59  ASN A OD1 1 
ATOM   454  N ND2 . ASN A 1 59  ? -11.398 4.765   3.622   1.00 15.00 ? 59  ASN A ND2 1 
ATOM   455  N N   . SER A 1 60  ? -8.746  5.482   6.509   1.00 17.52 ? 60  SER A N   1 
ATOM   456  C CA  . SER A 1 60  ? -8.853  5.999   7.881   1.00 18.59 ? 60  SER A CA  1 
ATOM   457  C C   . SER A 1 60  ? -10.032 5.546   8.736   1.00 20.07 ? 60  SER A C   1 
ATOM   458  O O   . SER A 1 60  ? -10.021 5.758   9.945   1.00 20.35 ? 60  SER A O   1 
ATOM   459  C CB  . SER A 1 60  ? -8.851  7.539   7.893   1.00 17.78 ? 60  SER A CB  1 
ATOM   460  O OG  . SER A 1 60  ? -9.773  8.057   6.929   1.00 16.85 ? 60  SER A OG  1 
ATOM   461  N N   . ARG A 1 61  ? -11.102 4.944   8.206   1.00 23.38 ? 61  ARG A N   1 
ATOM   462  C CA  . ARG A 1 61  ? -12.151 4.396   9.072   1.00 25.06 ? 61  ARG A CA  1 
ATOM   463  C C   . ARG A 1 61  ? -11.668 3.164   9.843   1.00 22.15 ? 61  ARG A C   1 
ATOM   464  O O   . ARG A 1 61  ? -12.047 2.913   10.986  1.00 22.41 ? 61  ARG A O   1 
ATOM   465  C CB  . ARG A 1 61  ? -13.406 4.068   8.273   1.00 29.09 ? 61  ARG A CB  1 
ATOM   466  C CG  . ARG A 1 61  ? -14.560 3.768   9.208   1.00 34.16 ? 61  ARG A CG  1 
ATOM   467  C CD  . ARG A 1 61  ? -15.835 3.606   8.434   1.00 40.61 ? 61  ARG A CD  1 
ATOM   468  N NE  . ARG A 1 61  ? -16.931 3.856   9.356   1.00 49.30 ? 61  ARG A NE  1 
ATOM   469  C CZ  . ARG A 1 61  ? -18.050 3.120   9.401   1.00 53.04 ? 61  ARG A CZ  1 
ATOM   470  N NH1 . ARG A 1 61  ? -18.241 2.046   8.625   1.00 54.58 ? 61  ARG A NH1 1 
ATOM   471  N NH2 . ARG A 1 61  ? -19.003 3.477   10.263  1.00 54.95 ? 61  ARG A NH2 1 
ATOM   472  N N   . TRP A 1 62  ? -10.786 2.364   9.254   1.00 19.87 ? 62  TRP A N   1 
ATOM   473  C CA  . TRP A 1 62  ? -10.432 1.106   9.870   1.00 17.65 ? 62  TRP A CA  1 
ATOM   474  C C   . TRP A 1 62  ? -8.982  1.006   10.239  1.00 17.33 ? 62  TRP A C   1 
ATOM   475  O O   . TRP A 1 62  ? -8.695  0.409   11.269  1.00 16.67 ? 62  TRP A O   1 
ATOM   476  C CB  . TRP A 1 62  ? -10.834 -0.080  8.994   1.00 19.25 ? 62  TRP A CB  1 
ATOM   477  C CG  . TRP A 1 62  ? -12.338 -0.123  8.846   1.00 18.54 ? 62  TRP A CG  1 
ATOM   478  C CD1 . TRP A 1 62  ? -12.963 0.417   7.751   1.00 19.60 ? 62  TRP A CD1 1 
ATOM   479  C CD2 . TRP A 1 62  ? -13.209 -0.531  9.814   1.00 19.22 ? 62  TRP A CD2 1 
ATOM   480  N NE1 . TRP A 1 62  ? -14.238 0.372   8.042   1.00 20.19 ? 62  TRP A NE1 1 
ATOM   481  C CE2 . TRP A 1 62  ? -14.427 -0.167  9.261   1.00 19.70 ? 62  TRP A CE2 1 
ATOM   482  C CE3 . TRP A 1 62  ? -13.139 -1.253  10.989  1.00 18.99 ? 62  TRP A CE3 1 
ATOM   483  C CZ2 . TRP A 1 62  ? -15.605 -0.476  9.908   1.00 20.01 ? 62  TRP A CZ2 1 
ATOM   484  C CZ3 . TRP A 1 62  ? -14.324 -1.605  11.609  1.00 18.51 ? 62  TRP A CZ3 1 
ATOM   485  C CH2 . TRP A 1 62  ? -15.537 -1.208  11.081  1.00 18.78 ? 62  TRP A CH2 1 
ATOM   486  N N   . TRP A 1 63  ? -8.038  1.582   9.488   1.00 16.13 ? 63  TRP A N   1 
ATOM   487  C CA  . TRP A 1 63  ? -6.657  1.143   9.602   1.00 14.82 ? 63  TRP A CA  1 
ATOM   488  C C   . TRP A 1 63  ? -5.759  2.183   10.237  1.00 14.57 ? 63  TRP A C   1 
ATOM   489  O O   . TRP A 1 63  ? -4.837  1.810   10.971  1.00 14.54 ? 63  TRP A O   1 
ATOM   490  C CB  . TRP A 1 63  ? -6.107  0.698   8.237   1.00 14.57 ? 63  TRP A CB  1 
ATOM   491  C CG  . TRP A 1 63  ? -6.884  -0.459  7.607   1.00 14.84 ? 63  TRP A CG  1 
ATOM   492  C CD1 . TRP A 1 63  ? -7.760  -0.243  6.570   1.00 13.88 ? 63  TRP A CD1 1 
ATOM   493  C CD2 . TRP A 1 63  ? -6.879  -1.766  8.039   1.00 14.14 ? 63  TRP A CD2 1 
ATOM   494  N NE1 . TRP A 1 63  ? -8.319  -1.407  6.360   1.00 13.97 ? 63  TRP A NE1 1 
ATOM   495  C CE2 . TRP A 1 63  ? -7.842  -2.331  7.208   1.00 14.33 ? 63  TRP A CE2 1 
ATOM   496  C CE3 . TRP A 1 63  ? -6.175  -2.542  8.943   1.00 13.86 ? 63  TRP A CE3 1 
ATOM   497  C CZ2 . TRP A 1 63  ? -8.147  -3.678  7.286   1.00 15.71 ? 63  TRP A CZ2 1 
ATOM   498  C CZ3 . TRP A 1 63  ? -6.470  -3.898  9.011   1.00 15.18 ? 63  TRP A CZ3 1 
ATOM   499  C CH2 . TRP A 1 63  ? -7.445  -4.456  8.195   1.00 14.69 ? 63  TRP A CH2 1 
ATOM   500  N N   . CYS A 1 64  ? -6.017  3.478   10.079  1.00 15.29 ? 64  CYS A N   1 
ATOM   501  C CA  . CYS A 1 64  ? -5.119  4.481   10.653  1.00 15.42 ? 64  CYS A CA  1 
ATOM   502  C C   . CYS A 1 64  ? -5.946  5.624   11.245  1.00 16.13 ? 64  CYS A C   1 
ATOM   503  O O   . CYS A 1 64  ? -7.067  5.834   10.791  1.00 15.20 ? 64  CYS A O   1 
ATOM   504  C CB  . CYS A 1 64  ? -4.117  4.989   9.585   1.00 12.51 ? 64  CYS A CB  1 
ATOM   505  S SG  . CYS A 1 64  ? -4.885  5.833   8.180   1.00 14.21 ? 64  CYS A SG  1 
ATOM   506  N N   . ASN A 1 65  ? -5.467  6.355   12.244  1.00 16.35 ? 65  ASN A N   1 
ATOM   507  C CA  . ASN A 1 65  ? -6.227  7.478   12.746  1.00 17.71 ? 65  ASN A CA  1 
ATOM   508  C C   . ASN A 1 65  ? -5.780  8.777   12.104  1.00 16.37 ? 65  ASN A C   1 
ATOM   509  O O   . ASN A 1 65  ? -4.602  9.127   12.178  1.00 17.81 ? 65  ASN A O   1 
ATOM   510  C CB  . ASN A 1 65  ? -6.098  7.579   14.245  1.00 22.58 ? 65  ASN A CB  1 
ATOM   511  C CG  . ASN A 1 65  ? -6.807  8.819   14.787  1.00 27.30 ? 65  ASN A CG  1 
ATOM   512  O OD1 . ASN A 1 65  ? -7.846  9.281   14.295  1.00 27.37 ? 65  ASN A OD1 1 
ATOM   513  N ND2 . ASN A 1 65  ? -6.251  9.466   15.804  1.00 28.68 ? 65  ASN A ND2 1 
ATOM   514  N N   . ASP A 1 66  ? -6.647  9.492   11.408  1.00 14.91 ? 66  ASP A N   1 
ATOM   515  C CA  . ASP A 1 66  ? -6.313  10.820  10.917  1.00 18.77 ? 66  ASP A CA  1 
ATOM   516  C C   . ASP A 1 66  ? -6.889  11.976  11.743  1.00 21.32 ? 66  ASP A C   1 
ATOM   517  O O   . ASP A 1 66  ? -6.859  13.133  11.319  1.00 22.55 ? 66  ASP A O   1 
ATOM   518  C CB  . ASP A 1 66  ? -6.728  10.997  9.440   1.00 17.15 ? 66  ASP A CB  1 
ATOM   519  C CG  . ASP A 1 66  ? -8.215  10.974  9.096   1.00 16.97 ? 66  ASP A CG  1 
ATOM   520  O OD1 . ASP A 1 66  ? -9.057  10.757  9.975   1.00 16.69 ? 66  ASP A OD1 1 
ATOM   521  O OD2 . ASP A 1 66  ? -8.531  11.168  7.924   1.00 15.63 ? 66  ASP A OD2 1 
ATOM   522  N N   . GLY A 1 67  ? -7.545  11.665  12.859  1.00 22.72 ? 67  GLY A N   1 
ATOM   523  C CA  . GLY A 1 67  ? -8.164  12.668  13.717  1.00 24.90 ? 67  GLY A CA  1 
ATOM   524  C C   . GLY A 1 67  ? -9.337  13.388  13.053  1.00 28.35 ? 67  GLY A C   1 
ATOM   525  O O   . GLY A 1 67  ? -9.822  14.385  13.572  1.00 31.08 ? 67  GLY A O   1 
ATOM   526  N N   . ARG A 1 68  ? -9.863  12.915  11.935  1.00 29.11 ? 68  ARG A N   1 
ATOM   527  C CA  . ARG A 1 68  ? -10.870 13.628  11.159  1.00 31.81 ? 68  ARG A CA  1 
ATOM   528  C C   . ARG A 1 68  ? -11.933 12.632  10.685  1.00 31.58 ? 68  ARG A C   1 
ATOM   529  O O   . ARG A 1 68  ? -12.863 12.991  9.962   1.00 32.09 ? 68  ARG A O   1 
ATOM   530  C CB  . ARG A 1 68  ? -10.052 14.174  10.021  1.00 36.55 ? 68  ARG A CB  1 
ATOM   531  C CG  . ARG A 1 68  ? -10.613 14.748  8.751   1.00 43.41 ? 68  ARG A CG  1 
ATOM   532  C CD  . ARG A 1 68  ? -9.372  14.697  7.889   1.00 48.31 ? 68  ARG A CD  1 
ATOM   533  N NE  . ARG A 1 68  ? -9.460  15.402  6.625   1.00 53.95 ? 68  ARG A NE  1 
ATOM   534  C CZ  . ARG A 1 68  ? -8.966  14.855  5.508   1.00 57.26 ? 68  ARG A CZ  1 
ATOM   535  N NH1 . ARG A 1 68  ? -8.621  13.571  5.464   1.00 59.97 ? 68  ARG A NH1 1 
ATOM   536  N NH2 . ARG A 1 68  ? -8.736  15.602  4.430   1.00 58.39 ? 68  ARG A NH2 1 
ATOM   537  N N   . THR A 1 69  ? -11.855 11.360  11.092  1.00 28.80 ? 69  THR A N   1 
ATOM   538  C CA  . THR A 1 69  ? -12.765 10.363  10.574  1.00 29.39 ? 69  THR A CA  1 
ATOM   539  C C   . THR A 1 69  ? -13.702 9.898   11.664  1.00 31.54 ? 69  THR A C   1 
ATOM   540  O O   . THR A 1 69  ? -13.254 9.402   12.701  1.00 31.83 ? 69  THR A O   1 
ATOM   541  C CB  . THR A 1 69  ? -12.006 9.195   9.919   1.00 26.73 ? 69  THR A CB  1 
ATOM   542  O OG1 . THR A 1 69  ? -11.325 9.838   8.844   1.00 24.40 ? 69  THR A OG1 1 
ATOM   543  C CG2 . THR A 1 69  ? -12.897 8.085   9.400   1.00 24.30 ? 69  THR A CG2 1 
ATOM   544  N N   . PRO A 1 70  ? -15.009 10.085  11.482  1.00 35.97 ? 70  PRO A N   1 
ATOM   545  C CA  . PRO A 1 70  ? -16.033 9.607   12.404  1.00 37.79 ? 70  PRO A CA  1 
ATOM   546  C C   . PRO A 1 70  ? -15.878 8.106   12.581  1.00 37.84 ? 70  PRO A C   1 
ATOM   547  O O   . PRO A 1 70  ? -15.931 7.326   11.634  1.00 37.21 ? 70  PRO A O   1 
ATOM   548  C CB  . PRO A 1 70  ? -17.319 9.944   11.683  1.00 39.52 ? 70  PRO A CB  1 
ATOM   549  C CG  . PRO A 1 70  ? -16.951 11.189  10.901  1.00 40.52 ? 70  PRO A CG  1 
ATOM   550  C CD  . PRO A 1 70  ? -15.603 10.776  10.334  1.00 38.06 ? 70  PRO A CD  1 
ATOM   551  N N   . GLY A 1 71  ? -15.522 7.758   13.807  1.00 38.42 ? 71  GLY A N   1 
ATOM   552  C CA  . GLY A 1 71  ? -15.526 6.365   14.205  1.00 40.16 ? 71  GLY A CA  1 
ATOM   553  C C   . GLY A 1 71  ? -14.348 5.557   13.700  1.00 39.14 ? 71  GLY A C   1 
ATOM   554  O O   . GLY A 1 71  ? -14.541 4.372   13.448  1.00 40.71 ? 71  GLY A O   1 
ATOM   555  N N   . SER A 1 72  ? -13.146 6.143   13.587  1.00 39.77 ? 72  SER A N   1 
ATOM   556  C CA  . SER A 1 72  ? -11.947 5.388   13.248  1.00 39.09 ? 72  SER A CA  1 
ATOM   557  C C   . SER A 1 72  ? -11.630 4.307   14.283  1.00 37.18 ? 72  SER A C   1 
ATOM   558  O O   . SER A 1 72  ? -11.626 4.577   15.492  1.00 36.47 ? 72  SER A O   1 
ATOM   559  C CB  . SER A 1 72  ? -10.741 6.335   13.066  1.00 40.49 ? 72  SER A CB  1 
ATOM   560  O OG  . SER A 1 72  ? -9.451  5.697   12.985  1.00 41.99 ? 72  SER A OG  1 
ATOM   561  N N   . ARG A 1 73  ? -11.357 3.092   13.808  1.00 32.59 ? 73  ARG A N   1 
ATOM   562  C CA  . ARG A 1 73  ? -10.940 2.013   14.679  1.00 31.65 ? 73  ARG A CA  1 
ATOM   563  C C   . ARG A 1 73  ? -9.424  1.874   14.783  1.00 29.04 ? 73  ARG A C   1 
ATOM   564  O O   . ARG A 1 73  ? -8.931  1.204   15.691  1.00 30.34 ? 73  ARG A O   1 
ATOM   565  C CB  . ARG A 1 73  ? -11.490 0.681   14.202  1.00 34.01 ? 73  ARG A CB  1 
ATOM   566  C CG  . ARG A 1 73  ? -12.980 0.598   13.910  1.00 36.68 ? 73  ARG A CG  1 
ATOM   567  C CD  . ARG A 1 73  ? -13.919 0.776   15.086  1.00 37.46 ? 73  ARG A CD  1 
ATOM   568  N NE  . ARG A 1 73  ? -13.722 -0.204  16.144  1.00 38.55 ? 73  ARG A NE  1 
ATOM   569  C CZ  . ARG A 1 73  ? -14.650 -0.415  17.086  1.00 36.05 ? 73  ARG A CZ  1 
ATOM   570  N NH1 . ARG A 1 73  ? -15.865 0.144   17.010  1.00 34.33 ? 73  ARG A NH1 1 
ATOM   571  N NH2 . ARG A 1 73  ? -14.332 -1.179  18.128  1.00 34.64 ? 73  ARG A NH2 1 
ATOM   572  N N   . ASN A 1 74  ? -8.640  2.423   13.849  1.00 24.58 ? 74  ASN A N   1 
ATOM   573  C CA  . ASN A 1 74  ? -7.169  2.336   13.864  1.00 21.15 ? 74  ASN A CA  1 
ATOM   574  C C   . ASN A 1 74  ? -6.488  0.978   14.135  1.00 19.18 ? 74  ASN A C   1 
ATOM   575  O O   . ASN A 1 74  ? -5.603  0.829   14.979  1.00 17.06 ? 74  ASN A O   1 
ATOM   576  C CB  . ASN A 1 74  ? -6.600  3.411   14.796  1.00 21.56 ? 74  ASN A CB  1 
ATOM   577  C CG  . ASN A 1 74  ? -5.135  3.765   14.584  1.00 20.63 ? 74  ASN A CG  1 
ATOM   578  O OD1 . ASN A 1 74  ? -4.503  4.401   15.421  1.00 23.03 ? 74  ASN A OD1 1 
ATOM   579  N ND2 . ASN A 1 74  ? -4.466  3.447   13.495  1.00 18.24 ? 74  ASN A ND2 1 
ATOM   580  N N   . LEU A 1 75  ? -6.798  -0.037  13.330  1.00 18.04 ? 75  LEU A N   1 
ATOM   581  C CA  . LEU A 1 75  ? -6.254  -1.377  13.506  1.00 18.00 ? 75  LEU A CA  1 
ATOM   582  C C   . LEU A 1 75  ? -4.746  -1.442  13.292  1.00 19.08 ? 75  LEU A C   1 
ATOM   583  O O   . LEU A 1 75  ? -4.090  -2.291  13.887  1.00 21.39 ? 75  LEU A O   1 
ATOM   584  C CB  . LEU A 1 75  ? -6.991  -2.375  12.596  1.00 19.01 ? 75  LEU A CB  1 
ATOM   585  C CG  . LEU A 1 75  ? -8.498  -2.544  12.840  1.00 20.04 ? 75  LEU A CG  1 
ATOM   586  C CD1 . LEU A 1 75  ? -9.193  -3.186  11.663  1.00 22.21 ? 75  LEU A CD1 1 
ATOM   587  C CD2 . LEU A 1 75  ? -8.773  -3.311  14.107  1.00 22.91 ? 75  LEU A CD2 1 
ATOM   588  N N   . CYS A 1 76  ? -4.130  -0.575  12.486  1.00 17.65 ? 76  CYS A N   1 
ATOM   589  C CA  . CYS A 1 76  ? -2.677  -0.569  12.370  1.00 16.78 ? 76  CYS A CA  1 
ATOM   590  C C   . CYS A 1 76  ? -1.982  0.239   13.447  1.00 17.77 ? 76  CYS A C   1 
ATOM   591  O O   . CYS A 1 76  ? -0.753  0.287   13.490  1.00 16.24 ? 76  CYS A O   1 
ATOM   592  C CB  . CYS A 1 76  ? -2.220  -0.067  11.021  1.00 15.21 ? 76  CYS A CB  1 
ATOM   593  S SG  . CYS A 1 76  ? -2.615  -1.254  9.717   1.00 13.34 ? 76  CYS A SG  1 
ATOM   594  N N   . ASN A 1 77  ? -2.770  0.888   14.309  1.00 17.88 ? 77  ASN A N   1 
ATOM   595  C CA  . ASN A 1 77  ? -2.255  1.683   15.400  1.00 20.51 ? 77  ASN A CA  1 
ATOM   596  C C   . ASN A 1 77  ? -1.208  2.726   15.006  1.00 18.97 ? 77  ASN A C   1 
ATOM   597  O O   . ASN A 1 77  ? -0.118  2.857   15.567  1.00 18.48 ? 77  ASN A O   1 
ATOM   598  C CB  . ASN A 1 77  ? -1.757  0.765   16.492  1.00 27.33 ? 77  ASN A CB  1 
ATOM   599  C CG  . ASN A 1 77  ? -2.091  1.396   17.824  1.00 35.78 ? 77  ASN A CG  1 
ATOM   600  O OD1 . ASN A 1 77  ? -2.894  0.826   18.559  1.00 41.19 ? 77  ASN A OD1 1 
ATOM   601  N ND2 . ASN A 1 77  ? -1.567  2.561   18.218  1.00 37.93 ? 77  ASN A ND2 1 
ATOM   602  N N   . ILE A 1 78  ? -1.548  3.501   13.985  1.00 18.36 ? 78  ILE A N   1 
ATOM   603  C CA  . ILE A 1 78  ? -0.677  4.543   13.449  1.00 18.24 ? 78  ILE A CA  1 
ATOM   604  C C   . ILE A 1 78  ? -1.504  5.768   13.118  1.00 17.82 ? 78  ILE A C   1 
ATOM   605  O O   . ILE A 1 78  ? -2.692  5.621   12.783  1.00 17.94 ? 78  ILE A O   1 
ATOM   606  C CB  . ILE A 1 78  ? 0.046   4.111   12.144  1.00 18.38 ? 78  ILE A CB  1 
ATOM   607  C CG1 . ILE A 1 78  ? -0.906  3.477   11.123  1.00 17.67 ? 78  ILE A CG1 1 
ATOM   608  C CG2 . ILE A 1 78  ? 1.260   3.254   12.468  1.00 18.62 ? 78  ILE A CG2 1 
ATOM   609  C CD1 . ILE A 1 78  ? -0.285  3.273   9.743   1.00 17.87 ? 78  ILE A CD1 1 
ATOM   610  N N   . PRO A 1 79  ? -0.955  6.984   13.171  1.00 17.10 ? 79  PRO A N   1 
ATOM   611  C CA  . PRO A 1 79  ? -1.579  8.145   12.564  1.00 17.17 ? 79  PRO A CA  1 
ATOM   612  C C   . PRO A 1 79  ? -1.517  7.996   11.043  1.00 17.41 ? 79  PRO A C   1 
ATOM   613  O O   . PRO A 1 79  ? -0.504  7.531   10.497  1.00 17.53 ? 79  PRO A O   1 
ATOM   614  C CB  . PRO A 1 79  ? -0.705  9.284   13.050  1.00 17.70 ? 79  PRO A CB  1 
ATOM   615  C CG  . PRO A 1 79  ? 0.646   8.671   13.273  1.00 16.26 ? 79  PRO A CG  1 
ATOM   616  C CD  . PRO A 1 79  ? 0.254   7.341   13.901  1.00 17.08 ? 79  PRO A CD  1 
ATOM   617  N N   . CYS A 1 80  ? -2.533  8.432   10.308  1.00 16.01 ? 80  CYS A N   1 
ATOM   618  C CA  . CYS A 1 80  ? -2.511  8.312   8.860   1.00 15.72 ? 80  CYS A CA  1 
ATOM   619  C C   . CYS A 1 80  ? -1.340  9.045   8.211   1.00 16.09 ? 80  CYS A C   1 
ATOM   620  O O   . CYS A 1 80  ? -0.879  8.665   7.133   1.00 15.50 ? 80  CYS A O   1 
ATOM   621  C CB  . CYS A 1 80  ? -3.832  8.746   8.244   1.00 13.10 ? 80  CYS A CB  1 
ATOM   622  S SG  . CYS A 1 80  ? -5.251  7.752   8.783   1.00 13.86 ? 80  CYS A SG  1 
ATOM   623  N N   . SER A 1 81  ? -0.789  10.072  8.875   1.00 16.38 ? 81  SER A N   1 
ATOM   624  C CA  . SER A 1 81  ? 0.327   10.837  8.348   1.00 15.99 ? 81  SER A CA  1 
ATOM   625  C C   . SER A 1 81  ? 1.590   9.976   8.184   1.00 12.55 ? 81  SER A C   1 
ATOM   626  O O   . SER A 1 81  ? 2.383   10.193  7.264   1.00 11.18 ? 81  SER A O   1 
ATOM   627  C CB  . SER A 1 81  ? 0.546   12.055  9.267   1.00 17.65 ? 81  SER A CB  1 
ATOM   628  O OG  . SER A 1 81  ? 0.770   11.635  10.612  1.00 22.41 ? 81  SER A OG  1 
ATOM   629  N N   . ALA A 1 82  ? 1.738   8.945   9.020   1.00 12.31 ? 82  ALA A N   1 
ATOM   630  C CA  . ALA A 1 82  ? 2.820   7.975   8.899   1.00 13.12 ? 82  ALA A CA  1 
ATOM   631  C C   . ALA A 1 82  ? 2.846   7.279   7.535   1.00 13.30 ? 82  ALA A C   1 
ATOM   632  O O   . ALA A 1 82  ? 3.915   6.946   7.019   1.00 13.04 ? 82  ALA A O   1 
ATOM   633  C CB  . ALA A 1 82  ? 2.639   6.887   9.943   1.00 11.66 ? 82  ALA A CB  1 
ATOM   634  N N   . LEU A 1 83  ? 1.675   7.112   6.910   1.00 13.74 ? 83  LEU A N   1 
ATOM   635  C CA  . LEU A 1 83  ? 1.564   6.565   5.559   1.00 14.04 ? 83  LEU A CA  1 
ATOM   636  C C   . LEU A 1 83  ? 1.910   7.567   4.461   1.00 16.54 ? 83  LEU A C   1 
ATOM   637  O O   . LEU A 1 83  ? 2.012   7.195   3.289   1.00 15.31 ? 83  LEU A O   1 
ATOM   638  C CB  . LEU A 1 83  ? 0.151   6.061   5.342   1.00 13.71 ? 83  LEU A CB  1 
ATOM   639  C CG  . LEU A 1 83  ? -0.366  5.060   6.379   1.00 14.18 ? 83  LEU A CG  1 
ATOM   640  C CD1 . LEU A 1 83  ? -1.831  4.735   6.112   1.00 11.24 ? 83  LEU A CD1 1 
ATOM   641  C CD2 . LEU A 1 83  ? 0.485   3.799   6.375   1.00 13.51 ? 83  LEU A CD2 1 
ATOM   642  N N   . GLN A 1 84  ? 2.091   8.861   4.785   1.00 14.62 ? 84  GLN A N   1 
ATOM   643  C CA  . GLN A 1 84  ? 2.467   9.835   3.775   1.00 16.10 ? 84  GLN A CA  1 
ATOM   644  C C   . GLN A 1 84  ? 3.954   10.136  3.701   1.00 16.77 ? 84  GLN A C   1 
ATOM   645  O O   . GLN A 1 84  ? 4.442   10.890  2.852   1.00 20.21 ? 84  GLN A O   1 
ATOM   646  C CB  . GLN A 1 84  ? 1.694   11.089  3.981   1.00 15.55 ? 84  GLN A CB  1 
ATOM   647  C CG  . GLN A 1 84  ? 0.225   10.805  3.849   1.00 18.39 ? 84  GLN A CG  1 
ATOM   648  C CD  . GLN A 1 84  ? -0.609  12.041  4.064   1.00 21.22 ? 84  GLN A CD  1 
ATOM   649  O OE1 . GLN A 1 84  ? -1.388  12.468  3.222   1.00 21.39 ? 84  GLN A OE1 1 
ATOM   650  N NE2 . GLN A 1 84  ? -0.490  12.665  5.226   1.00 22.71 ? 84  GLN A NE2 1 
ATOM   651  N N   . SER A 1 85  ? 4.690   9.514   4.602   1.00 18.34 ? 85  SER A N   1 
ATOM   652  C CA  . SER A 1 85  ? 6.107   9.727   4.776   1.00 19.33 ? 85  SER A CA  1 
ATOM   653  C C   . SER A 1 85  ? 6.878   9.281   3.545   1.00 20.28 ? 85  SER A C   1 
ATOM   654  O O   . SER A 1 85  ? 6.355   8.506   2.741   1.00 23.81 ? 85  SER A O   1 
ATOM   655  C CB  . SER A 1 85  ? 6.503   8.863   5.968   1.00 19.90 ? 85  SER A CB  1 
ATOM   656  O OG  . SER A 1 85  ? 7.879   8.986   6.311   1.00 24.34 ? 85  SER A OG  1 
ATOM   657  N N   . SER A 1 86  ? 8.121   9.730   3.339   1.00 20.17 ? 86  SER A N   1 
ATOM   658  C CA  . SER A 1 86  ? 8.997   9.035   2.414   1.00 22.50 ? 86  SER A CA  1 
ATOM   659  C C   . SER A 1 86  ? 9.574   7.731   3.002   1.00 21.81 ? 86  SER A C   1 
ATOM   660  O O   . SER A 1 86  ? 10.241  6.944   2.324   1.00 22.30 ? 86  SER A O   1 
ATOM   661  C CB  . SER A 1 86  ? 10.075  10.003  1.973   1.00 24.62 ? 86  SER A CB  1 
ATOM   662  O OG  . SER A 1 86  ? 10.719  10.630  3.063   1.00 29.53 ? 86  SER A OG  1 
ATOM   663  N N   . ASP A 1 87  ? 9.392   7.491   4.298   1.00 19.45 ? 87  ASP A N   1 
ATOM   664  C CA  . ASP A 1 87  ? 9.788   6.256   4.901   1.00 19.13 ? 87  ASP A CA  1 
ATOM   665  C C   . ASP A 1 87  ? 8.595   5.316   4.781   1.00 16.93 ? 87  ASP A C   1 
ATOM   666  O O   . ASP A 1 87  ? 7.548   5.521   5.386   1.00 14.09 ? 87  ASP A O   1 
ATOM   667  C CB  . ASP A 1 87  ? 10.144  6.475   6.376   1.00 23.12 ? 87  ASP A CB  1 
ATOM   668  C CG  . ASP A 1 87  ? 10.789  5.275   7.084   1.00 25.97 ? 87  ASP A CG  1 
ATOM   669  O OD1 . ASP A 1 87  ? 10.809  4.170   6.536   1.00 28.81 ? 87  ASP A OD1 1 
ATOM   670  O OD2 . ASP A 1 87  ? 11.287  5.442   8.196   1.00 26.72 ? 87  ASP A OD2 1 
ATOM   671  N N   . ILE A 1 88  ? 8.821   4.211   4.069   1.00 17.98 ? 88  ILE A N   1 
ATOM   672  C CA  . ILE A 1 88  ? 7.802   3.201   3.798   1.00 18.76 ? 88  ILE A CA  1 
ATOM   673  C C   . ILE A 1 88  ? 7.473   2.324   5.006   1.00 16.56 ? 88  ILE A C   1 
ATOM   674  O O   . ILE A 1 88  ? 6.513   1.555   4.940   1.00 16.43 ? 88  ILE A O   1 
ATOM   675  C CB  . ILE A 1 88  ? 8.268   2.370   2.543   1.00 20.39 ? 88  ILE A CB  1 
ATOM   676  C CG1 . ILE A 1 88  ? 7.158   1.717   1.749   1.00 23.89 ? 88  ILE A CG1 1 
ATOM   677  C CG2 . ILE A 1 88  ? 9.278   1.294   2.892   1.00 20.65 ? 88  ILE A CG2 1 
ATOM   678  C CD1 . ILE A 1 88  ? 6.300   2.735   0.970   1.00 24.21 ? 88  ILE A CD1 1 
ATOM   679  N N   . THR A 1 89  ? 8.209   2.389   6.120   1.00 14.70 ? 89  THR A N   1 
ATOM   680  C CA  . THR A 1 89  ? 8.038   1.469   7.252   1.00 16.44 ? 89  THR A CA  1 
ATOM   681  C C   . THR A 1 89  ? 6.590   1.265   7.708   1.00 16.15 ? 89  THR A C   1 
ATOM   682  O O   . THR A 1 89  ? 6.139   0.118   7.838   1.00 17.16 ? 89  THR A O   1 
ATOM   683  C CB  . THR A 1 89  ? 8.887   1.934   8.467   1.00 14.54 ? 89  THR A CB  1 
ATOM   684  O OG1 . THR A 1 89  ? 10.240  2.053   8.021   1.00 14.96 ? 89  THR A OG1 1 
ATOM   685  C CG2 . THR A 1 89  ? 8.798   0.969   9.640   1.00 14.81 ? 89  THR A CG2 1 
ATOM   686  N N   . ALA A 1 90  ? 5.839   2.348   7.920   1.00 11.68 ? 90  ALA A N   1 
ATOM   687  C CA  . ALA A 1 90  ? 4.499   2.226   8.474   1.00 11.67 ? 90  ALA A CA  1 
ATOM   688  C C   . ALA A 1 90  ? 3.548   1.666   7.424   1.00 11.08 ? 90  ALA A C   1 
ATOM   689  O O   . ALA A 1 90  ? 2.639   0.908   7.758   1.00 11.16 ? 90  ALA A O   1 
ATOM   690  C CB  . ALA A 1 90  ? 3.985   3.591   8.862   1.00 11.10 ? 90  ALA A CB  1 
ATOM   691  N N   . THR A 1 91  ? 3.725   2.045   6.153   1.00 11.30 ? 91  THR A N   1 
ATOM   692  C CA  . THR A 1 91  ? 3.014   1.435   5.049   1.00 12.27 ? 91  THR A CA  1 
ATOM   693  C C   . THR A 1 91  ? 3.276   -0.067  5.024   1.00 11.61 ? 91  THR A C   1 
ATOM   694  O O   . THR A 1 91  ? 2.301   -0.824  4.989   1.00 12.33 ? 91  THR A O   1 
ATOM   695  C CB  . THR A 1 91  ? 3.422   2.079   3.700   1.00 11.36 ? 91  THR A CB  1 
ATOM   696  O OG1 . THR A 1 91  ? 3.037   3.444   3.806   1.00 15.13 ? 91  THR A OG1 1 
ATOM   697  C CG2 . THR A 1 91  ? 2.719   1.424   2.504   1.00 10.61 ? 91  THR A CG2 1 
ATOM   698  N N   . ALA A 1 92  ? 4.535   -0.520  5.096   1.00 10.97 ? 92  ALA A N   1 
ATOM   699  C CA  . ALA A 1 92  ? 4.826   -1.937  4.994   1.00 12.07 ? 92  ALA A CA  1 
ATOM   700  C C   . ALA A 1 92  ? 4.199   -2.708  6.145   1.00 12.97 ? 92  ALA A C   1 
ATOM   701  O O   . ALA A 1 92  ? 3.537   -3.718  5.914   1.00 12.98 ? 92  ALA A O   1 
ATOM   702  C CB  . ALA A 1 92  ? 6.310   -2.197  4.983   1.00 11.68 ? 92  ALA A CB  1 
ATOM   703  N N   . ASN A 1 93  ? 4.291   -2.213  7.379   1.00 16.58 ? 93  ASN A N   1 
ATOM   704  C CA  . ASN A 1 93  ? 3.721   -2.902  8.541   1.00 15.98 ? 93  ASN A CA  1 
ATOM   705  C C   . ASN A 1 93  ? 2.211   -2.987  8.503   1.00 14.97 ? 93  ASN A C   1 
ATOM   706  O O   . ASN A 1 93  ? 1.607   -4.018  8.831   1.00 14.73 ? 93  ASN A O   1 
ATOM   707  C CB  . ASN A 1 93  ? 4.104   -2.244  9.870   1.00 19.37 ? 93  ASN A CB  1 
ATOM   708  C CG  . ASN A 1 93  ? 5.598   -2.244  10.158  1.00 24.24 ? 93  ASN A CG  1 
ATOM   709  O OD1 . ASN A 1 93  ? 6.373   -3.069  9.675   1.00 27.31 ? 93  ASN A OD1 1 
ATOM   710  N ND2 . ASN A 1 93  ? 6.112   -1.291  10.933  1.00 27.94 ? 93  ASN A ND2 1 
ATOM   711  N N   . CYS A 1 94  ? 1.567   -1.905  8.069   1.00 13.20 ? 94  CYS A N   1 
ATOM   712  C CA  . CYS A 1 94  ? 0.117   -1.884  8.024   1.00 12.68 ? 94  CYS A CA  1 
ATOM   713  C C   . CYS A 1 94  ? -0.394  -2.764  6.880   1.00 12.64 ? 94  CYS A C   1 
ATOM   714  O O   . CYS A 1 94  ? -1.343  -3.534  7.063   1.00 13.95 ? 94  CYS A O   1 
ATOM   715  C CB  . CYS A 1 94  ? -0.376  -0.432  7.911   1.00 10.54 ? 94  CYS A CB  1 
ATOM   716  S SG  . CYS A 1 94  ? -2.183  -0.249  8.035   1.00 11.44 ? 94  CYS A SG  1 
ATOM   717  N N   . ALA A 1 95  ? 0.228   -2.712  5.691   1.00 11.67 ? 95  ALA A N   1 
ATOM   718  C CA  . ALA A 1 95  ? -0.123  -3.561  4.564   1.00 8.96  ? 95  ALA A CA  1 
ATOM   719  C C   . ALA A 1 95  ? -0.022  -5.039  4.941   1.00 9.56  ? 95  ALA A C   1 
ATOM   720  O O   . ALA A 1 95  ? -0.882  -5.827  4.540   1.00 11.46 ? 95  ALA A O   1 
ATOM   721  C CB  . ALA A 1 95  ? 0.834   -3.300  3.413   1.00 7.76  ? 95  ALA A CB  1 
ATOM   722  N N   . LYS A 1 96  ? 0.969   -5.413  5.759   1.00 10.11 ? 96  LYS A N   1 
ATOM   723  C CA  . LYS A 1 96  ? 1.102   -6.761  6.284   1.00 10.97 ? 96  LYS A CA  1 
ATOM   724  C C   . LYS A 1 96  ? -0.083  -7.190  7.132   1.00 15.98 ? 96  LYS A C   1 
ATOM   725  O O   . LYS A 1 96  ? -0.558  -8.323  6.997   1.00 14.84 ? 96  LYS A O   1 
ATOM   726  C CB  . LYS A 1 96  ? 2.371   -6.929  7.073   1.00 9.54  ? 96  LYS A CB  1 
ATOM   727  C CG  . LYS A 1 96  ? 3.607   -6.957  6.188   1.00 8.46  ? 96  LYS A CG  1 
ATOM   728  C CD  . LYS A 1 96  ? 4.803   -7.208  7.079   1.00 9.02  ? 96  LYS A CD  1 
ATOM   729  C CE  . LYS A 1 96  ? 6.047   -6.837  6.315   1.00 12.12 ? 96  LYS A CE  1 
ATOM   730  N NZ  . LYS A 1 96  ? 7.187   -6.875  7.201   1.00 12.43 ? 96  LYS A NZ  1 
ATOM   731  N N   . LYS A 1 97  ? -0.618  -6.249  7.930   1.00 17.63 ? 97  LYS A N   1 
ATOM   732  C CA  . LYS A 1 97  ? -1.824  -6.475  8.716   1.00 17.39 ? 97  LYS A CA  1 
ATOM   733  C C   . LYS A 1 97  ? -3.039  -6.636  7.838   1.00 15.48 ? 97  LYS A C   1 
ATOM   734  O O   . LYS A 1 97  ? -3.858  -7.535  8.062   1.00 18.34 ? 97  LYS A O   1 
ATOM   735  C CB  . LYS A 1 97  ? -2.044  -5.352  9.732   1.00 20.91 ? 97  LYS A CB  1 
ATOM   736  C CG  . LYS A 1 97  ? -0.931  -5.394  10.771  1.00 27.92 ? 97  LYS A CG  1 
ATOM   737  C CD  . LYS A 1 97  ? -0.984  -4.250  11.761  1.00 32.65 ? 97  LYS A CD  1 
ATOM   738  C CE  . LYS A 1 97  ? 0.316   -4.310  12.552  1.00 37.19 ? 97  LYS A CE  1 
ATOM   739  N NZ  . LYS A 1 97  ? 0.465   -3.178  13.455  1.00 40.38 ? 97  LYS A NZ  1 
ATOM   740  N N   . ILE A 1 98  ? -3.181  -5.804  6.815   1.00 14.24 ? 98  ILE A N   1 
ATOM   741  C CA  . ILE A 1 98  ? -4.324  -5.906  5.910   1.00 16.38 ? 98  ILE A CA  1 
ATOM   742  C C   . ILE A 1 98  ? -4.336  -7.267  5.188   1.00 19.21 ? 98  ILE A C   1 
ATOM   743  O O   . ILE A 1 98  ? -5.380  -7.928  5.095   1.00 17.50 ? 98  ILE A O   1 
ATOM   744  C CB  . ILE A 1 98  ? -4.293  -4.725  4.914   1.00 16.03 ? 98  ILE A CB  1 
ATOM   745  C CG1 . ILE A 1 98  ? -4.438  -3.406  5.684   1.00 15.61 ? 98  ILE A CG1 1 
ATOM   746  C CG2 . ILE A 1 98  ? -5.347  -4.859  3.786   1.00 12.09 ? 98  ILE A CG2 1 
ATOM   747  C CD1 . ILE A 1 98  ? -4.250  -2.132  4.844   1.00 14.46 ? 98  ILE A CD1 1 
ATOM   748  N N   . VAL A 1 99  ? -3.188  -7.731  4.687   1.00 20.36 ? 99  VAL A N   1 
ATOM   749  C CA  . VAL A 1 99  ? -3.173  -8.976  3.938   1.00 25.26 ? 99  VAL A CA  1 
ATOM   750  C C   . VAL A 1 99  ? -3.298  -10.209 4.796   1.00 29.27 ? 99  VAL A C   1 
ATOM   751  O O   . VAL A 1 99  ? -3.820  -11.205 4.296   1.00 32.73 ? 99  VAL A O   1 
ATOM   752  C CB  . VAL A 1 99  ? -2.004  -9.217  2.967   1.00 23.84 ? 99  VAL A CB  1 
ATOM   753  C CG1 . VAL A 1 99  ? -2.159  -8.378  1.734   1.00 22.87 ? 99  VAL A CG1 1 
ATOM   754  C CG2 . VAL A 1 99  ? -0.674  -9.059  3.656   1.00 22.05 ? 99  VAL A CG2 1 
ATOM   755  N N   . SER A 1 100 ? -2.832  -10.203 6.040   1.00 32.26 ? 100 SER A N   1 
ATOM   756  C CA  . SER A 1 100 ? -2.984  -11.350 6.902   1.00 36.07 ? 100 SER A CA  1 
ATOM   757  C C   . SER A 1 100 ? -4.399  -11.828 7.192   1.00 39.69 ? 100 SER A C   1 
ATOM   758  O O   . SER A 1 100 ? -4.534  -12.986 7.598   1.00 42.63 ? 100 SER A O   1 
ATOM   759  C CB  . SER A 1 100 ? -2.267  -11.076 8.203   1.00 35.74 ? 100 SER A CB  1 
ATOM   760  O OG  . SER A 1 100 ? -0.901  -10.731 8.015   1.00 37.35 ? 100 SER A OG  1 
ATOM   761  N N   . ASP A 1 101 ? -5.480  -11.058 7.021   1.00 43.76 ? 101 ASP A N   1 
ATOM   762  C CA  . ASP A 1 101 ? -6.767  -11.510 7.546   1.00 49.80 ? 101 ASP A CA  1 
ATOM   763  C C   . ASP A 1 101 ? -7.999  -11.339 6.682   1.00 50.02 ? 101 ASP A C   1 
ATOM   764  O O   . ASP A 1 101 ? -9.109  -11.604 7.149   1.00 51.87 ? 101 ASP A O   1 
ATOM   765  C CB  . ASP A 1 101 ? -7.060  -10.918 8.949   1.00 53.99 ? 101 ASP A CB  1 
ATOM   766  C CG  . ASP A 1 101 ? -6.603  -11.781 10.121  1.00 57.01 ? 101 ASP A CG  1 
ATOM   767  O OD1 . ASP A 1 101 ? -7.012  -12.940 10.184  1.00 57.70 ? 101 ASP A OD1 1 
ATOM   768  O OD2 . ASP A 1 101 ? -5.851  -11.291 10.970  1.00 58.69 ? 101 ASP A OD2 1 
ATOM   769  N N   . GLY A 1 102 ? -7.881  -10.883 5.440   1.00 48.02 ? 102 GLY A N   1 
ATOM   770  C CA  . GLY A 1 102 ? -9.063  -10.809 4.613   1.00 46.54 ? 102 GLY A CA  1 
ATOM   771  C C   . GLY A 1 102 ? -8.824  -11.674 3.395   1.00 47.00 ? 102 GLY A C   1 
ATOM   772  O O   . GLY A 1 102 ? -8.141  -12.706 3.378   1.00 49.16 ? 102 GLY A O   1 
ATOM   773  N N   . ASP A 1 103 ? -9.312  -11.127 2.300   1.00 43.58 ? 103 ASP A N   1 
ATOM   774  C CA  . ASP A 1 103 ? -9.110  -11.687 0.976   1.00 39.01 ? 103 ASP A CA  1 
ATOM   775  C C   . ASP A 1 103 ? -7.684  -11.539 0.392   1.00 33.41 ? 103 ASP A C   1 
ATOM   776  O O   . ASP A 1 103 ? -7.517  -11.393 -0.828  1.00 32.76 ? 103 ASP A O   1 
ATOM   777  C CB  . ASP A 1 103 ? -10.223 -11.108 0.069   1.00 40.63 ? 103 ASP A CB  1 
ATOM   778  C CG  . ASP A 1 103 ? -10.480 -9.588  0.068   1.00 43.71 ? 103 ASP A CG  1 
ATOM   779  O OD1 . ASP A 1 103 ? -9.928  -8.834  0.880   1.00 44.90 ? 103 ASP A OD1 1 
ATOM   780  O OD2 . ASP A 1 103 ? -11.272 -9.147  -0.771  1.00 45.60 ? 103 ASP A OD2 1 
ATOM   781  N N   . GLY A 1 104 ? -6.619  -11.609 1.200   1.00 27.52 ? 104 GLY A N   1 
ATOM   782  C CA  . GLY A 1 104 ? -5.250  -11.331 0.775   1.00 22.84 ? 104 GLY A CA  1 
ATOM   783  C C   . GLY A 1 104 ? -5.137  -9.999  0.045   1.00 20.11 ? 104 GLY A C   1 
ATOM   784  O O   . GLY A 1 104 ? -5.731  -8.974  0.418   1.00 21.48 ? 104 GLY A O   1 
ATOM   785  N N   . MET A 1 105 ? -4.473  -10.028 -1.109  1.00 18.28 ? 105 MET A N   1 
ATOM   786  C CA  . MET A 1 105 ? -4.291  -8.815  -1.906  1.00 16.92 ? 105 MET A CA  1 
ATOM   787  C C   . MET A 1 105 ? -5.515  -8.299  -2.629  1.00 17.47 ? 105 MET A C   1 
ATOM   788  O O   . MET A 1 105 ? -5.529  -7.168  -3.130  1.00 11.23 ? 105 MET A O   1 
ATOM   789  C CB  . MET A 1 105 ? -3.114  -8.910  -2.865  1.00 18.18 ? 105 MET A CB  1 
ATOM   790  C CG  . MET A 1 105 ? -1.859  -8.717  -2.049  1.00 19.58 ? 105 MET A CG  1 
ATOM   791  S SD  . MET A 1 105 ? -0.452  -8.523  -3.126  1.00 22.74 ? 105 MET A SD  1 
ATOM   792  C CE  . MET A 1 105 ? -0.637  -6.781  -3.384  1.00 22.61 ? 105 MET A CE  1 
ATOM   793  N N   . ASN A 1 106 ? -6.593  -9.101  -2.602  1.00 17.05 ? 106 ASN A N   1 
ATOM   794  C CA  . ASN A 1 106 ? -7.851  -8.683  -3.194  1.00 16.86 ? 106 ASN A CA  1 
ATOM   795  C C   . ASN A 1 106 ? -8.438  -7.470  -2.523  1.00 14.72 ? 106 ASN A C   1 
ATOM   796  O O   . ASN A 1 106 ? -9.312  -6.823  -3.088  1.00 13.24 ? 106 ASN A O   1 
ATOM   797  C CB  . ASN A 1 106 ? -8.884  -9.781  -3.201  1.00 16.62 ? 106 ASN A CB  1 
ATOM   798  C CG  . ASN A 1 106 ? -8.424  -10.857 -4.154  1.00 17.65 ? 106 ASN A CG  1 
ATOM   799  O OD1 . ASN A 1 106 ? -8.399  -10.715 -5.369  1.00 17.90 ? 106 ASN A OD1 1 
ATOM   800  N ND2 . ASN A 1 106 ? -7.959  -11.962 -3.610  1.00 21.25 ? 106 ASN A ND2 1 
ATOM   801  N N   . ALA A 1 107 ? -7.922  -7.160  -1.328  1.00 14.61 ? 107 ALA A N   1 
ATOM   802  C CA  . ALA A 1 107 ? -8.213  -5.903  -0.659  1.00 16.74 ? 107 ALA A CA  1 
ATOM   803  C C   . ALA A 1 107 ? -8.003  -4.669  -1.546  1.00 18.38 ? 107 ALA A C   1 
ATOM   804  O O   . ALA A 1 107 ? -8.720  -3.683  -1.409  1.00 21.01 ? 107 ALA A O   1 
ATOM   805  C CB  . ALA A 1 107 ? -7.297  -5.800  0.552   1.00 16.58 ? 107 ALA A CB  1 
ATOM   806  N N   . TRP A 1 108 ? -7.048  -4.669  -2.482  1.00 17.65 ? 108 TRP A N   1 
ATOM   807  C CA  . TRP A 1 108 ? -6.826  -3.555  -3.387  1.00 15.62 ? 108 TRP A CA  1 
ATOM   808  C C   . TRP A 1 108 ? -7.475  -3.852  -4.733  1.00 17.04 ? 108 TRP A C   1 
ATOM   809  O O   . TRP A 1 108 ? -7.018  -4.704  -5.510  1.00 17.04 ? 108 TRP A O   1 
ATOM   810  C CB  . TRP A 1 108 ? -5.325  -3.318  -3.532  1.00 12.66 ? 108 TRP A CB  1 
ATOM   811  C CG  . TRP A 1 108 ? -4.715  -2.843  -2.223  1.00 15.01 ? 108 TRP A CG  1 
ATOM   812  C CD1 . TRP A 1 108 ? -4.825  -1.519  -1.885  1.00 14.97 ? 108 TRP A CD1 1 
ATOM   813  C CD2 . TRP A 1 108 ? -4.062  -3.590  -1.262  1.00 13.29 ? 108 TRP A CD2 1 
ATOM   814  N NE1 . TRP A 1 108 ? -4.246  -1.424  -0.717  1.00 15.94 ? 108 TRP A NE1 1 
ATOM   815  C CE2 . TRP A 1 108 ? -3.786  -2.618  -0.304  1.00 14.10 ? 108 TRP A CE2 1 
ATOM   816  C CE3 . TRP A 1 108 ? -3.668  -4.894  -1.046  1.00 11.29 ? 108 TRP A CE3 1 
ATOM   817  C CZ2 . TRP A 1 108 ? -3.137  -2.916  0.886   1.00 11.41 ? 108 TRP A CZ2 1 
ATOM   818  C CZ3 . TRP A 1 108 ? -3.019  -5.191  0.133   1.00 14.21 ? 108 TRP A CZ3 1 
ATOM   819  C CH2 . TRP A 1 108 ? -2.757  -4.225  1.093   1.00 12.17 ? 108 TRP A CH2 1 
ATOM   820  N N   . VAL A 1 109 ? -8.549  -3.138  -5.063  1.00 15.79 ? 109 VAL A N   1 
ATOM   821  C CA  . VAL A 1 109 ? -9.282  -3.455  -6.268  1.00 18.89 ? 109 VAL A CA  1 
ATOM   822  C C   . VAL A 1 109 ? -8.478  -3.148  -7.528  1.00 19.44 ? 109 VAL A C   1 
ATOM   823  O O   . VAL A 1 109 ? -8.607  -3.829  -8.548  1.00 19.67 ? 109 VAL A O   1 
ATOM   824  C CB  . VAL A 1 109 ? -10.746 -2.903  -6.318  1.00 21.60 ? 109 VAL A CB  1 
ATOM   825  C CG1 . VAL A 1 109 ? -11.256 -2.436  -4.955  1.00 21.98 ? 109 VAL A CG1 1 
ATOM   826  C CG2 . VAL A 1 109 ? -11.022 -1.911  -7.438  1.00 21.20 ? 109 VAL A CG2 1 
ATOM   827  N N   . ALA A 1 110 ? -7.601  -2.144  -7.505  1.00 17.35 ? 110 ALA A N   1 
ATOM   828  C CA  . ALA A 1 110 ? -6.738  -1.890  -8.649  1.00 17.28 ? 110 ALA A CA  1 
ATOM   829  C C   . ALA A 1 110 ? -5.744  -3.015  -8.902  1.00 14.88 ? 110 ALA A C   1 
ATOM   830  O O   . ALA A 1 110 ? -5.383  -3.256  -10.061 1.00 17.14 ? 110 ALA A O   1 
ATOM   831  C CB  . ALA A 1 110 ? -5.945  -0.607  -8.463  1.00 18.27 ? 110 ALA A CB  1 
ATOM   832  N N   . TRP A 1 111 ? -5.338  -3.728  -7.841  1.00 13.86 ? 111 TRP A N   1 
ATOM   833  C CA  . TRP A 1 111 ? -4.471  -4.898  -7.960  1.00 12.03 ? 111 TRP A CA  1 
ATOM   834  C C   . TRP A 1 111 ? -5.246  -5.987  -8.683  1.00 12.17 ? 111 TRP A C   1 
ATOM   835  O O   . TRP A 1 111 ? -4.711  -6.547  -9.639  1.00 10.21 ? 111 TRP A O   1 
ATOM   836  C CB  . TRP A 1 111 ? -3.967  -5.412  -6.607  1.00 10.59 ? 111 TRP A CB  1 
ATOM   837  C CG  . TRP A 1 111 ? -3.205  -6.744  -6.698  1.00 13.28 ? 111 TRP A CG  1 
ATOM   838  C CD1 . TRP A 1 111 ? -1.854  -6.798  -6.973  1.00 12.50 ? 111 TRP A CD1 1 
ATOM   839  C CD2 . TRP A 1 111 ? -3.755  -8.000  -6.535  1.00 12.28 ? 111 TRP A CD2 1 
ATOM   840  N NE1 . TRP A 1 111 ? -1.551  -8.079  -6.969  1.00 11.81 ? 111 TRP A NE1 1 
ATOM   841  C CE2 . TRP A 1 111 ? -2.650  -8.821  -6.727  1.00 12.02 ? 111 TRP A CE2 1 
ATOM   842  C CE3 . TRP A 1 111 ? -4.988  -8.536  -6.187  1.00 11.11 ? 111 TRP A CE3 1 
ATOM   843  C CZ2 . TRP A 1 111 ? -2.768  -10.191 -6.581  1.00 13.62 ? 111 TRP A CZ2 1 
ATOM   844  C CZ3 . TRP A 1 111 ? -5.091  -9.899  -5.999  1.00 11.74 ? 111 TRP A CZ3 1 
ATOM   845  C CH2 . TRP A 1 111 ? -3.994  -10.722 -6.203  1.00 12.32 ? 111 TRP A CH2 1 
ATOM   846  N N   . ARG A 1 112 ? -6.489  -6.288  -8.280  1.00 15.74 ? 112 ARG A N   1 
ATOM   847  C CA  . ARG A 1 112 ? -7.298  -7.301  -8.967  1.00 18.74 ? 112 ARG A CA  1 
ATOM   848  C C   . ARG A 1 112 ? -7.430  -7.003  -10.448 1.00 18.40 ? 112 ARG A C   1 
ATOM   849  O O   . ARG A 1 112 ? -7.298  -7.906  -11.272 1.00 16.13 ? 112 ARG A O   1 
ATOM   850  C CB  . ARG A 1 112 ? -8.723  -7.427  -8.490  1.00 21.28 ? 112 ARG A CB  1 
ATOM   851  C CG  . ARG A 1 112 ? -8.934  -7.722  -7.048  1.00 28.09 ? 112 ARG A CG  1 
ATOM   852  C CD  . ARG A 1 112 ? -10.440 -7.810  -6.948  1.00 35.13 ? 112 ARG A CD  1 
ATOM   853  N NE  . ARG A 1 112 ? -10.824 -7.478  -5.591  1.00 43.27 ? 112 ARG A NE  1 
ATOM   854  C CZ  . ARG A 1 112 ? -11.769 -6.573  -5.309  1.00 45.34 ? 112 ARG A CZ  1 
ATOM   855  N NH1 . ARG A 1 112 ? -12.534 -6.027  -6.266  1.00 46.75 ? 112 ARG A NH1 1 
ATOM   856  N NH2 . ARG A 1 112 ? -11.952 -6.232  -4.030  1.00 45.91 ? 112 ARG A NH2 1 
ATOM   857  N N   . LYS A 1 113 ? -7.657  -5.732  -10.776 1.00 17.93 ? 113 LYS A N   1 
ATOM   858  C CA  . LYS A 1 113 ? -7.861  -5.325  -12.161 1.00 18.76 ? 113 LYS A CA  1 
ATOM   859  C C   . LYS A 1 113 ? -6.619  -5.289  -13.012 1.00 17.69 ? 113 LYS A C   1 
ATOM   860  O O   . LYS A 1 113 ? -6.685  -5.439  -14.233 1.00 18.30 ? 113 LYS A O   1 
ATOM   861  C CB  . LYS A 1 113 ? -8.491  -3.955  -12.240 1.00 22.21 ? 113 LYS A CB  1 
ATOM   862  C CG  . LYS A 1 113 ? -9.866  -3.944  -11.605 1.00 29.40 ? 113 LYS A CG  1 
ATOM   863  C CD  . LYS A 1 113 ? -10.404 -2.545  -11.766 1.00 35.82 ? 113 LYS A CD  1 
ATOM   864  C CE  . LYS A 1 113 ? -11.833 -2.479  -11.255 1.00 39.63 ? 113 LYS A CE  1 
ATOM   865  N NZ  . LYS A 1 113 ? -12.354 -1.141  -11.482 1.00 43.78 ? 113 LYS A NZ  1 
ATOM   866  N N   . HIS A 1 114 ? -5.475  -4.973  -12.431 1.00 15.17 ? 114 HIS A N   1 
ATOM   867  C CA  . HIS A 1 114 ? -4.324  -4.714  -13.270 1.00 14.17 ? 114 HIS A CA  1 
ATOM   868  C C   . HIS A 1 114 ? -3.145  -5.626  -13.057 1.00 10.55 ? 114 HIS A C   1 
ATOM   869  O O   . HIS A 1 114 ? -2.187  -5.557  -13.820 1.00 10.50 ? 114 HIS A O   1 
ATOM   870  C CB  . HIS A 1 114 ? -3.844  -3.286  -13.057 1.00 17.03 ? 114 HIS A CB  1 
ATOM   871  C CG  . HIS A 1 114 ? -4.770  -2.196  -13.576 1.00 17.88 ? 114 HIS A CG  1 
ATOM   872  N ND1 . HIS A 1 114 ? -4.888  -1.743  -14.822 1.00 18.26 ? 114 HIS A ND1 1 
ATOM   873  C CD2 . HIS A 1 114 ? -5.632  -1.480  -12.777 1.00 17.67 ? 114 HIS A CD2 1 
ATOM   874  C CE1 . HIS A 1 114 ? -5.777  -0.782  -14.815 1.00 17.68 ? 114 HIS A CE1 1 
ATOM   875  N NE2 . HIS A 1 114 ? -6.211  -0.635  -13.584 1.00 19.77 ? 114 HIS A NE2 1 
ATOM   876  N N   . CYS A 1 115 ? -3.156  -6.427  -12.011 1.00 8.79  ? 115 CYS A N   1 
ATOM   877  C CA  . CYS A 1 115 ? -1.927  -7.110  -11.643 1.00 10.72 ? 115 CYS A CA  1 
ATOM   878  C C   . CYS A 1 115 ? -2.130  -8.610  -11.521 1.00 10.31 ? 115 CYS A C   1 
ATOM   879  O O   . CYS A 1 115 ? -1.308  -9.414  -11.976 1.00 9.96  ? 115 CYS A O   1 
ATOM   880  C CB  . CYS A 1 115 ? -1.387  -6.546  -10.313 1.00 8.54  ? 115 CYS A CB  1 
ATOM   881  S SG  . CYS A 1 115 ? -1.220  -4.750  -10.228 1.00 8.66  ? 115 CYS A SG  1 
ATOM   882  N N   . LYS A 1 116 ? -3.230  -8.972  -10.849 1.00 10.53 ? 116 LYS A N   1 
ATOM   883  C CA  . LYS A 1 116 ? -3.542  -10.355 -10.531 1.00 13.90 ? 116 LYS A CA  1 
ATOM   884  C C   . LYS A 1 116 ? -3.633  -11.145 -11.835 1.00 13.20 ? 116 LYS A C   1 
ATOM   885  O O   . LYS A 1 116 ? -4.236  -10.666 -12.792 1.00 10.99 ? 116 LYS A O   1 
ATOM   886  C CB  . LYS A 1 116 ? -4.890  -10.378 -9.818  1.00 13.44 ? 116 LYS A CB  1 
ATOM   887  C CG  . LYS A 1 116 ? -5.392  -11.749 -9.393  1.00 16.43 ? 116 LYS A CG  1 
ATOM   888  C CD  . LYS A 1 116 ? -6.761  -11.507 -8.794  1.00 18.75 ? 116 LYS A CD  1 
ATOM   889  C CE  . LYS A 1 116 ? -7.428  -12.791 -8.355  1.00 23.92 ? 116 LYS A CE  1 
ATOM   890  N NZ  . LYS A 1 116 ? -8.746  -12.534 -7.774  1.00 27.49 ? 116 LYS A NZ  1 
ATOM   891  N N   . GLY A 1 117 ? -2.996  -12.310 -11.910 1.00 14.20 ? 117 GLY A N   1 
ATOM   892  C CA  . GLY A 1 117 ? -3.123  -13.164 -13.065 1.00 13.69 ? 117 GLY A CA  1 
ATOM   893  C C   . GLY A 1 117 ? -2.175  -12.755 -14.188 1.00 16.97 ? 117 GLY A C   1 
ATOM   894  O O   . GLY A 1 117 ? -2.196  -13.405 -15.231 1.00 19.17 ? 117 GLY A O   1 
ATOM   895  N N   . THR A 1 118 ? -1.323  -11.739 -14.066 1.00 15.49 ? 118 THR A N   1 
ATOM   896  C CA  . THR A 1 118 ? -0.453  -11.350 -15.165 1.00 16.72 ? 118 THR A CA  1 
ATOM   897  C C   . THR A 1 118 ? 0.958   -11.467 -14.615 1.00 14.51 ? 118 THR A C   1 
ATOM   898  O O   . THR A 1 118 ? 1.151   -11.400 -13.394 1.00 14.06 ? 118 THR A O   1 
ATOM   899  C CB  . THR A 1 118 ? -0.734  -9.874  -15.659 1.00 18.44 ? 118 THR A CB  1 
ATOM   900  O OG1 . THR A 1 118 ? -0.304  -8.942  -14.667 1.00 20.42 ? 118 THR A OG1 1 
ATOM   901  C CG2 . THR A 1 118 ? -2.188  -9.587  -15.946 1.00 20.18 ? 118 THR A CG2 1 
ATOM   902  N N   . ASP A 1 119 ? 1.982   -11.578 -15.462 1.00 12.20 ? 119 ASP A N   1 
ATOM   903  C CA  . ASP A 1 119 ? 3.358   -11.543 -14.996 1.00 13.41 ? 119 ASP A CA  1 
ATOM   904  C C   . ASP A 1 119 ? 3.621   -10.187 -14.340 1.00 12.28 ? 119 ASP A C   1 
ATOM   905  O O   . ASP A 1 119 ? 3.566   -9.148  -14.981 1.00 14.21 ? 119 ASP A O   1 
ATOM   906  C CB  . ASP A 1 119 ? 4.293   -11.773 -16.198 1.00 16.94 ? 119 ASP A CB  1 
ATOM   907  C CG  . ASP A 1 119 ? 5.788   -11.392 -16.114 1.00 20.71 ? 119 ASP A CG  1 
ATOM   908  O OD1 . ASP A 1 119 ? 6.333   -11.020 -15.075 1.00 18.13 ? 119 ASP A OD1 1 
ATOM   909  O OD2 . ASP A 1 119 ? 6.435   -11.469 -17.153 1.00 23.77 ? 119 ASP A OD2 1 
ATOM   910  N N   . VAL A 1 120 ? 3.964   -10.199 -13.063 1.00 11.38 ? 120 VAL A N   1 
ATOM   911  C CA  . VAL A 1 120 ? 4.399   -8.994  -12.358 1.00 7.97  ? 120 VAL A CA  1 
ATOM   912  C C   . VAL A 1 120 ? 5.908   -8.894  -12.131 1.00 10.70 ? 120 VAL A C   1 
ATOM   913  O O   . VAL A 1 120 ? 6.377   -7.877  -11.625 1.00 10.23 ? 120 VAL A O   1 
ATOM   914  C CB  . VAL A 1 120 ? 3.613   -8.840  -11.035 1.00 8.11  ? 120 VAL A CB  1 
ATOM   915  C CG1 . VAL A 1 120 ? 2.164   -8.535  -11.335 1.00 8.48  ? 120 VAL A CG1 1 
ATOM   916  C CG2 . VAL A 1 120 ? 3.665   -10.081 -10.146 1.00 6.90  ? 120 VAL A CG2 1 
ATOM   917  N N   . ARG A 1 121 ? 6.737   -9.872  -12.527 1.00 8.02  ? 121 ARG A N   1 
ATOM   918  C CA  . ARG A 1 121 ? 8.185   -9.712  -12.481 1.00 9.50  ? 121 ARG A CA  1 
ATOM   919  C C   . ARG A 1 121 ? 8.648   -8.525  -13.302 1.00 9.07  ? 121 ARG A C   1 
ATOM   920  O O   . ARG A 1 121 ? 9.640   -7.875  -12.991 1.00 8.16  ? 121 ARG A O   1 
ATOM   921  C CB  . ARG A 1 121 ? 8.919   -10.936 -13.011 1.00 9.21  ? 121 ARG A CB  1 
ATOM   922  C CG  . ARG A 1 121 ? 8.839   -12.118 -12.081 1.00 9.90  ? 121 ARG A CG  1 
ATOM   923  C CD  . ARG A 1 121 ? 9.665   -13.269 -12.657 1.00 11.45 ? 121 ARG A CD  1 
ATOM   924  N NE  . ARG A 1 121 ? 9.084   -13.809 -13.879 1.00 12.22 ? 121 ARG A NE  1 
ATOM   925  C CZ  . ARG A 1 121 ? 7.895   -14.443 -13.933 1.00 11.01 ? 121 ARG A CZ  1 
ATOM   926  N NH1 . ARG A 1 121 ? 7.216   -14.815 -12.859 1.00 8.64  ? 121 ARG A NH1 1 
ATOM   927  N NH2 . ARG A 1 121 ? 7.339   -14.652 -15.120 1.00 11.80 ? 121 ARG A NH2 1 
ATOM   928  N N   . VAL A 1 122 ? 7.930   -8.206  -14.384 1.00 10.55 ? 122 VAL A N   1 
ATOM   929  C CA  . VAL A 1 122 ? 8.239   -7.057  -15.231 1.00 10.15 ? 122 VAL A CA  1 
ATOM   930  C C   . VAL A 1 122 ? 8.182   -5.748  -14.447 1.00 11.35 ? 122 VAL A C   1 
ATOM   931  O O   . VAL A 1 122 ? 8.876   -4.804  -14.810 1.00 9.15  ? 122 VAL A O   1 
ATOM   932  C CB  . VAL A 1 122 ? 7.311   -7.044  -16.486 1.00 9.91  ? 122 VAL A CB  1 
ATOM   933  C CG1 . VAL A 1 122 ? 5.841   -6.780  -16.166 1.00 9.90  ? 122 VAL A CG1 1 
ATOM   934  C CG2 . VAL A 1 122 ? 7.872   -6.108  -17.541 1.00 10.16 ? 122 VAL A CG2 1 
ATOM   935  N N   . TRP A 1 123 ? 7.417   -5.669  -13.341 1.00 10.56 ? 123 TRP A N   1 
ATOM   936  C CA  . TRP A 1 123 ? 7.384   -4.473  -12.520 1.00 10.53 ? 123 TRP A CA  1 
ATOM   937  C C   . TRP A 1 123 ? 8.691   -4.231  -11.780 1.00 12.38 ? 123 TRP A C   1 
ATOM   938  O O   . TRP A 1 123 ? 8.913   -3.129  -11.285 1.00 14.13 ? 123 TRP A O   1 
ATOM   939  C CB  . TRP A 1 123 ? 6.205   -4.509  -11.534 1.00 9.54  ? 123 TRP A CB  1 
ATOM   940  C CG  . TRP A 1 123 ? 4.906   -4.168  -12.233 1.00 9.59  ? 123 TRP A CG  1 
ATOM   941  C CD1 . TRP A 1 123 ? 4.084   -5.123  -12.765 1.00 10.35 ? 123 TRP A CD1 1 
ATOM   942  C CD2 . TRP A 1 123 ? 4.469   -2.892  -12.507 1.00 12.48 ? 123 TRP A CD2 1 
ATOM   943  N NE1 . TRP A 1 123 ? 3.147   -4.453  -13.389 1.00 10.03 ? 123 TRP A NE1 1 
ATOM   944  C CE2 . TRP A 1 123 ? 3.331   -3.135  -13.258 1.00 10.56 ? 123 TRP A CE2 1 
ATOM   945  C CE3 . TRP A 1 123 ? 4.939   -1.603  -12.319 1.00 12.21 ? 123 TRP A CE3 1 
ATOM   946  C CZ2 . TRP A 1 123 ? 2.631   -2.082  -13.818 1.00 12.78 ? 123 TRP A CZ2 1 
ATOM   947  C CZ3 . TRP A 1 123 ? 4.247   -0.556  -12.896 1.00 11.00 ? 123 TRP A CZ3 1 
ATOM   948  C CH2 . TRP A 1 123 ? 3.108   -0.792  -13.633 1.00 9.95  ? 123 TRP A CH2 1 
ATOM   949  N N   . ILE A 1 124 ? 9.582   -5.212  -11.640 1.00 10.99 ? 124 ILE A N   1 
ATOM   950  C CA  . ILE A 1 124 ? 10.832  -4.956  -10.948 1.00 13.67 ? 124 ILE A CA  1 
ATOM   951  C C   . ILE A 1 124 ? 12.028  -5.156  -11.872 1.00 13.89 ? 124 ILE A C   1 
ATOM   952  O O   . ILE A 1 124 ? 13.194  -5.177  -11.441 1.00 12.51 ? 124 ILE A O   1 
ATOM   953  C CB  . ILE A 1 124 ? 10.941  -5.825  -9.675  1.00 14.88 ? 124 ILE A CB  1 
ATOM   954  C CG1 . ILE A 1 124 ? 10.999  -7.310  -9.991  1.00 15.40 ? 124 ILE A CG1 1 
ATOM   955  C CG2 . ILE A 1 124 ? 9.833   -5.459  -8.668  1.00 14.77 ? 124 ILE A CG2 1 
ATOM   956  C CD1 . ILE A 1 124 ? 10.754  -8.149  -8.731  1.00 23.23 ? 124 ILE A CD1 1 
ATOM   957  N N   . LYS A 1 125 ? 11.737  -5.294  -13.163 1.00 14.58 ? 125 LYS A N   1 
ATOM   958  C CA  . LYS A 1 125 ? 12.730  -5.597  -14.163 1.00 15.87 ? 125 LYS A CA  1 
ATOM   959  C C   . LYS A 1 125 ? 13.579  -4.354  -14.298 1.00 15.56 ? 125 LYS A C   1 
ATOM   960  O O   . LYS A 1 125 ? 13.083  -3.233  -14.230 1.00 17.07 ? 125 LYS A O   1 
ATOM   961  C CB  . LYS A 1 125 ? 12.057  -5.857  -15.493 1.00 21.21 ? 125 LYS A CB  1 
ATOM   962  C CG  . LYS A 1 125 ? 13.089  -6.255  -16.531 1.00 27.04 ? 125 LYS A CG  1 
ATOM   963  C CD  . LYS A 1 125 ? 12.644  -5.839  -17.921 1.00 32.49 ? 125 LYS A CD  1 
ATOM   964  C CE  . LYS A 1 125 ? 13.756  -6.102  -18.938 1.00 35.02 ? 125 LYS A CE  1 
ATOM   965  N NZ  . LYS A 1 125 ? 14.056  -7.526  -19.009 1.00 37.04 ? 125 LYS A NZ  1 
ATOM   966  N N   . GLY A 1 126 ? 14.886  -4.534  -14.463 1.00 15.37 ? 126 GLY A N   1 
ATOM   967  C CA  . GLY A 1 126 ? 15.788  -3.392  -14.491 1.00 15.88 ? 126 GLY A CA  1 
ATOM   968  C C   . GLY A 1 126 ? 16.091  -2.817  -13.116 1.00 14.67 ? 126 GLY A C   1 
ATOM   969  O O   . GLY A 1 126 ? 16.895  -1.901  -13.024 1.00 17.70 ? 126 GLY A O   1 
ATOM   970  N N   . CYS A 1 127 ? 15.542  -3.315  -12.011 1.00 13.42 ? 127 CYS A N   1 
ATOM   971  C CA  . CYS A 1 127 ? 15.866  -2.775  -10.708 1.00 12.90 ? 127 CYS A CA  1 
ATOM   972  C C   . CYS A 1 127 ? 17.039  -3.479  -10.071 1.00 16.17 ? 127 CYS A C   1 
ATOM   973  O O   . CYS A 1 127 ? 17.528  -3.034  -9.045  1.00 16.58 ? 127 CYS A O   1 
ATOM   974  C CB  . CYS A 1 127 ? 14.673  -2.862  -9.775  1.00 12.60 ? 127 CYS A CB  1 
ATOM   975  S SG  . CYS A 1 127 ? 13.190  -2.056  -10.435 1.00 14.02 ? 127 CYS A SG  1 
ATOM   976  N N   . ARG A 1 128 ? 17.518  -4.578  -10.642 1.00 19.19 ? 128 ARG A N   1 
ATOM   977  C CA  . ARG A 1 128 ? 18.638  -5.331  -10.087 1.00 24.45 ? 128 ARG A CA  1 
ATOM   978  C C   . ARG A 1 128 ? 18.363  -5.774  -8.642  1.00 27.14 ? 128 ARG A C   1 
ATOM   979  O O   . ARG A 1 128 ? 19.124  -5.541  -7.710  1.00 28.66 ? 128 ARG A O   1 
ATOM   980  C CB  . ARG A 1 128 ? 19.939  -4.505  -10.205 1.00 23.39 ? 128 ARG A CB  1 
ATOM   981  N N   . LEU A 1 129 ? 17.202  -6.409  -8.503  1.00 31.05 ? 129 LEU A N   1 
ATOM   982  C CA  . LEU A 1 129 ? 16.709  -6.978  -7.257  1.00 34.13 ? 129 LEU A CA  1 
ATOM   983  C C   . LEU A 1 129 ? 16.394  -8.453  -7.529  1.00 37.22 ? 129 LEU A C   1 
ATOM   984  O O   . LEU A 1 129 ? 16.040  -9.156  -6.580  1.00 40.83 ? 129 LEU A O   1 
ATOM   985  C CB  . LEU A 1 129 ? 15.413  -6.281  -6.839  1.00 30.15 ? 129 LEU A CB  1 
ATOM   986  C CG  . LEU A 1 129 ? 15.490  -4.809  -6.535  1.00 28.87 ? 129 LEU A CG  1 
ATOM   987  C CD1 . LEU A 1 129 ? 14.117  -4.348  -6.188  1.00 28.16 ? 129 LEU A CD1 1 
ATOM   988  C CD2 . LEU A 1 129 ? 16.449  -4.532  -5.389  1.00 30.50 ? 129 LEU A CD2 1 
ATOM   989  O OXT . LEU A 1 129 ? 16.442  -8.869  -8.696  1.00 38.89 ? 129 LEU A OXT 1 
HETATM 990  O O   . HOH B 2 .   ? 8.093   -10.382 -8.427  1.00 2.00  ? 130 HOH A O   1 
HETATM 991  O O   . HOH B 2 .   ? -0.412  3.493   2.068   1.00 11.07 ? 131 HOH A O   1 
HETATM 992  O O   . HOH B 2 .   ? 2.607   5.254   1.728   1.00 23.16 ? 132 HOH A O   1 
HETATM 993  O O   . HOH B 2 .   ? 5.377   6.055   2.491   1.00 24.35 ? 133 HOH A O   1 
HETATM 994  O O   . HOH B 2 .   ? 4.920   4.906   5.436   1.00 10.73 ? 134 HOH A O   1 
HETATM 995  O O   . HOH B 2 .   ? -1.372  10.267  1.290   1.00 24.64 ? 135 HOH A O   1 
HETATM 996  O O   . HOH B 2 .   ? 4.513   -12.936 -11.939 1.00 8.89  ? 136 HOH A O   1 
HETATM 997  O O   . HOH B 2 .   ? 7.232   7.538   -10.359 1.00 16.23 ? 137 HOH A O   1 
HETATM 998  O O   . HOH B 2 .   ? 9.237   -3.200  8.348   1.00 23.25 ? 138 HOH A O   1 
HETATM 999  O O   . HOH B 2 .   ? 5.032   -14.858 4.929   1.00 6.05  ? 139 HOH A O   1 
HETATM 1000 O O   . HOH B 2 .   ? -7.665  0.179   3.099   1.00 20.24 ? 140 HOH A O   1 
HETATM 1001 O O   . HOH B 2 .   ? 14.798  2.812   -2.116  1.00 14.16 ? 141 HOH A O   1 
HETATM 1002 O O   . HOH B 2 .   ? 4.524   1.268   12.000  1.00 31.46 ? 142 HOH A O   1 
HETATM 1003 O O   . HOH B 2 .   ? 17.837  1.304   -3.268  1.00 26.98 ? 143 HOH A O   1 
HETATM 1004 O O   . HOH B 2 .   ? 12.703  3.099   -11.678 1.00 18.53 ? 144 HOH A O   1 
HETATM 1005 O O   . HOH B 2 .   ? 1.738   10.611  16.644  1.00 20.30 ? 145 HOH A O   1 
HETATM 1006 O O   . HOH B 2 .   ? 14.231  2.048   2.610   1.00 19.40 ? 146 HOH A O   1 
HETATM 1007 O O   . HOH B 2 .   ? -1.324  -16.653 0.856   1.00 34.11 ? 147 HOH A O   1 
HETATM 1008 O O   . HOH B 2 .   ? -2.644  -5.559  -17.241 1.00 44.73 ? 148 HOH A O   1 
HETATM 1009 O O   . HOH B 2 .   ? 1.221   -1.256  11.815  1.00 28.59 ? 149 HOH A O   1 
HETATM 1010 O O   . HOH B 2 .   ? 10.580  2.554   -14.897 1.00 43.49 ? 150 HOH A O   1 
HETATM 1011 O O   . HOH B 2 .   ? -3.305  -2.495  -16.937 1.00 23.05 ? 151 HOH A O   1 
HETATM 1012 O O   . HOH B 2 .   ? -3.477  11.443  13.824  1.00 39.27 ? 152 HOH A O   1 
HETATM 1013 O O   . HOH B 2 .   ? 8.889   5.254   -12.046 1.00 22.34 ? 153 HOH A O   1 
HETATM 1014 O O   . HOH B 2 .   ? -10.834 11.620  6.600   1.00 23.49 ? 154 HOH A O   1 
HETATM 1015 O O   . HOH B 2 .   ? 11.290  -8.692  1.222   1.00 8.34  ? 155 HOH A O   1 
HETATM 1016 O O   . HOH B 2 .   ? 13.749  4.406   -9.329  1.00 13.75 ? 156 HOH A O   1 
HETATM 1017 O O   . HOH B 2 .   ? -8.002  -14.495 -5.369  1.00 35.08 ? 157 HOH A O   1 
HETATM 1018 O O   . HOH B 2 .   ? 15.196  -11.203 -8.502  1.00 41.25 ? 158 HOH A O   1 
HETATM 1019 O O   . HOH B 2 .   ? 8.650   -11.731 3.473   1.00 28.03 ? 159 HOH A O   1 
HETATM 1020 O O   . HOH B 2 .   ? 11.510  4.395   2.329   1.00 35.74 ? 160 HOH A O   1 
HETATM 1021 O O   . HOH B 2 .   ? -1.349  -4.089  -16.064 1.00 22.90 ? 161 HOH A O   1 
HETATM 1022 O O   . HOH B 2 .   ? 12.753  2.377   5.154   1.00 29.28 ? 162 HOH A O   1 
HETATM 1023 O O   . HOH B 2 .   ? -7.968  5.696   -3.423  1.00 34.42 ? 163 HOH A O   1 
HETATM 1024 O O   . HOH B 2 .   ? 4.332   13.595  -3.233  1.00 16.13 ? 164 HOH A O   1 
HETATM 1025 O O   . HOH B 2 .   ? -14.324 13.433  7.720   1.00 43.38 ? 165 HOH A O   1 
HETATM 1026 O O   . HOH B 2 .   ? 4.741   7.840   -11.085 1.00 26.52 ? 166 HOH A O   1 
HETATM 1027 O O   . HOH B 2 .   ? 1.957   -6.068  10.789  1.00 41.02 ? 167 HOH A O   1 
HETATM 1028 O O   . HOH B 2 .   ? 2.941   -8.560  -17.608 1.00 30.01 ? 168 HOH A O   1 
HETATM 1029 O O   . HOH B 2 .   ? 16.908  -6.323  -13.368 1.00 30.48 ? 169 HOH A O   1 
HETATM 1030 O O   . HOH B 2 .   ? 8.409   14.356  0.462   1.00 36.58 ? 170 HOH A O   1 
HETATM 1031 O O   . HOH B 2 .   ? -7.653  -1.298  0.378   1.00 36.08 ? 171 HOH A O   1 
HETATM 1032 O O   . HOH B 2 .   ? -7.107  1.157   -1.483  1.00 39.62 ? 172 HOH A O   1 
HETATM 1033 O O   . HOH B 2 .   ? -7.244  -8.743  2.560   1.00 30.81 ? 173 HOH A O   1 
HETATM 1034 O O   . HOH B 2 .   ? 0.681   -6.910  -17.283 1.00 39.11 ? 174 HOH A O   1 
HETATM 1035 O O   . HOH B 2 .   ? 15.608  3.087   5.230   1.00 27.47 ? 175 HOH A O   1 
HETATM 1036 O O   . HOH B 2 .   ? 7.129   5.085   8.156   1.00 25.19 ? 176 HOH A O   1 
HETATM 1037 O O   . HOH B 2 .   ? 8.820   -2.516  11.293  1.00 29.43 ? 177 HOH A O   1 
HETATM 1038 O O   . HOH B 2 .   ? 1.428   -6.440  -14.798 1.00 27.51 ? 178 HOH A O   1 
HETATM 1039 O O   . HOH B 2 .   ? 15.146  -6.772  -10.532 1.00 35.43 ? 179 HOH A O   1 
HETATM 1040 O O   . HOH B 2 .   ? 3.509   13.597  10.679  1.00 36.49 ? 180 HOH A O   1 
HETATM 1041 O O   . HOH B 2 .   ? -9.156  8.464   11.596  1.00 37.79 ? 181 HOH A O   1 
HETATM 1042 O O   . HOH B 2 .   ? -10.794 -1.087  4.054   1.00 23.88 ? 182 HOH A O   1 
HETATM 1043 O O   . HOH B 2 .   ? -1.753  4.910   -11.663 1.00 38.98 ? 183 HOH A O   1 
HETATM 1044 O O   . HOH B 2 .   ? -1.922  5.512   16.740  1.00 32.42 ? 184 HOH A O   1 
HETATM 1045 O O   . HOH B 2 .   ? 1.544   0.681   10.538  1.00 39.65 ? 185 HOH A O   1 
HETATM 1046 O O   . HOH B 2 .   ? 11.516  12.759  0.505   1.00 43.44 ? 186 HOH A O   1 
HETATM 1047 O O   . HOH B 2 .   ? 9.064   -10.284 -17.616 1.00 51.65 ? 187 HOH A O   1 
HETATM 1048 O O   . HOH B 2 .   ? 2.337   10.797  -8.746  1.00 50.50 ? 188 HOH A O   1 
HETATM 1049 O O   . HOH B 2 .   ? -10.457 10.300  13.413  1.00 31.82 ? 189 HOH A O   1 
HETATM 1050 O O   . HOH B 2 .   ? -10.624 13.296  -2.899  1.00 40.13 ? 190 HOH A O   1 
HETATM 1051 O O   . HOH B 2 .   ? -8.654  -0.631  -3.823  1.00 29.43 ? 191 HOH A O   1 
HETATM 1052 O O   . HOH B 2 .   ? 9.948   14.619  -1.441  1.00 45.35 ? 192 HOH A O   1 
HETATM 1053 O O   . HOH B 2 .   ? -14.256 3.346   5.098   1.00 41.21 ? 193 HOH A O   1 
HETATM 1054 O O   . HOH B 2 .   ? 14.005  4.763   -0.691  1.00 41.36 ? 194 HOH A O   1 
HETATM 1055 O O   . HOH B 2 .   ? -6.024  -8.600  -13.702 1.00 37.21 ? 195 HOH A O   1 
HETATM 1056 O O   . HOH B 2 .   ? -14.820 15.592  10.535  1.00 65.80 ? 196 HOH A O   1 
HETATM 1057 O O   . HOH B 2 .   ? 11.384  -11.824 1.093   1.00 43.67 ? 197 HOH A O   1 
HETATM 1058 O O   . HOH B 2 .   ? 10.289  -0.861  12.492  1.00 42.09 ? 198 HOH A O   1 
HETATM 1059 O O   . HOH B 2 .   ? -6.755  4.641   -6.348  1.00 53.98 ? 199 HOH A O   1 
HETATM 1060 O O   . HOH B 2 .   ? -1.287  10.407  -7.320  1.00 42.56 ? 200 HOH A O   1 
HETATM 1061 O O   . HOH B 2 .   ? 11.649  -11.201 4.310   1.00 47.65 ? 201 HOH A O   1 
HETATM 1062 O O   . HOH B 2 .   ? 13.400  -11.100 -0.358  1.00 47.87 ? 202 HOH A O   1 
HETATM 1063 O O   . HOH B 2 .   ? -3.523  8.228   16.495  1.00 37.91 ? 203 HOH A O   1 
HETATM 1064 O O   . HOH B 2 .   ? -5.719  2.525   -11.620 1.00 49.71 ? 204 HOH A O   1 
HETATM 1065 O O   . HOH B 2 .   ? -4.818  -7.229  -16.160 1.00 61.27 ? 205 HOH A O   1 
HETATM 1066 O O   . HOH B 2 .   ? 14.988  2.120   -13.240 1.00 51.79 ? 206 HOH A O   1 
HETATM 1067 O O   . HOH B 2 .   ? 4.186   12.408  6.918   1.00 46.03 ? 207 HOH A O   1 
HETATM 1068 O O   . HOH B 2 .   ? 10.922  7.966   9.764   1.00 51.91 ? 208 HOH A O   1 
HETATM 1069 O O   . HOH B 2 .   ? 7.077   -9.179  8.829   1.00 50.90 ? 209 HOH A O   1 
HETATM 1070 O O   . HOH B 2 .   ? 13.613  6.399   4.623   1.00 58.27 ? 210 HOH A O   1 
HETATM 1071 O O   . HOH B 2 .   ? 7.892   -13.181 5.829   1.00 51.08 ? 211 HOH A O   1 
HETATM 1072 O O   . HOH B 2 .   ? 8.753   14.089  -5.068  0.50 2.30  ? 212 HOH A O   1 
HETATM 1073 O O   . HOH B 2 .   ? 3.128   -14.179 -5.655  0.50 7.84  ? 213 HOH A O   1 
HETATM 1074 O O   . HOH B 2 .   ? 16.663  -11.695 -2.699  0.50 16.37 ? 214 HOH A O   1 
HETATM 1075 O O   . HOH B 2 .   ? -0.675  14.631  -3.732  0.50 20.15 ? 215 HOH A O   1 
HETATM 1076 O O   . HOH B 2 .   ? 1.588   -12.731 -18.969 0.50 43.21 ? 216 HOH A O   1 
# 
